data_3U0G
#
_entry.id   3U0G
#
_cell.length_a   106.970
_cell.length_b   139.270
_cell.length_c   290.860
_cell.angle_alpha   90.00
_cell.angle_beta   90.00
_cell.angle_gamma   90.00
#
_symmetry.space_group_name_H-M   'C 2 2 21'
#
loop_
_entity.id
_entity.type
_entity.pdbx_description
1 polymer 'Putative branched-chain amino acid aminotransferase IlvE'
2 non-polymer 'PHOSPHATE ION'
3 non-polymer 'CHLORIDE ION'
4 non-polymer GLYCEROL
5 water water
#
_entity_poly.entity_id   1
_entity_poly.type   'polypeptide(L)'
_entity_poly.pdbx_seq_one_letter_code
;MAHHHHHHMGTLEAQTQGPGSMSMADRDGKIWMDGKLIEWRDAKIHVLTHTLHYGMGVFEGVRAYKTADGGTAIFRLKEH
TKRLLNSAKIFQMDVPFDQETLEAAQRDVVRENKLESCYLRPIIWIGSEKLGVSAKGNTIHVAIAAWPWGAYLGEEGLAK
GIRVKTSSFTRHHVNVSMVRAKASGWYVNSILANQEATADGYDEALLLDVDGYVSEGSGENFFLVNRGKLYTPDLASCLD
GITRDTVITLAKEAGIEVIEKRITRDEVYTADEAFFTGTAAEVTPIRELDNRTIGGGARGPITEKLQSAFFDVVNGKSAK
HADWLTKI
;
_entity_poly.pdbx_strand_id   A,B,C,D,E,F
#
# COMPACT_ATOMS: atom_id res chain seq x y z
N MET A 22 -22.13 -41.21 5.78
CA MET A 22 -21.58 -41.67 4.45
C MET A 22 -20.64 -40.54 3.92
N SER A 23 -20.57 -40.36 2.60
CA SER A 23 -19.52 -39.54 2.03
C SER A 23 -19.71 -39.31 0.54
N MET A 24 -19.22 -38.18 0.02
CA MET A 24 -19.22 -37.86 -1.41
C MET A 24 -18.39 -38.81 -2.28
N ALA A 25 -17.41 -39.49 -1.70
CA ALA A 25 -16.67 -40.53 -2.43
C ALA A 25 -17.49 -41.82 -2.58
N ASP A 26 -18.35 -42.14 -1.63
CA ASP A 26 -18.99 -43.43 -1.55
C ASP A 26 -20.44 -43.31 -2.04
N ARG A 27 -20.59 -43.26 -3.35
CA ARG A 27 -21.90 -43.12 -3.99
C ARG A 27 -21.98 -43.98 -5.23
N ASP A 28 -23.20 -44.33 -5.62
CA ASP A 28 -23.44 -45.02 -6.90
C ASP A 28 -23.69 -43.95 -7.96
N GLY A 29 -23.21 -44.18 -9.18
CA GLY A 29 -23.47 -43.29 -10.30
C GLY A 29 -22.27 -43.25 -11.21
N LYS A 30 -22.19 -42.19 -12.01
CA LYS A 30 -21.19 -42.07 -13.02
C LYS A 30 -20.51 -40.70 -12.91
N ILE A 31 -19.19 -40.76 -13.04
CA ILE A 31 -18.35 -39.61 -13.17
C ILE A 31 -17.66 -39.68 -14.52
N TRP A 32 -17.58 -38.55 -15.22
CA TRP A 32 -16.81 -38.50 -16.48
C TRP A 32 -15.40 -38.13 -16.10
N MET A 33 -14.42 -38.89 -16.59
CA MET A 33 -13.01 -38.66 -16.26
C MET A 33 -12.12 -39.05 -17.43
N ASP A 34 -11.30 -38.10 -17.85
CA ASP A 34 -10.36 -38.25 -18.92
C ASP A 34 -10.94 -38.93 -20.18
N GLY A 35 -12.09 -38.44 -20.62
CA GLY A 35 -12.68 -38.87 -21.88
C GLY A 35 -13.80 -39.90 -21.85
N LYS A 36 -14.14 -40.47 -20.69
CA LYS A 36 -15.24 -41.48 -20.64
C LYS A 36 -16.00 -41.46 -19.32
N LEU A 37 -17.26 -41.90 -19.32
CA LEU A 37 -17.98 -42.13 -18.06
C LEU A 37 -17.41 -43.37 -17.42
N ILE A 38 -17.13 -43.31 -16.12
CA ILE A 38 -16.74 -44.41 -15.27
C ILE A 38 -17.61 -44.50 -14.04
N GLU A 39 -17.54 -45.61 -13.32
CA GLU A 39 -18.29 -45.70 -12.03
C GLU A 39 -17.76 -44.64 -11.03
N TRP A 40 -18.67 -44.06 -10.26
CA TRP A 40 -18.36 -42.95 -9.37
C TRP A 40 -17.18 -43.22 -8.47
N ARG A 41 -17.20 -44.39 -7.83
CA ARG A 41 -16.16 -44.74 -6.89
C ARG A 41 -14.80 -45.01 -7.53
N ASP A 42 -14.73 -45.17 -8.85
CA ASP A 42 -13.46 -45.43 -9.54
C ASP A 42 -12.74 -44.15 -9.95
N ALA A 43 -13.34 -43.00 -9.71
CA ALA A 43 -12.68 -41.70 -9.96
C ALA A 43 -11.70 -41.37 -8.82
N LYS A 44 -10.51 -41.99 -8.90
CA LYS A 44 -9.52 -42.00 -7.85
C LYS A 44 -8.19 -41.44 -8.38
N ILE A 45 -7.41 -40.86 -7.48
CA ILE A 45 -6.10 -40.27 -7.76
C ILE A 45 -5.19 -40.79 -6.67
N HIS A 46 -3.91 -40.84 -6.95
CA HIS A 46 -2.93 -41.16 -5.94
C HIS A 46 -2.69 -39.96 -5.05
N VAL A 47 -2.18 -40.24 -3.85
CA VAL A 47 -1.90 -39.18 -2.87
C VAL A 47 -0.76 -38.30 -3.36
N LEU A 48 0.11 -38.82 -4.21
CA LEU A 48 1.16 -38.01 -4.82
C LEU A 48 0.63 -37.41 -6.13
N THR A 49 -0.45 -36.66 -6.06
CA THR A 49 -0.98 -35.95 -7.18
C THR A 49 -0.57 -34.46 -7.00
N HIS A 50 -0.04 -33.86 -8.07
CA HIS A 50 0.58 -32.54 -8.02
C HIS A 50 -0.31 -31.49 -7.39
N THR A 51 -1.57 -31.43 -7.82
CA THR A 51 -2.47 -30.41 -7.32
C THR A 51 -2.72 -30.55 -5.84
N LEU A 52 -2.66 -31.77 -5.31
CA LEU A 52 -2.95 -32.01 -3.89
C LEU A 52 -1.91 -31.34 -3.07
N HIS A 53 -0.67 -31.35 -3.56
CA HIS A 53 0.45 -30.76 -2.85
C HIS A 53 0.71 -29.30 -3.15
N TYR A 54 0.30 -28.81 -4.33
CA TYR A 54 0.77 -27.51 -4.82
C TYR A 54 -0.30 -26.50 -5.26
N GLY A 55 -1.57 -26.93 -5.31
CA GLY A 55 -2.69 -26.02 -5.38
C GLY A 55 -3.13 -25.56 -6.75
N MET A 56 -2.43 -25.98 -7.78
CA MET A 56 -2.74 -25.52 -9.14
C MET A 56 -3.64 -26.54 -9.79
N GLY A 57 -4.92 -26.20 -9.74
CA GLY A 57 -5.98 -26.92 -10.37
C GLY A 57 -7.08 -25.93 -10.51
N VAL A 58 -8.09 -26.22 -11.33
CA VAL A 58 -9.15 -25.25 -11.58
C VAL A 58 -10.46 -26.01 -11.66
N PHE A 59 -11.53 -25.37 -11.19
CA PHE A 59 -12.86 -25.96 -11.20
C PHE A 59 -13.96 -24.96 -11.53
N GLU A 60 -15.12 -25.50 -11.84
CA GLU A 60 -16.36 -24.74 -11.97
C GLU A 60 -17.46 -25.31 -11.10
N GLY A 61 -18.43 -24.46 -10.80
CA GLY A 61 -19.68 -24.92 -10.19
C GLY A 61 -20.75 -24.49 -11.15
N VAL A 62 -21.59 -25.43 -11.59
CA VAL A 62 -22.65 -25.18 -12.55
C VAL A 62 -23.94 -25.79 -11.98
N ARG A 63 -25.08 -25.11 -12.18
CA ARG A 63 -26.35 -25.67 -11.81
C ARG A 63 -27.22 -26.11 -12.98
N ALA A 64 -27.97 -27.18 -12.74
CA ALA A 64 -29.03 -27.60 -13.63
C ALA A 64 -30.33 -27.41 -12.88
N TYR A 65 -31.36 -26.99 -13.59
CA TYR A 65 -32.63 -26.71 -12.93
C TYR A 65 -33.77 -27.56 -13.56
N LYS A 66 -34.72 -27.98 -12.73
CA LYS A 66 -35.98 -28.54 -13.26
C LYS A 66 -36.80 -27.34 -13.74
N THR A 67 -37.09 -27.29 -15.03
CA THR A 67 -37.70 -26.11 -15.64
C THR A 67 -39.23 -26.21 -15.64
N ALA A 68 -39.90 -25.08 -15.85
CA ALA A 68 -41.38 -25.00 -15.77
C ALA A 68 -42.13 -26.08 -16.58
N ASP A 69 -41.52 -26.58 -17.65
CA ASP A 69 -42.18 -27.54 -18.52
C ASP A 69 -41.94 -29.03 -18.16
N GLY A 70 -41.45 -29.30 -16.96
CA GLY A 70 -41.09 -30.66 -16.52
C GLY A 70 -39.65 -31.10 -16.76
N GLY A 71 -38.95 -30.42 -17.67
CA GLY A 71 -37.64 -30.86 -18.19
C GLY A 71 -36.48 -30.47 -17.30
N THR A 72 -35.26 -30.65 -17.81
CA THR A 72 -34.05 -30.27 -17.09
C THR A 72 -33.05 -29.59 -18.02
N ALA A 73 -32.45 -28.51 -17.52
CA ALA A 73 -31.60 -27.63 -18.32
C ALA A 73 -30.46 -27.06 -17.49
N ILE A 74 -29.26 -27.08 -18.05
CA ILE A 74 -28.10 -26.49 -17.36
C ILE A 74 -28.14 -24.96 -17.60
N PHE A 75 -27.91 -24.18 -16.55
CA PHE A 75 -27.87 -22.72 -16.65
C PHE A 75 -26.48 -22.20 -17.01
N ARG A 76 -26.38 -21.59 -18.19
CA ARG A 76 -25.17 -20.95 -18.73
C ARG A 76 -23.95 -21.85 -18.85
N LEU A 77 -24.20 -23.01 -19.46
CA LEU A 77 -23.20 -24.04 -19.69
C LEU A 77 -22.03 -23.55 -20.53
N LYS A 78 -22.32 -22.88 -21.65
CA LYS A 78 -21.27 -22.32 -22.53
C LYS A 78 -20.34 -21.40 -21.76
N GLU A 79 -20.90 -20.49 -21.00
CA GLU A 79 -20.15 -19.48 -20.29
C GLU A 79 -19.30 -20.14 -19.17
N HIS A 80 -19.90 -21.06 -18.41
CA HIS A 80 -19.11 -21.75 -17.37
C HIS A 80 -18.01 -22.58 -17.97
N THR A 81 -18.31 -23.27 -19.08
CA THR A 81 -17.26 -24.14 -19.68
C THR A 81 -16.15 -23.28 -20.31
N LYS A 82 -16.53 -22.17 -20.93
CA LYS A 82 -15.54 -21.16 -21.39
C LYS A 82 -14.67 -20.62 -20.26
N ARG A 83 -15.30 -20.31 -19.15
CA ARG A 83 -14.55 -19.84 -17.98
C ARG A 83 -13.57 -20.88 -17.43
N LEU A 84 -14.04 -22.11 -17.35
CA LEU A 84 -13.18 -23.23 -16.96
C LEU A 84 -11.96 -23.29 -17.84
N LEU A 85 -12.19 -23.28 -19.17
CA LEU A 85 -11.02 -23.39 -20.09
C LEU A 85 -10.15 -22.16 -20.00
N ASN A 86 -10.77 -21.00 -19.84
CA ASN A 86 -10.00 -19.77 -19.59
C ASN A 86 -9.13 -19.81 -18.33
N SER A 87 -9.63 -20.43 -17.27
CA SER A 87 -8.88 -20.59 -16.03
C SER A 87 -7.63 -21.43 -16.28
N ALA A 88 -7.79 -22.52 -17.04
CA ALA A 88 -6.67 -23.41 -17.45
C ALA A 88 -5.66 -22.66 -18.33
N LYS A 89 -6.18 -21.87 -19.25
CA LYS A 89 -5.34 -21.03 -20.08
C LYS A 89 -4.50 -20.04 -19.24
N ILE A 90 -5.12 -19.40 -18.26
CA ILE A 90 -4.37 -18.48 -17.38
C ILE A 90 -3.14 -19.17 -16.79
N PHE A 91 -3.32 -20.44 -16.44
CA PHE A 91 -2.30 -21.25 -15.81
C PHE A 91 -1.42 -22.02 -16.78
N GLN A 92 -1.69 -21.87 -18.08
CA GLN A 92 -0.94 -22.58 -19.11
C GLN A 92 -1.03 -24.09 -18.88
N MET A 93 -2.22 -24.53 -18.51
CA MET A 93 -2.55 -25.95 -18.42
C MET A 93 -3.21 -26.36 -19.72
N ASP A 94 -2.58 -27.25 -20.47
CA ASP A 94 -3.12 -27.64 -21.76
C ASP A 94 -4.21 -28.66 -21.53
N VAL A 95 -5.47 -28.29 -21.75
CA VAL A 95 -6.57 -29.22 -21.52
C VAL A 95 -6.75 -30.12 -22.76
N PRO A 96 -6.63 -31.45 -22.60
CA PRO A 96 -6.75 -32.32 -23.80
C PRO A 96 -8.16 -32.51 -24.37
N PHE A 97 -9.13 -31.68 -24.04
CA PHE A 97 -10.48 -31.80 -24.59
C PHE A 97 -10.97 -30.42 -24.95
N ASP A 98 -11.67 -30.28 -26.06
CA ASP A 98 -12.12 -28.98 -26.46
C ASP A 98 -13.44 -28.61 -25.78
N GLN A 99 -13.91 -27.38 -26.01
CA GLN A 99 -15.11 -26.86 -25.36
C GLN A 99 -16.35 -27.70 -25.66
N GLU A 100 -16.57 -28.07 -26.92
CA GLU A 100 -17.81 -28.80 -27.30
C GLU A 100 -17.88 -30.16 -26.57
N THR A 101 -16.76 -30.85 -26.50
CA THR A 101 -16.67 -32.15 -25.82
C THR A 101 -17.03 -32.01 -24.33
N LEU A 102 -16.50 -30.97 -23.68
CA LEU A 102 -16.79 -30.74 -22.26
C LEU A 102 -18.22 -30.32 -21.94
N GLU A 103 -18.83 -29.52 -22.82
CA GLU A 103 -20.25 -29.22 -22.69
C GLU A 103 -21.07 -30.53 -22.74
N ALA A 104 -20.82 -31.35 -23.76
CA ALA A 104 -21.53 -32.61 -23.94
C ALA A 104 -21.28 -33.58 -22.77
N ALA A 105 -20.05 -33.62 -22.26
CA ALA A 105 -19.71 -34.47 -21.11
C ALA A 105 -20.52 -34.07 -19.90
N GLN A 106 -20.66 -32.76 -19.68
CA GLN A 106 -21.46 -32.28 -18.56
C GLN A 106 -22.93 -32.67 -18.68
N ARG A 107 -23.50 -32.49 -19.87
CA ARG A 107 -24.86 -32.95 -20.10
C ARG A 107 -24.99 -34.49 -19.88
N ASP A 108 -24.02 -35.26 -20.35
CA ASP A 108 -24.01 -36.70 -20.09
C ASP A 108 -24.00 -37.02 -18.58
N VAL A 109 -23.21 -36.31 -17.78
CA VAL A 109 -23.11 -36.64 -16.36
C VAL A 109 -24.49 -36.44 -15.67
N VAL A 110 -25.19 -35.37 -16.02
CA VAL A 110 -26.54 -35.12 -15.51
C VAL A 110 -27.47 -36.26 -15.97
N ARG A 111 -27.43 -36.54 -17.27
CA ARG A 111 -28.39 -37.49 -17.84
C ARG A 111 -28.25 -38.86 -17.19
N GLU A 112 -27.01 -39.33 -17.11
CA GLU A 112 -26.72 -40.75 -16.79
C GLU A 112 -26.75 -40.99 -15.30
N ASN A 113 -26.75 -39.91 -14.55
CA ASN A 113 -27.03 -39.97 -13.12
C ASN A 113 -28.52 -39.75 -12.81
N LYS A 114 -29.35 -39.59 -13.85
CA LYS A 114 -30.79 -39.39 -13.68
C LYS A 114 -31.12 -38.19 -12.76
N LEU A 115 -30.37 -37.11 -12.92
CA LEU A 115 -30.51 -35.95 -12.04
C LEU A 115 -31.49 -34.94 -12.63
N GLU A 116 -32.19 -34.23 -11.76
CA GLU A 116 -33.00 -33.07 -12.18
C GLU A 116 -32.33 -31.81 -11.62
N SER A 117 -32.88 -31.16 -10.60
CA SER A 117 -32.14 -30.05 -10.02
C SER A 117 -30.84 -30.57 -9.38
N CYS A 118 -29.68 -30.08 -9.84
CA CYS A 118 -28.42 -30.60 -9.35
C CYS A 118 -27.28 -29.60 -9.52
N TYR A 119 -26.15 -29.95 -8.93
CA TYR A 119 -24.97 -29.14 -9.04
C TYR A 119 -23.93 -29.95 -9.74
N LEU A 120 -23.27 -29.32 -10.69
CA LEU A 120 -22.19 -29.94 -11.44
C LEU A 120 -20.88 -29.32 -11.07
N ARG A 121 -19.83 -30.15 -11.09
CA ARG A 121 -18.49 -29.81 -10.64
C ARG A 121 -17.49 -30.47 -11.59
N PRO A 122 -17.18 -29.77 -12.68
CA PRO A 122 -15.99 -30.05 -13.47
C PRO A 122 -14.73 -29.60 -12.71
N ILE A 123 -13.66 -30.38 -12.78
CA ILE A 123 -12.38 -30.03 -12.15
C ILE A 123 -11.22 -30.51 -13.05
N ILE A 124 -10.25 -29.63 -13.27
CA ILE A 124 -9.07 -29.92 -14.07
C ILE A 124 -7.85 -29.79 -13.17
N TRP A 125 -6.99 -30.83 -13.12
CA TRP A 125 -5.87 -30.81 -12.20
C TRP A 125 -4.66 -31.44 -12.80
N ILE A 126 -3.56 -31.40 -12.07
CA ILE A 126 -2.23 -31.83 -12.59
C ILE A 126 -1.89 -33.14 -11.86
N GLY A 127 -1.41 -34.13 -12.62
CA GLY A 127 -1.39 -35.52 -12.18
C GLY A 127 -0.15 -35.90 -11.37
N SER A 128 0.24 -37.16 -11.48
CA SER A 128 1.18 -37.85 -10.58
C SER A 128 2.54 -38.25 -11.15
N GLU A 129 2.84 -37.83 -12.37
CA GLU A 129 4.11 -38.25 -12.99
C GLU A 129 5.38 -37.71 -12.29
N LYS A 130 5.36 -36.44 -11.89
CA LYS A 130 6.49 -35.81 -11.20
C LYS A 130 5.97 -34.90 -10.08
N LEU A 131 6.66 -34.92 -8.94
CA LEU A 131 6.18 -34.21 -7.78
C LEU A 131 7.04 -33.04 -7.25
N GLY A 132 7.91 -32.47 -8.07
CA GLY A 132 8.53 -31.19 -7.70
C GLY A 132 7.55 -30.04 -7.99
N VAL A 133 7.71 -28.91 -7.30
CA VAL A 133 7.00 -27.65 -7.60
C VAL A 133 6.83 -27.43 -9.09
N SER A 134 7.97 -27.57 -9.76
CA SER A 134 8.24 -27.07 -11.08
C SER A 134 8.29 -28.17 -12.11
N ALA A 135 7.78 -29.36 -11.76
CA ALA A 135 7.81 -30.48 -12.67
C ALA A 135 6.85 -30.16 -13.84
N LYS A 136 7.28 -30.57 -15.03
CA LYS A 136 6.59 -30.28 -16.29
C LYS A 136 6.32 -31.67 -16.86
N GLY A 137 5.36 -31.81 -17.74
CA GLY A 137 5.06 -33.11 -18.33
C GLY A 137 4.16 -34.02 -17.51
N ASN A 138 3.56 -33.46 -16.46
CA ASN A 138 2.46 -34.14 -15.80
C ASN A 138 1.17 -34.15 -16.64
N THR A 139 0.37 -35.19 -16.48
CA THR A 139 -0.89 -35.29 -17.15
C THR A 139 -1.82 -34.20 -16.65
N ILE A 140 -2.56 -33.61 -17.56
CA ILE A 140 -3.61 -32.69 -17.18
C ILE A 140 -4.86 -33.52 -17.22
N HIS A 141 -5.40 -33.84 -16.05
CA HIS A 141 -6.65 -34.59 -15.88
C HIS A 141 -7.90 -33.72 -15.83
N VAL A 142 -9.02 -34.30 -16.26
CA VAL A 142 -10.34 -33.68 -16.19
C VAL A 142 -11.42 -34.66 -15.68
N ALA A 143 -12.22 -34.20 -14.72
CA ALA A 143 -13.35 -34.97 -14.22
C ALA A 143 -14.59 -34.12 -13.97
N ILE A 144 -15.76 -34.73 -14.13
CA ILE A 144 -17.01 -34.04 -13.93
C ILE A 144 -17.90 -34.92 -13.13
N ALA A 145 -18.29 -34.42 -11.97
CA ALA A 145 -19.26 -35.07 -11.13
C ALA A 145 -20.47 -34.15 -10.99
N ALA A 146 -21.58 -34.72 -10.51
CA ALA A 146 -22.82 -33.99 -10.24
C ALA A 146 -23.63 -34.66 -9.15
N TRP A 147 -24.42 -33.87 -8.42
CA TRP A 147 -25.25 -34.41 -7.34
C TRP A 147 -26.42 -33.51 -7.10
N PRO A 148 -27.50 -34.06 -6.48
CA PRO A 148 -28.70 -33.26 -6.28
C PRO A 148 -28.49 -32.06 -5.42
N TRP A 149 -29.31 -31.06 -5.70
CA TRP A 149 -29.27 -29.78 -5.03
C TRP A 149 -30.27 -29.70 -3.90
N GLY A 154 -31.52 -23.22 2.20
CA GLY A 154 -31.50 -21.77 2.37
C GLY A 154 -32.78 -21.11 1.90
N GLU A 155 -33.93 -21.69 2.27
CA GLU A 155 -35.24 -21.10 2.00
C GLU A 155 -35.47 -19.83 2.88
N GLU A 156 -35.20 -19.91 4.19
CA GLU A 156 -35.30 -18.73 5.09
C GLU A 156 -34.39 -17.57 4.67
N GLY A 157 -33.10 -17.84 4.47
CA GLY A 157 -32.14 -16.84 4.00
C GLY A 157 -32.50 -16.06 2.74
N LEU A 158 -32.97 -16.78 1.70
CA LEU A 158 -33.43 -16.15 0.46
C LEU A 158 -34.61 -15.23 0.67
N ALA A 159 -35.50 -15.57 1.61
CA ALA A 159 -36.73 -14.78 1.87
C ALA A 159 -36.51 -13.66 2.91
N LYS A 160 -35.75 -13.95 3.97
CA LYS A 160 -35.61 -13.06 5.12
C LYS A 160 -34.29 -12.31 5.14
N GLY A 161 -33.29 -12.88 4.48
CA GLY A 161 -31.92 -12.32 4.49
C GLY A 161 -31.08 -12.95 5.58
N ILE A 162 -29.78 -12.78 5.44
CA ILE A 162 -28.80 -13.34 6.32
C ILE A 162 -27.95 -12.27 7.03
N ARG A 163 -27.20 -12.78 8.02
CA ARG A 163 -26.35 -12.00 8.92
C ARG A 163 -24.91 -12.26 8.56
N VAL A 164 -24.20 -11.17 8.28
CA VAL A 164 -22.92 -11.25 7.66
C VAL A 164 -21.96 -10.56 8.57
N LYS A 165 -20.73 -11.03 8.61
CA LYS A 165 -19.76 -10.40 9.44
C LYS A 165 -18.55 -10.06 8.56
N THR A 166 -18.05 -8.82 8.61
CA THR A 166 -16.72 -8.48 7.94
C THR A 166 -15.56 -9.27 8.49
N SER A 167 -14.71 -9.79 7.61
CA SER A 167 -13.71 -10.73 7.97
C SER A 167 -12.47 -9.94 8.36
N SER A 168 -11.66 -10.55 9.24
CA SER A 168 -10.35 -10.03 9.56
C SER A 168 -9.28 -10.52 8.62
N PHE A 169 -9.62 -11.44 7.71
CA PHE A 169 -8.70 -11.83 6.66
C PHE A 169 -8.96 -10.97 5.44
N THR A 170 -7.86 -10.65 4.73
CA THR A 170 -7.88 -9.78 3.54
C THR A 170 -8.04 -10.57 2.26
N ARG A 171 -8.83 -10.04 1.31
CA ARG A 171 -9.03 -10.68 -0.01
C ARG A 171 -7.76 -10.57 -0.87
N HIS A 172 -7.63 -11.52 -1.74
CA HIS A 172 -6.48 -11.73 -2.62
C HIS A 172 -5.99 -10.49 -3.31
N HIS A 173 -4.65 -10.41 -3.44
CA HIS A 173 -3.98 -9.44 -4.22
C HIS A 173 -3.86 -9.91 -5.65
N VAL A 174 -4.20 -9.02 -6.58
CA VAL A 174 -4.39 -9.35 -8.00
C VAL A 174 -3.14 -9.63 -8.77
N ASN A 175 -1.99 -9.32 -8.18
CA ASN A 175 -0.74 -9.78 -8.75
C ASN A 175 -0.01 -10.88 -7.94
N VAL A 176 -0.70 -11.41 -6.93
CA VAL A 176 -0.26 -12.60 -6.18
C VAL A 176 -0.98 -13.83 -6.66
N SER A 177 -2.28 -13.72 -6.73
CA SER A 177 -3.23 -14.69 -7.21
C SER A 177 -3.93 -14.16 -8.48
N MET A 178 -4.13 -15.04 -9.45
CA MET A 178 -4.74 -14.70 -10.72
C MET A 178 -6.24 -14.85 -10.43
N VAL A 179 -6.87 -13.76 -10.02
CA VAL A 179 -8.26 -13.83 -9.50
C VAL A 179 -9.35 -14.08 -10.55
N ARG A 180 -9.00 -14.00 -11.83
CA ARG A 180 -9.94 -14.39 -12.88
C ARG A 180 -9.95 -15.89 -13.05
N ALA A 181 -8.89 -16.59 -12.65
CA ALA A 181 -8.79 -18.04 -12.74
C ALA A 181 -9.33 -18.70 -11.48
N LYS A 182 -10.18 -19.68 -11.69
CA LYS A 182 -11.00 -20.19 -10.59
C LYS A 182 -10.23 -21.42 -10.05
N ALA A 183 -9.27 -21.16 -9.16
CA ALA A 183 -8.16 -22.06 -8.78
C ALA A 183 -8.24 -22.65 -7.35
N SER A 184 -7.89 -23.93 -7.19
CA SER A 184 -7.98 -24.60 -5.89
C SER A 184 -7.34 -23.83 -4.76
N GLY A 185 -6.12 -23.34 -4.99
CA GLY A 185 -5.33 -22.63 -3.99
C GLY A 185 -5.94 -21.33 -3.50
N TRP A 186 -6.71 -20.71 -4.38
N TRP A 186 -6.74 -20.68 -4.36
CA TRP A 186 -7.46 -19.50 -4.11
CA TRP A 186 -7.46 -19.44 -3.96
C TRP A 186 -8.42 -19.64 -2.93
C TRP A 186 -8.38 -19.64 -2.80
N TYR A 187 -8.87 -20.87 -2.63
CA TYR A 187 -9.92 -21.12 -1.63
C TYR A 187 -9.48 -21.27 -0.18
N VAL A 188 -8.18 -21.35 0.09
CA VAL A 188 -7.71 -21.36 1.48
C VAL A 188 -8.21 -20.09 2.18
N ASN A 189 -8.12 -18.96 1.47
CA ASN A 189 -8.46 -17.67 2.02
C ASN A 189 -9.96 -17.66 2.30
N SER A 190 -10.72 -18.27 1.38
CA SER A 190 -12.21 -18.31 1.58
C SER A 190 -12.61 -19.19 2.78
N ILE A 191 -11.91 -20.31 2.96
CA ILE A 191 -12.22 -21.23 4.10
C ILE A 191 -11.97 -20.51 5.45
N LEU A 192 -10.82 -19.84 5.52
CA LEU A 192 -10.42 -19.13 6.72
C LEU A 192 -11.40 -18.07 7.01
N ALA A 193 -11.75 -17.29 6.02
CA ALA A 193 -12.82 -16.25 6.29
C ALA A 193 -14.20 -16.85 6.65
N ASN A 194 -14.61 -17.91 5.99
CA ASN A 194 -15.95 -18.44 6.26
C ASN A 194 -15.96 -19.11 7.67
N GLN A 195 -14.85 -19.76 8.04
CA GLN A 195 -14.73 -20.38 9.37
C GLN A 195 -14.80 -19.34 10.51
N GLU A 196 -14.18 -18.19 10.29
CA GLU A 196 -14.24 -17.11 11.27
C GLU A 196 -15.67 -16.62 11.49
N ALA A 197 -16.38 -16.37 10.42
CA ALA A 197 -17.75 -15.87 10.57
C ALA A 197 -18.65 -16.86 11.27
N THR A 198 -18.54 -18.12 10.81
CA THR A 198 -19.45 -19.18 11.30
C THR A 198 -19.15 -19.56 12.76
N ALA A 199 -17.89 -19.49 13.15
CA ALA A 199 -17.48 -19.76 14.53
C ALA A 199 -18.18 -18.80 15.49
N ASP A 200 -18.39 -17.55 15.06
CA ASP A 200 -19.02 -16.55 15.92
C ASP A 200 -20.52 -16.40 15.64
N GLY A 201 -21.09 -17.38 14.97
CA GLY A 201 -22.52 -17.41 14.79
C GLY A 201 -23.14 -16.62 13.65
N TYR A 202 -22.33 -16.13 12.73
CA TYR A 202 -22.84 -15.46 11.56
C TYR A 202 -23.06 -16.43 10.41
N ASP A 203 -23.86 -16.01 9.44
CA ASP A 203 -24.15 -16.85 8.30
C ASP A 203 -23.04 -16.90 7.24
N GLU A 204 -22.35 -15.80 7.02
CA GLU A 204 -21.29 -15.68 5.98
C GLU A 204 -20.32 -14.56 6.34
N ALA A 205 -19.21 -14.54 5.64
CA ALA A 205 -18.18 -13.52 5.78
C ALA A 205 -18.22 -12.52 4.58
N LEU A 206 -17.74 -11.30 4.80
CA LEU A 206 -17.57 -10.30 3.73
C LEU A 206 -16.10 -9.90 3.84
N LEU A 207 -15.35 -10.02 2.77
CA LEU A 207 -13.95 -9.64 2.81
C LEU A 207 -13.70 -8.29 2.15
N LEU A 208 -12.71 -7.59 2.72
CA LEU A 208 -12.21 -6.34 2.21
C LEU A 208 -10.94 -6.64 1.45
N ASP A 209 -10.66 -5.77 0.47
CA ASP A 209 -9.44 -5.91 -0.31
C ASP A 209 -8.29 -5.28 0.40
N VAL A 210 -7.09 -5.41 -0.18
CA VAL A 210 -5.94 -4.88 0.48
C VAL A 210 -5.91 -3.35 0.77
N ASP A 211 -6.87 -2.57 0.23
CA ASP A 211 -6.92 -1.17 0.44
C ASP A 211 -8.10 -0.84 1.39
N GLY A 212 -8.81 -1.84 1.87
CA GLY A 212 -9.83 -1.66 2.88
C GLY A 212 -11.22 -1.47 2.33
N TYR A 213 -11.38 -1.62 1.00
CA TYR A 213 -12.73 -1.56 0.42
C TYR A 213 -13.39 -2.93 0.35
N VAL A 214 -14.71 -2.96 0.30
CA VAL A 214 -15.42 -4.18 0.20
C VAL A 214 -15.12 -4.88 -1.13
N SER A 215 -14.86 -6.17 -1.06
CA SER A 215 -14.54 -6.94 -2.27
C SER A 215 -15.63 -7.92 -2.61
N GLU A 216 -15.84 -8.90 -1.74
CA GLU A 216 -16.82 -9.95 -1.97
C GLU A 216 -16.97 -10.84 -0.74
N GLY A 217 -17.98 -11.71 -0.79
CA GLY A 217 -18.16 -12.78 0.18
C GLY A 217 -17.15 -13.85 -0.10
N SER A 218 -17.04 -14.87 0.76
CA SER A 218 -16.09 -15.93 0.57
C SER A 218 -16.40 -16.84 -0.61
N GLY A 219 -17.65 -16.91 -1.05
CA GLY A 219 -17.96 -17.62 -2.32
C GLY A 219 -19.04 -16.92 -3.18
N GLU A 220 -19.16 -15.60 -3.03
CA GLU A 220 -20.28 -14.84 -3.59
C GLU A 220 -19.79 -13.43 -3.98
N ASN A 221 -20.43 -12.84 -4.99
CA ASN A 221 -20.23 -11.44 -5.24
C ASN A 221 -21.21 -10.61 -4.42
N PHE A 222 -20.82 -9.36 -4.19
CA PHE A 222 -21.56 -8.41 -3.33
C PHE A 222 -22.18 -7.25 -4.11
N PHE A 223 -23.47 -6.98 -3.84
CA PHE A 223 -24.14 -5.84 -4.36
C PHE A 223 -24.79 -5.02 -3.22
N LEU A 224 -24.87 -3.73 -3.45
CA LEU A 224 -25.74 -2.86 -2.62
C LEU A 224 -26.65 -1.97 -3.44
N VAL A 225 -27.81 -1.61 -2.88
CA VAL A 225 -28.76 -0.73 -3.53
C VAL A 225 -28.86 0.56 -2.72
N ASN A 226 -28.77 1.70 -3.39
CA ASN A 226 -28.94 2.95 -2.73
C ASN A 226 -29.59 3.95 -3.66
N ARG A 227 -30.66 4.58 -3.15
CA ARG A 227 -31.51 5.49 -3.90
C ARG A 227 -31.79 4.92 -5.30
N GLY A 228 -32.30 3.70 -5.34
CA GLY A 228 -32.80 3.08 -6.58
C GLY A 228 -31.72 2.72 -7.59
N LYS A 229 -30.45 2.87 -7.21
CA LYS A 229 -29.31 2.48 -8.05
C LYS A 229 -28.65 1.26 -7.47
N LEU A 230 -27.96 0.49 -8.31
CA LEU A 230 -27.35 -0.77 -7.92
C LEU A 230 -25.86 -0.59 -8.00
N TYR A 231 -25.14 -0.91 -6.93
CA TYR A 231 -23.68 -0.71 -6.89
C TYR A 231 -22.97 -2.02 -6.62
N THR A 232 -21.81 -2.19 -7.19
CA THR A 232 -21.04 -3.41 -6.95
C THR A 232 -19.57 -3.05 -7.04
N PRO A 233 -18.71 -3.77 -6.31
CA PRO A 233 -17.31 -3.46 -6.38
C PRO A 233 -16.82 -3.65 -7.79
N ASP A 234 -15.83 -2.87 -8.22
CA ASP A 234 -15.48 -2.98 -9.60
C ASP A 234 -14.91 -4.39 -9.71
N LEU A 235 -14.76 -4.87 -10.94
CA LEU A 235 -14.15 -6.16 -11.23
C LEU A 235 -12.64 -6.00 -11.04
N ALA A 236 -12.23 -5.93 -9.78
CA ALA A 236 -10.86 -5.63 -9.37
C ALA A 236 -10.31 -6.89 -8.69
N SER A 237 -10.42 -6.97 -7.36
CA SER A 237 -9.93 -8.14 -6.57
C SER A 237 -10.89 -9.39 -6.56
N CYS A 238 -12.12 -9.19 -7.04
CA CYS A 238 -13.20 -10.18 -6.89
C CYS A 238 -13.28 -11.12 -8.12
N LEU A 239 -14.01 -12.23 -8.01
CA LEU A 239 -14.18 -13.14 -9.16
C LEU A 239 -15.07 -12.49 -10.22
N ASP A 240 -14.81 -12.80 -11.50
CA ASP A 240 -15.74 -12.41 -12.61
C ASP A 240 -16.98 -13.36 -12.69
N GLY A 241 -17.97 -13.14 -11.83
CA GLY A 241 -19.03 -14.13 -11.58
C GLY A 241 -20.14 -14.17 -12.63
N ILE A 242 -20.54 -15.38 -13.02
CA ILE A 242 -21.63 -15.59 -13.99
C ILE A 242 -22.96 -15.14 -13.43
N THR A 243 -23.20 -15.39 -12.14
CA THR A 243 -24.46 -14.95 -11.51
C THR A 243 -24.50 -13.41 -11.43
N ARG A 244 -23.33 -12.86 -11.14
CA ARG A 244 -23.14 -11.42 -11.14
C ARG A 244 -23.48 -10.84 -12.50
N ASP A 245 -22.98 -11.47 -13.55
CA ASP A 245 -23.24 -11.01 -14.91
C ASP A 245 -24.70 -11.10 -15.20
N THR A 246 -25.28 -12.24 -14.84
CA THR A 246 -26.75 -12.43 -15.00
C THR A 246 -27.55 -11.32 -14.31
N VAL A 247 -27.26 -11.07 -13.03
CA VAL A 247 -28.04 -10.09 -12.28
C VAL A 247 -27.83 -8.68 -12.83
N ILE A 248 -26.59 -8.32 -13.19
CA ILE A 248 -26.40 -7.03 -13.84
C ILE A 248 -27.21 -6.86 -15.14
N THR A 249 -27.30 -7.90 -15.97
CA THR A 249 -28.07 -7.79 -17.19
C THR A 249 -29.53 -7.61 -16.88
N LEU A 250 -30.05 -8.37 -15.92
CA LEU A 250 -31.48 -8.22 -15.55
C LEU A 250 -31.76 -6.83 -14.97
N ALA A 251 -30.83 -6.31 -14.16
CA ALA A 251 -30.96 -4.94 -13.57
C ALA A 251 -31.09 -3.92 -14.67
N LYS A 252 -30.17 -3.98 -15.62
CA LYS A 252 -30.20 -3.04 -16.75
C LYS A 252 -31.52 -3.25 -17.55
N GLU A 253 -31.99 -4.48 -17.68
CA GLU A 253 -33.25 -4.69 -18.41
C GLU A 253 -34.44 -4.16 -17.63
N ALA A 254 -34.28 -4.04 -16.32
CA ALA A 254 -35.25 -3.34 -15.47
C ALA A 254 -35.05 -1.81 -15.40
N GLY A 255 -34.19 -1.22 -16.24
CA GLY A 255 -33.98 0.24 -16.21
C GLY A 255 -33.28 0.74 -14.93
N ILE A 256 -32.59 -0.16 -14.25
CA ILE A 256 -31.85 0.17 -13.06
C ILE A 256 -30.39 0.52 -13.41
N GLU A 257 -29.93 1.68 -12.96
CA GLU A 257 -28.56 2.09 -13.18
C GLU A 257 -27.63 1.18 -12.37
N VAL A 258 -26.60 0.60 -13.01
CA VAL A 258 -25.62 -0.26 -12.35
C VAL A 258 -24.27 0.45 -12.35
N ILE A 259 -23.67 0.61 -11.17
CA ILE A 259 -22.47 1.41 -11.03
C ILE A 259 -21.37 0.59 -10.36
N GLU A 260 -20.27 0.46 -11.05
CA GLU A 260 -19.13 -0.24 -10.52
C GLU A 260 -18.26 0.78 -9.77
N LYS A 261 -18.06 0.59 -8.47
CA LYS A 261 -17.28 1.56 -7.70
C LYS A 261 -16.59 0.93 -6.49
N ARG A 262 -15.77 1.73 -5.84
CA ARG A 262 -15.13 1.37 -4.58
C ARG A 262 -16.08 1.64 -3.43
N ILE A 263 -16.35 0.62 -2.63
CA ILE A 263 -17.43 0.68 -1.63
C ILE A 263 -16.78 0.44 -0.27
N THR A 264 -16.97 1.39 0.65
CA THR A 264 -16.52 1.27 2.04
C THR A 264 -17.52 0.43 2.84
N ARG A 265 -17.02 -0.16 3.92
CA ARG A 265 -17.85 -1.00 4.74
C ARG A 265 -18.97 -0.20 5.31
N ASP A 266 -18.72 1.07 5.59
CA ASP A 266 -19.76 1.92 6.16
C ASP A 266 -20.78 2.42 5.13
N GLU A 267 -20.48 2.34 3.82
CA GLU A 267 -21.56 2.50 2.82
C GLU A 267 -22.58 1.38 2.92
N VAL A 268 -22.09 0.19 3.26
CA VAL A 268 -22.99 -0.95 3.41
C VAL A 268 -23.94 -0.71 4.57
N TYR A 269 -23.41 -0.29 5.71
CA TYR A 269 -24.17 -0.09 6.92
C TYR A 269 -25.34 0.89 6.69
N THR A 270 -25.14 1.85 5.79
CA THR A 270 -26.16 2.90 5.55
C THR A 270 -26.92 2.65 4.21
N ALA A 271 -26.70 1.50 3.55
CA ALA A 271 -27.30 1.29 2.22
C ALA A 271 -28.79 1.01 2.44
N ASP A 272 -29.63 1.18 1.41
CA ASP A 272 -31.08 0.81 1.45
C ASP A 272 -31.28 -0.74 1.44
N GLU A 273 -30.37 -1.46 0.77
CA GLU A 273 -30.46 -2.94 0.63
C GLU A 273 -29.07 -3.43 0.29
N ALA A 274 -28.80 -4.72 0.50
CA ALA A 274 -27.56 -5.36 0.08
C ALA A 274 -27.87 -6.82 -0.19
N PHE A 275 -27.10 -7.42 -1.12
CA PHE A 275 -27.22 -8.84 -1.36
C PHE A 275 -26.02 -9.50 -1.96
N PHE A 276 -26.06 -10.83 -1.93
CA PHE A 276 -24.95 -11.64 -2.46
C PHE A 276 -25.43 -12.35 -3.75
N THR A 277 -24.50 -12.63 -4.64
CA THR A 277 -24.78 -13.52 -5.77
C THR A 277 -23.81 -14.61 -5.94
N GLY A 278 -24.27 -15.74 -6.48
CA GLY A 278 -23.39 -16.89 -6.70
C GLY A 278 -24.12 -18.09 -7.24
N THR A 279 -23.39 -19.07 -7.75
CA THR A 279 -24.09 -20.20 -8.39
C THR A 279 -24.86 -20.98 -7.31
N ALA A 280 -24.20 -21.25 -6.21
CA ALA A 280 -24.83 -21.86 -5.03
C ALA A 280 -25.82 -20.87 -4.40
N ALA A 281 -25.40 -19.62 -4.28
CA ALA A 281 -26.12 -18.62 -3.50
C ALA A 281 -27.32 -18.00 -4.22
N GLU A 282 -27.40 -18.14 -5.54
CA GLU A 282 -28.43 -17.48 -6.33
C GLU A 282 -28.46 -15.99 -5.97
N VAL A 283 -29.58 -15.41 -5.56
CA VAL A 283 -29.59 -14.07 -5.00
C VAL A 283 -30.05 -14.14 -3.53
N THR A 284 -29.12 -13.90 -2.61
CA THR A 284 -29.35 -14.01 -1.16
C THR A 284 -29.34 -12.62 -0.54
N PRO A 285 -30.46 -12.15 -0.02
CA PRO A 285 -30.38 -10.84 0.62
C PRO A 285 -29.55 -10.83 1.93
N ILE A 286 -28.93 -9.67 2.22
CA ILE A 286 -28.17 -9.47 3.46
C ILE A 286 -28.96 -8.48 4.31
N ARG A 287 -29.44 -8.95 5.46
CA ARG A 287 -30.25 -8.12 6.34
C ARG A 287 -29.46 -7.41 7.43
N GLU A 288 -28.20 -7.78 7.61
CA GLU A 288 -27.36 -7.25 8.68
C GLU A 288 -25.88 -7.50 8.36
N LEU A 289 -25.06 -6.49 8.54
CA LEU A 289 -23.60 -6.62 8.46
C LEU A 289 -23.01 -6.08 9.74
N ASP A 290 -22.07 -6.81 10.34
CA ASP A 290 -21.39 -6.37 11.59
C ASP A 290 -22.40 -5.87 12.62
N ASN A 291 -23.52 -6.54 12.74
CA ASN A 291 -24.54 -6.18 13.70
C ASN A 291 -25.22 -4.81 13.45
N ARG A 292 -25.02 -4.24 12.26
CA ARG A 292 -25.80 -3.08 11.86
C ARG A 292 -26.90 -3.53 10.91
N THR A 293 -28.15 -3.19 11.20
CA THR A 293 -29.22 -3.55 10.30
C THR A 293 -29.18 -2.88 8.93
N ILE A 294 -29.38 -3.64 7.87
CA ILE A 294 -29.33 -3.07 6.55
C ILE A 294 -30.74 -2.62 6.24
N GLY A 295 -30.96 -1.31 5.99
CA GLY A 295 -32.35 -0.79 5.75
C GLY A 295 -33.38 -1.28 6.74
N GLY A 296 -34.53 -1.73 6.27
CA GLY A 296 -35.60 -2.26 7.11
C GLY A 296 -35.34 -3.59 7.79
N GLY A 297 -34.20 -4.20 7.55
CA GLY A 297 -33.89 -5.47 8.21
C GLY A 297 -34.42 -6.70 7.48
N ALA A 298 -35.09 -6.53 6.34
CA ALA A 298 -35.61 -7.68 5.56
C ALA A 298 -35.12 -7.60 4.11
N ARG A 299 -35.62 -8.50 3.27
CA ARG A 299 -35.44 -8.42 1.86
C ARG A 299 -35.93 -7.09 1.31
N GLY A 300 -35.16 -6.45 0.46
CA GLY A 300 -35.43 -5.16 -0.11
C GLY A 300 -36.20 -5.28 -1.39
N PRO A 301 -36.90 -4.21 -1.82
CA PRO A 301 -37.78 -4.34 -2.99
C PRO A 301 -37.06 -4.53 -4.32
N ILE A 302 -35.92 -3.89 -4.53
CA ILE A 302 -35.08 -4.13 -5.72
C ILE A 302 -34.43 -5.54 -5.68
N THR A 303 -33.88 -5.91 -4.50
CA THR A 303 -33.39 -7.29 -4.28
C THR A 303 -34.53 -8.28 -4.64
N GLU A 304 -35.74 -8.05 -4.18
CA GLU A 304 -36.80 -9.02 -4.47
C GLU A 304 -37.11 -9.11 -5.96
N LYS A 305 -37.10 -7.94 -6.60
CA LYS A 305 -37.33 -7.84 -8.02
C LYS A 305 -36.22 -8.57 -8.79
N LEU A 306 -34.98 -8.37 -8.41
CA LEU A 306 -33.92 -9.01 -9.16
C LEU A 306 -33.90 -10.51 -8.85
N GLN A 307 -34.10 -10.86 -7.60
CA GLN A 307 -34.24 -12.26 -7.19
C GLN A 307 -35.31 -13.02 -7.97
N SER A 308 -36.46 -12.38 -8.12
CA SER A 308 -37.60 -12.94 -8.82
C SER A 308 -37.38 -13.11 -10.32
N ALA A 309 -36.74 -12.12 -10.95
CA ALA A 309 -36.40 -12.19 -12.37
C ALA A 309 -35.32 -13.25 -12.62
N PHE A 310 -34.38 -13.39 -11.68
CA PHE A 310 -33.40 -14.45 -11.74
C PHE A 310 -34.09 -15.83 -11.70
N PHE A 311 -35.03 -16.02 -10.78
CA PHE A 311 -35.73 -17.31 -10.72
C PHE A 311 -36.56 -17.61 -11.97
N ASP A 312 -37.15 -16.61 -12.60
CA ASP A 312 -37.86 -16.85 -13.86
C ASP A 312 -36.91 -17.36 -14.96
N VAL A 313 -35.74 -16.74 -15.07
CA VAL A 313 -34.76 -17.11 -16.07
C VAL A 313 -34.17 -18.54 -15.86
N VAL A 314 -33.93 -18.93 -14.61
CA VAL A 314 -33.40 -20.26 -14.35
C VAL A 314 -34.49 -21.36 -14.39
N ASN A 315 -35.76 -21.02 -14.22
CA ASN A 315 -36.84 -22.01 -14.31
C ASN A 315 -37.45 -22.12 -15.73
N GLY A 316 -36.87 -21.39 -16.68
CA GLY A 316 -37.24 -21.48 -18.07
C GLY A 316 -38.52 -20.74 -18.38
N LYS A 317 -38.79 -19.67 -17.61
CA LYS A 317 -39.99 -18.85 -17.78
C LYS A 317 -39.68 -17.52 -18.49
N SER A 318 -38.44 -17.36 -18.97
CA SER A 318 -38.05 -16.17 -19.75
C SER A 318 -37.85 -16.52 -21.23
N ALA A 319 -38.49 -15.75 -22.08
CA ALA A 319 -38.34 -15.89 -23.53
C ALA A 319 -37.06 -15.16 -23.91
N LYS A 320 -36.84 -13.99 -23.32
CA LYS A 320 -35.61 -13.26 -23.60
C LYS A 320 -34.32 -14.08 -23.39
N HIS A 321 -34.30 -14.93 -22.36
CA HIS A 321 -33.05 -15.62 -21.98
C HIS A 321 -33.13 -17.12 -22.08
N ALA A 322 -34.01 -17.59 -22.95
CA ALA A 322 -34.12 -19.01 -23.25
C ALA A 322 -32.75 -19.58 -23.67
N ASP A 323 -31.96 -18.80 -24.39
CA ASP A 323 -30.63 -19.26 -24.83
C ASP A 323 -29.59 -19.52 -23.72
N TRP A 324 -29.91 -19.14 -22.48
CA TRP A 324 -29.05 -19.43 -21.34
C TRP A 324 -29.30 -20.79 -20.76
N LEU A 325 -30.34 -21.49 -21.20
CA LEU A 325 -30.63 -22.83 -20.71
C LEU A 325 -30.33 -23.88 -21.79
N THR A 326 -29.58 -24.93 -21.44
CA THR A 326 -29.31 -26.06 -22.36
C THR A 326 -30.00 -27.34 -21.83
N LYS A 327 -31.03 -27.79 -22.54
CA LYS A 327 -31.79 -29.00 -22.20
C LYS A 327 -30.86 -30.21 -22.08
N ILE A 328 -31.02 -31.00 -21.02
CA ILE A 328 -29.96 -31.95 -20.60
C ILE A 328 -30.48 -33.28 -20.16
N SER B 23 5.72 -42.85 -13.52
CA SER B 23 4.76 -42.21 -12.58
C SER B 23 5.25 -42.36 -11.14
N MET B 24 5.07 -41.33 -10.30
CA MET B 24 5.30 -41.45 -8.86
C MET B 24 4.22 -42.29 -8.20
N ALA B 25 3.05 -42.40 -8.85
CA ALA B 25 1.96 -43.27 -8.38
C ALA B 25 2.24 -44.75 -8.60
N ASP B 26 2.97 -45.06 -9.66
CA ASP B 26 3.17 -46.44 -10.12
C ASP B 26 4.57 -46.95 -9.68
N ARG B 27 4.70 -47.33 -8.41
CA ARG B 27 5.99 -47.73 -7.82
C ARG B 27 5.80 -48.85 -6.82
N ASP B 28 6.81 -49.69 -6.63
CA ASP B 28 6.78 -50.71 -5.57
C ASP B 28 7.24 -49.96 -4.32
N GLY B 29 6.78 -50.38 -3.15
CA GLY B 29 7.25 -49.76 -1.89
C GLY B 29 6.08 -49.69 -0.93
N LYS B 30 6.26 -48.88 0.13
CA LYS B 30 5.27 -48.72 1.18
C LYS B 30 5.06 -47.23 1.43
N ILE B 31 3.81 -46.88 1.69
CA ILE B 31 3.44 -45.54 2.10
C ILE B 31 2.71 -45.67 3.43
N TRP B 32 2.97 -44.73 4.33
CA TRP B 32 2.29 -44.72 5.61
C TRP B 32 1.09 -43.85 5.41
N MET B 33 -0.11 -44.39 5.68
CA MET B 33 -1.34 -43.65 5.47
C MET B 33 -2.35 -43.90 6.56
N ASP B 34 -2.71 -42.83 7.24
CA ASP B 34 -3.75 -42.91 8.25
C ASP B 34 -3.50 -43.99 9.30
N GLY B 35 -2.25 -44.09 9.76
CA GLY B 35 -1.98 -44.98 10.87
C GLY B 35 -1.26 -46.25 10.55
N LYS B 36 -1.09 -46.60 9.27
CA LYS B 36 -0.36 -47.84 8.93
C LYS B 36 0.36 -47.83 7.59
N LEU B 37 1.32 -48.74 7.42
CA LEU B 37 1.99 -48.88 6.13
C LEU B 37 1.07 -49.67 5.18
N ILE B 38 0.91 -49.15 3.96
CA ILE B 38 0.18 -49.84 2.91
C ILE B 38 1.07 -49.87 1.66
N GLU B 39 0.68 -50.70 0.71
CA GLU B 39 1.40 -50.78 -0.55
C GLU B 39 1.27 -49.41 -1.26
N TRP B 40 2.38 -49.02 -1.86
CA TRP B 40 2.55 -47.69 -2.46
C TRP B 40 1.42 -47.38 -3.39
N ARG B 41 1.11 -48.33 -4.27
CA ARG B 41 0.06 -48.11 -5.27
C ARG B 41 -1.34 -48.02 -4.71
N ASP B 42 -1.54 -48.45 -3.46
CA ASP B 42 -2.86 -48.41 -2.87
C ASP B 42 -3.12 -47.06 -2.18
N ALA B 43 -2.15 -46.13 -2.17
CA ALA B 43 -2.33 -44.84 -1.48
C ALA B 43 -3.16 -43.96 -2.38
N LYS B 44 -4.45 -44.25 -2.43
CA LYS B 44 -5.39 -43.55 -3.29
C LYS B 44 -6.46 -42.80 -2.54
N ILE B 45 -6.94 -41.74 -3.18
CA ILE B 45 -8.13 -41.05 -2.74
C ILE B 45 -9.02 -40.66 -3.91
N HIS B 46 -10.19 -40.16 -3.60
CA HIS B 46 -11.21 -39.85 -4.58
C HIS B 46 -11.02 -38.43 -5.13
N VAL B 47 -11.51 -38.18 -6.33
CA VAL B 47 -11.35 -36.83 -6.92
C VAL B 47 -12.17 -35.79 -6.14
N LEU B 48 -13.22 -36.20 -5.45
CA LEU B 48 -14.00 -35.28 -4.59
C LEU B 48 -13.37 -35.24 -3.18
N THR B 49 -12.09 -34.85 -3.10
CA THR B 49 -11.35 -34.73 -1.85
C THR B 49 -11.22 -33.20 -1.67
N HIS B 50 -11.57 -32.70 -0.50
CA HIS B 50 -11.67 -31.24 -0.29
C HIS B 50 -10.42 -30.51 -0.67
N THR B 51 -9.26 -31.04 -0.27
CA THR B 51 -8.04 -30.30 -0.55
C THR B 51 -7.75 -30.16 -2.04
N LEU B 52 -8.18 -31.15 -2.85
CA LEU B 52 -8.00 -31.09 -4.33
C LEU B 52 -8.72 -29.89 -4.92
N HIS B 53 -9.90 -29.57 -4.39
CA HIS B 53 -10.74 -28.49 -4.87
C HIS B 53 -10.45 -27.13 -4.22
N TYR B 54 -10.01 -27.14 -2.96
CA TYR B 54 -10.01 -25.88 -2.19
C TYR B 54 -8.68 -25.46 -1.60
N GLY B 55 -7.68 -26.30 -1.72
CA GLY B 55 -6.32 -25.92 -1.44
C GLY B 55 -5.80 -26.02 -0.01
N MET B 56 -6.67 -26.28 0.96
CA MET B 56 -6.27 -26.35 2.38
C MET B 56 -5.74 -27.74 2.75
N GLY B 57 -4.41 -27.90 2.64
CA GLY B 57 -3.68 -29.07 3.14
C GLY B 57 -2.28 -28.57 3.43
N VAL B 58 -1.49 -29.35 4.17
CA VAL B 58 -0.17 -28.94 4.59
C VAL B 58 0.79 -30.07 4.39
N PHE B 59 2.04 -29.75 4.12
CA PHE B 59 3.04 -30.75 3.87
C PHE B 59 4.43 -30.32 4.31
N GLU B 60 5.33 -31.29 4.32
CA GLU B 60 6.73 -31.00 4.60
C GLU B 60 7.64 -31.63 3.57
N GLY B 61 8.92 -31.26 3.62
CA GLY B 61 9.92 -31.91 2.83
C GLY B 61 11.03 -32.11 3.82
N VAL B 62 11.44 -33.37 3.98
CA VAL B 62 12.46 -33.74 4.94
C VAL B 62 13.46 -34.63 4.23
N ARG B 63 14.74 -34.43 4.51
CA ARG B 63 15.83 -35.21 3.94
C ARG B 63 16.46 -36.20 4.92
N ALA B 64 16.78 -37.38 4.41
CA ALA B 64 17.69 -38.34 5.08
C ALA B 64 18.97 -38.40 4.31
N TYR B 65 20.08 -38.56 5.02
CA TYR B 65 21.42 -38.63 4.42
C TYR B 65 22.15 -39.90 4.86
N LYS B 66 22.92 -40.45 3.93
CA LYS B 66 23.88 -41.48 4.24
C LYS B 66 25.07 -40.81 4.94
N THR B 67 25.29 -41.10 6.21
CA THR B 67 26.33 -40.40 6.97
C THR B 67 27.68 -41.10 6.79
N ALA B 68 28.73 -40.47 7.30
CA ALA B 68 30.09 -40.99 7.24
C ALA B 68 30.23 -42.39 7.88
N ASP B 69 29.47 -42.64 8.94
CA ASP B 69 29.10 -43.97 9.46
C ASP B 69 28.97 -45.07 8.44
N GLY B 70 28.40 -44.74 7.29
CA GLY B 70 27.73 -45.73 6.44
C GLY B 70 26.26 -45.91 6.81
N GLY B 71 25.81 -45.28 7.89
CA GLY B 71 24.41 -45.38 8.36
C GLY B 71 23.61 -44.26 7.73
N THR B 72 22.29 -44.30 7.91
CA THR B 72 21.36 -43.29 7.39
C THR B 72 20.66 -42.56 8.54
N ALA B 73 20.61 -41.22 8.47
CA ALA B 73 19.91 -40.39 9.48
C ALA B 73 19.04 -39.29 8.87
N ILE B 74 17.88 -39.01 9.47
CA ILE B 74 17.03 -37.91 9.04
C ILE B 74 17.53 -36.62 9.67
N PHE B 75 17.64 -35.56 8.86
CA PHE B 75 18.06 -34.23 9.29
C PHE B 75 16.89 -33.36 9.83
N ARG B 76 17.00 -32.99 11.09
CA ARG B 76 16.04 -32.12 11.79
C ARG B 76 14.60 -32.60 11.71
N LEU B 77 14.47 -33.90 11.93
CA LEU B 77 13.18 -34.58 11.94
C LEU B 77 12.19 -33.91 12.90
N LYS B 78 12.67 -33.62 14.13
CA LYS B 78 11.80 -33.02 15.15
C LYS B 78 11.24 -31.67 14.73
N GLU B 79 12.12 -30.80 14.23
CA GLU B 79 11.70 -29.42 13.79
C GLU B 79 10.75 -29.46 12.62
N HIS B 80 11.02 -30.33 11.64
CA HIS B 80 10.07 -30.48 10.52
C HIS B 80 8.73 -30.98 10.94
N THR B 81 8.70 -31.94 11.87
CA THR B 81 7.41 -32.51 12.29
C THR B 81 6.65 -31.52 13.13
N LYS B 82 7.33 -30.82 14.00
CA LYS B 82 6.67 -29.71 14.72
C LYS B 82 6.13 -28.64 13.75
N ARG B 83 6.88 -28.28 12.73
CA ARG B 83 6.36 -27.33 11.70
C ARG B 83 5.12 -27.86 10.97
N LEU B 84 5.14 -29.15 10.62
CA LEU B 84 3.94 -29.77 10.05
C LEU B 84 2.69 -29.64 10.93
N LEU B 85 2.86 -29.95 12.22
CA LEU B 85 1.68 -29.90 13.11
C LEU B 85 1.29 -28.47 13.38
N ASN B 86 2.27 -27.56 13.41
CA ASN B 86 1.94 -26.12 13.51
C ASN B 86 1.18 -25.57 12.29
N SER B 87 1.51 -26.04 11.08
CA SER B 87 0.78 -25.64 9.85
C SER B 87 -0.64 -26.08 10.01
N ALA B 88 -0.83 -27.28 10.55
CA ALA B 88 -2.23 -27.79 10.70
C ALA B 88 -2.95 -26.97 11.73
N LYS B 89 -2.23 -26.62 12.80
CA LYS B 89 -2.78 -25.81 13.89
C LYS B 89 -3.28 -24.43 13.38
N ILE B 90 -2.48 -23.79 12.54
CA ILE B 90 -2.83 -22.51 11.94
C ILE B 90 -4.20 -22.62 11.25
N PHE B 91 -4.44 -23.71 10.55
CA PHE B 91 -5.70 -23.94 9.88
C PHE B 91 -6.79 -24.65 10.71
N GLN B 92 -6.55 -24.90 11.99
CA GLN B 92 -7.52 -25.56 12.85
C GLN B 92 -7.84 -26.96 12.30
N MET B 93 -6.81 -27.62 11.81
CA MET B 93 -6.95 -29.00 11.33
C MET B 93 -6.46 -29.91 12.48
N ASP B 94 -7.38 -30.60 13.12
CA ASP B 94 -7.07 -31.51 14.24
C ASP B 94 -6.42 -32.77 13.66
N VAL B 95 -5.12 -32.95 13.82
CA VAL B 95 -4.47 -34.15 13.29
C VAL B 95 -4.68 -35.35 14.26
N PRO B 96 -5.22 -36.49 13.79
CA PRO B 96 -5.43 -37.62 14.74
C PRO B 96 -4.21 -38.42 15.22
N PHE B 97 -3.01 -37.86 15.11
CA PHE B 97 -1.73 -38.51 15.53
C PHE B 97 -0.88 -37.50 16.28
N ASP B 98 -0.24 -37.95 17.36
CA ASP B 98 0.71 -37.09 18.09
C ASP B 98 2.05 -37.00 17.34
N GLN B 99 2.87 -36.05 17.75
CA GLN B 99 4.21 -35.84 17.14
C GLN B 99 5.09 -37.08 17.10
N GLU B 100 5.13 -37.83 18.20
CA GLU B 100 6.03 -38.98 18.26
C GLU B 100 5.60 -40.03 17.24
N THR B 101 4.29 -40.26 17.09
CA THR B 101 3.80 -41.23 16.10
C THR B 101 4.26 -40.87 14.67
N LEU B 102 4.11 -39.59 14.35
CA LEU B 102 4.54 -39.08 13.05
C LEU B 102 6.02 -39.13 12.80
N GLU B 103 6.84 -38.83 13.80
CA GLU B 103 8.30 -39.00 13.66
C GLU B 103 8.67 -40.46 13.43
N ALA B 104 8.11 -41.36 14.25
CA ALA B 104 8.34 -42.82 14.10
C ALA B 104 7.86 -43.31 12.73
N ALA B 105 6.70 -42.82 12.29
CA ALA B 105 6.17 -43.18 10.98
C ALA B 105 7.15 -42.81 9.84
N GLN B 106 7.70 -41.62 9.89
CA GLN B 106 8.71 -41.15 8.90
C GLN B 106 9.94 -42.05 8.90
N ARG B 107 10.48 -42.39 10.06
CA ARG B 107 11.61 -43.33 10.09
C ARG B 107 11.25 -44.68 9.46
N ASP B 108 10.06 -45.18 9.82
CA ASP B 108 9.51 -46.44 9.28
C ASP B 108 9.45 -46.44 7.73
N VAL B 109 9.01 -45.34 7.12
CA VAL B 109 8.93 -45.22 5.66
C VAL B 109 10.32 -45.30 5.01
N VAL B 110 11.31 -44.67 5.62
CA VAL B 110 12.67 -44.79 5.12
C VAL B 110 13.17 -46.23 5.24
N ARG B 111 13.02 -46.82 6.43
CA ARG B 111 13.45 -48.18 6.71
C ARG B 111 12.78 -49.19 5.78
N GLU B 112 11.45 -49.18 5.73
CA GLU B 112 10.74 -50.25 5.00
C GLU B 112 10.84 -50.10 3.49
N ASN B 113 11.22 -48.92 3.01
CA ASN B 113 11.54 -48.78 1.59
C ASN B 113 12.99 -49.01 1.24
N LYS B 114 13.78 -49.35 2.26
CA LYS B 114 15.19 -49.66 2.10
C LYS B 114 15.92 -48.51 1.45
N LEU B 115 15.55 -47.30 1.85
CA LEU B 115 16.19 -46.12 1.31
C LEU B 115 17.34 -45.71 2.21
N GLU B 116 18.24 -44.93 1.65
CA GLU B 116 19.33 -44.31 2.40
C GLU B 116 19.22 -42.80 2.21
N SER B 117 19.89 -42.23 1.23
CA SER B 117 19.67 -40.80 0.93
C SER B 117 18.36 -40.64 0.25
N CYS B 118 17.46 -39.91 0.87
CA CYS B 118 16.15 -39.77 0.31
C CYS B 118 15.41 -38.51 0.77
N TYR B 119 14.31 -38.24 0.10
CA TYR B 119 13.43 -37.15 0.44
C TYR B 119 12.12 -37.74 0.92
N LEU B 120 11.63 -37.25 2.06
CA LEU B 120 10.38 -37.65 2.66
C LEU B 120 9.36 -36.50 2.47
N ARG B 121 8.14 -36.89 2.13
CA ARG B 121 7.02 -35.98 1.93
C ARG B 121 5.84 -36.46 2.76
N PRO B 122 5.71 -35.96 4.00
CA PRO B 122 4.49 -36.03 4.79
C PRO B 122 3.47 -34.98 4.30
N ILE B 123 2.20 -35.37 4.18
CA ILE B 123 1.11 -34.48 3.76
C ILE B 123 -0.13 -34.78 4.56
N ILE B 124 -0.77 -33.71 5.02
CA ILE B 124 -2.03 -33.74 5.78
C ILE B 124 -3.10 -32.97 5.01
N TRP B 125 -4.27 -33.60 4.80
CA TRP B 125 -5.28 -33.00 3.92
C TRP B 125 -6.63 -33.31 4.45
N ILE B 126 -7.57 -32.65 3.85
CA ILE B 126 -8.98 -32.75 4.21
C ILE B 126 -9.77 -33.61 3.19
N GLY B 127 -10.57 -34.55 3.71
CA GLY B 127 -11.14 -35.66 2.96
C GLY B 127 -12.37 -35.42 2.15
N SER B 128 -13.16 -36.47 1.95
CA SER B 128 -14.23 -36.54 0.94
C SER B 128 -15.66 -36.55 1.47
N GLU B 129 -15.82 -36.37 2.76
CA GLU B 129 -17.16 -36.45 3.33
C GLU B 129 -18.12 -35.39 2.77
N LYS B 130 -17.66 -34.12 2.76
CA LYS B 130 -18.46 -32.98 2.31
C LYS B 130 -17.63 -32.10 1.38
N LEU B 131 -18.24 -31.56 0.34
CA LEU B 131 -17.45 -30.82 -0.61
C LEU B 131 -17.85 -29.37 -0.77
N GLY B 132 -18.61 -28.78 0.15
CA GLY B 132 -18.71 -27.30 0.15
C GLY B 132 -17.42 -26.64 0.66
N VAL B 133 -17.23 -25.37 0.36
CA VAL B 133 -16.13 -24.59 0.92
C VAL B 133 -16.04 -24.73 2.43
N SER B 134 -17.22 -24.57 3.03
CA SER B 134 -17.41 -24.40 4.44
C SER B 134 -17.60 -25.71 5.13
N ALA B 135 -17.26 -26.82 4.48
CA ALA B 135 -17.56 -28.12 5.05
C ALA B 135 -16.77 -28.27 6.33
N LYS B 136 -17.42 -28.83 7.34
CA LYS B 136 -16.81 -29.15 8.62
C LYS B 136 -17.19 -30.61 8.74
N GLY B 137 -16.41 -31.38 9.46
CA GLY B 137 -16.74 -32.79 9.63
C GLY B 137 -16.01 -33.73 8.69
N ASN B 138 -15.16 -33.20 7.80
CA ASN B 138 -14.30 -34.01 6.93
C ASN B 138 -13.13 -34.62 7.74
N THR B 139 -12.75 -35.81 7.33
CA THR B 139 -11.61 -36.50 7.90
C THR B 139 -10.30 -35.74 7.57
N ILE B 140 -9.44 -35.70 8.55
CA ILE B 140 -8.10 -35.18 8.38
C ILE B 140 -7.20 -36.36 8.17
N HIS B 141 -6.73 -36.50 6.95
CA HIS B 141 -5.89 -37.58 6.53
C HIS B 141 -4.43 -37.21 6.62
N VAL B 142 -3.62 -38.24 6.75
CA VAL B 142 -2.16 -38.09 6.83
C VAL B 142 -1.54 -39.21 6.01
N ALA B 143 -0.61 -38.85 5.12
CA ALA B 143 0.21 -39.85 4.37
C ALA B 143 1.68 -39.44 4.34
N ILE B 144 2.56 -40.43 4.27
CA ILE B 144 4.00 -40.19 4.24
C ILE B 144 4.62 -41.11 3.22
N ALA B 145 5.26 -40.50 2.22
CA ALA B 145 6.01 -41.25 1.20
C ALA B 145 7.46 -40.75 1.19
N ALA B 146 8.34 -41.50 0.52
CA ALA B 146 9.75 -41.16 0.40
C ALA B 146 10.32 -41.80 -0.85
N TRP B 147 11.38 -41.19 -1.37
CA TRP B 147 12.07 -41.65 -2.58
C TRP B 147 13.51 -41.23 -2.61
N PRO B 148 14.33 -41.93 -3.40
CA PRO B 148 15.75 -41.62 -3.35
C PRO B 148 16.06 -40.18 -3.76
N TRP B 149 17.11 -39.63 -3.15
CA TRP B 149 17.50 -38.24 -3.34
C TRP B 149 18.83 -38.07 -2.67
N GLY B 161 27.19 -22.12 -9.67
CA GLY B 161 26.13 -21.18 -9.24
C GLY B 161 25.15 -20.93 -10.37
N ILE B 162 23.93 -20.52 -10.03
CA ILE B 162 22.82 -20.51 -10.98
C ILE B 162 22.38 -19.11 -11.43
N ARG B 163 21.60 -19.06 -12.51
CA ARG B 163 21.15 -17.81 -13.09
C ARG B 163 19.72 -17.61 -12.74
N VAL B 164 19.43 -16.45 -12.18
CA VAL B 164 18.13 -16.20 -11.58
C VAL B 164 17.48 -14.97 -12.22
N LYS B 165 16.14 -14.95 -12.21
CA LYS B 165 15.37 -13.90 -12.85
C LYS B 165 14.33 -13.44 -11.86
N THR B 166 14.24 -12.14 -11.66
CA THR B 166 13.22 -11.55 -10.75
C THR B 166 11.90 -11.70 -11.45
N SER B 167 10.89 -12.19 -10.72
CA SER B 167 9.62 -12.58 -11.29
C SER B 167 8.74 -11.35 -11.41
N SER B 168 7.81 -11.36 -12.38
CA SER B 168 6.80 -10.31 -12.49
C SER B 168 5.59 -10.63 -11.62
N PHE B 169 5.57 -11.82 -11.02
CA PHE B 169 4.59 -12.17 -10.01
C PHE B 169 5.02 -11.77 -8.59
N THR B 170 4.06 -11.24 -7.82
CA THR B 170 4.33 -10.77 -6.45
C THR B 170 4.13 -11.89 -5.41
N ARG B 171 5.01 -11.91 -4.41
CA ARG B 171 4.93 -12.84 -3.28
C ARG B 171 3.72 -12.53 -2.36
N HIS B 172 3.19 -13.61 -1.80
CA HIS B 172 2.13 -13.59 -0.79
C HIS B 172 2.09 -12.45 0.16
N HIS B 173 0.90 -11.95 0.29
CA HIS B 173 0.45 -10.99 1.31
C HIS B 173 0.06 -11.65 2.64
N VAL B 174 0.70 -11.20 3.75
CA VAL B 174 0.65 -11.91 5.03
C VAL B 174 -0.72 -11.96 5.77
N ASN B 175 -1.69 -11.19 5.29
CA ASN B 175 -3.05 -11.28 5.81
C ASN B 175 -4.09 -11.82 4.82
N VAL B 176 -3.59 -12.29 3.68
CA VAL B 176 -4.35 -13.05 2.66
C VAL B 176 -3.99 -14.52 2.84
N SER B 177 -2.68 -14.82 2.84
CA SER B 177 -2.21 -16.15 3.02
C SER B 177 -1.44 -16.21 4.35
N MET B 178 -1.57 -17.33 5.06
CA MET B 178 -0.86 -17.57 6.31
C MET B 178 0.48 -18.20 5.97
N VAL B 179 1.47 -17.33 5.86
CA VAL B 179 2.74 -17.73 5.27
C VAL B 179 3.61 -18.59 6.23
N ARG B 180 3.26 -18.68 7.50
CA ARG B 180 3.94 -19.63 8.37
C ARG B 180 3.44 -21.10 8.23
N ALA B 181 2.30 -21.31 7.55
CA ALA B 181 1.73 -22.63 7.31
C ALA B 181 2.18 -23.06 5.93
N LYS B 182 2.84 -24.21 5.82
CA LYS B 182 3.41 -24.65 4.54
C LYS B 182 2.26 -25.46 3.93
N ALA B 183 1.46 -24.74 3.11
CA ALA B 183 0.14 -25.11 2.67
C ALA B 183 0.08 -25.31 1.14
N SER B 184 -0.65 -26.34 0.73
CA SER B 184 -0.80 -26.72 -0.72
C SER B 184 -1.16 -25.50 -1.57
N GLY B 185 -2.16 -24.72 -1.14
CA GLY B 185 -2.62 -23.55 -1.92
C GLY B 185 -1.60 -22.46 -2.18
N TRP B 186 -0.57 -22.33 -1.33
CA TRP B 186 0.42 -21.28 -1.48
C TRP B 186 1.31 -21.49 -2.70
N TYR B 187 1.39 -22.71 -3.22
CA TYR B 187 2.37 -22.99 -4.28
C TYR B 187 1.92 -22.59 -5.71
N VAL B 188 0.67 -22.14 -5.91
CA VAL B 188 0.26 -21.67 -7.25
C VAL B 188 1.18 -20.52 -7.67
N ASN B 189 1.50 -19.65 -6.73
CA ASN B 189 2.27 -18.46 -6.95
C ASN B 189 3.71 -18.88 -7.25
N SER B 190 4.19 -19.88 -6.55
CA SER B 190 5.53 -20.45 -6.86
C SER B 190 5.62 -21.07 -8.21
N ILE B 191 4.61 -21.81 -8.59
CA ILE B 191 4.59 -22.44 -9.91
C ILE B 191 4.65 -21.42 -11.05
N LEU B 192 3.83 -20.38 -10.93
CA LEU B 192 3.75 -19.29 -11.91
C LEU B 192 5.06 -18.59 -12.07
N ALA B 193 5.65 -18.26 -10.93
CA ALA B 193 6.98 -17.58 -10.92
C ALA B 193 8.04 -18.50 -11.52
N ASN B 194 8.11 -19.75 -11.06
CA ASN B 194 9.09 -20.72 -11.62
C ASN B 194 8.95 -20.90 -13.14
N GLN B 195 7.72 -21.07 -13.60
CA GLN B 195 7.44 -21.27 -15.01
C GLN B 195 7.85 -20.06 -15.86
N GLU B 196 7.68 -18.86 -15.30
CA GLU B 196 8.13 -17.64 -15.96
C GLU B 196 9.64 -17.63 -16.11
N ALA B 197 10.35 -17.90 -15.03
CA ALA B 197 11.81 -17.92 -15.10
C ALA B 197 12.34 -19.01 -16.11
N THR B 198 11.86 -20.24 -16.03
CA THR B 198 12.36 -21.30 -16.87
C THR B 198 11.93 -21.12 -18.32
N ALA B 199 10.75 -20.58 -18.61
CA ALA B 199 10.35 -20.40 -20.02
C ALA B 199 11.37 -19.54 -20.76
N ASP B 200 12.00 -18.60 -20.07
CA ASP B 200 12.98 -17.73 -20.69
C ASP B 200 14.41 -18.16 -20.42
N GLY B 201 14.61 -19.36 -19.90
CA GLY B 201 15.97 -19.95 -19.91
C GLY B 201 16.76 -19.74 -18.63
N TYR B 202 16.14 -19.18 -17.60
CA TYR B 202 16.77 -19.01 -16.29
C TYR B 202 16.64 -20.29 -15.47
N ASP B 203 17.52 -20.46 -14.49
CA ASP B 203 17.40 -21.57 -13.57
C ASP B 203 16.25 -21.46 -12.58
N GLU B 204 16.09 -20.27 -11.98
CA GLU B 204 15.02 -20.06 -10.95
C GLU B 204 14.52 -18.64 -10.94
N ALA B 205 13.38 -18.45 -10.27
CA ALA B 205 12.79 -17.14 -10.07
C ALA B 205 13.12 -16.58 -8.68
N LEU B 206 13.16 -15.24 -8.59
CA LEU B 206 13.22 -14.53 -7.32
C LEU B 206 12.01 -13.62 -7.19
N LEU B 207 11.27 -13.75 -6.09
CA LEU B 207 10.09 -12.98 -5.95
C LEU B 207 10.30 -11.79 -5.02
N LEU B 208 9.62 -10.68 -5.36
CA LEU B 208 9.59 -9.45 -4.56
C LEU B 208 8.27 -9.49 -3.82
N ASP B 209 8.21 -8.87 -2.64
CA ASP B 209 6.95 -8.66 -1.91
C ASP B 209 6.09 -7.53 -2.41
N VAL B 210 4.92 -7.34 -1.76
CA VAL B 210 3.97 -6.35 -2.20
C VAL B 210 4.50 -4.90 -2.10
N ASP B 211 5.65 -4.67 -1.41
CA ASP B 211 6.25 -3.33 -1.32
C ASP B 211 7.50 -3.21 -2.21
N GLY B 212 7.86 -4.27 -2.92
CA GLY B 212 8.89 -4.22 -3.88
C GLY B 212 10.25 -4.65 -3.38
N TYR B 213 10.31 -5.21 -2.18
CA TYR B 213 11.61 -5.74 -1.64
C TYR B 213 11.74 -7.25 -1.85
N VAL B 214 12.97 -7.75 -1.87
CA VAL B 214 13.22 -9.14 -2.16
C VAL B 214 12.60 -9.98 -1.05
N SER B 215 11.86 -11.02 -1.42
CA SER B 215 11.28 -11.89 -0.44
C SER B 215 11.92 -13.25 -0.40
N GLU B 216 11.80 -14.01 -1.48
CA GLU B 216 12.40 -15.35 -1.54
C GLU B 216 12.37 -15.89 -2.98
N GLY B 217 13.01 -17.03 -3.19
CA GLY B 217 12.80 -17.79 -4.41
C GLY B 217 11.46 -18.47 -4.36
N SER B 218 11.10 -19.14 -5.41
CA SER B 218 9.80 -19.82 -5.45
C SER B 218 9.76 -21.04 -4.53
N GLY B 219 10.89 -21.63 -4.21
CA GLY B 219 10.93 -22.74 -3.26
C GLY B 219 12.06 -22.64 -2.21
N GLU B 220 12.65 -21.47 -2.07
CA GLU B 220 13.83 -21.33 -1.27
C GLU B 220 13.95 -19.97 -0.61
N ASN B 221 14.70 -19.92 0.49
CA ASN B 221 15.03 -18.64 1.09
C ASN B 221 16.25 -18.00 0.45
N PHE B 222 16.30 -16.68 0.58
CA PHE B 222 17.31 -15.91 -0.11
C PHE B 222 18.32 -15.27 0.84
N PHE B 223 19.60 -15.32 0.50
CA PHE B 223 20.66 -14.68 1.24
C PHE B 223 21.62 -13.92 0.32
N LEU B 224 22.23 -12.87 0.87
CA LEU B 224 23.24 -12.08 0.18
C LEU B 224 24.42 -11.87 1.06
N VAL B 225 25.61 -11.76 0.49
CA VAL B 225 26.83 -11.45 1.27
C VAL B 225 27.28 -10.04 0.84
N ASN B 226 27.59 -9.17 1.81
CA ASN B 226 28.23 -7.88 1.48
C ASN B 226 29.18 -7.45 2.58
N ARG B 227 30.42 -7.15 2.21
CA ARG B 227 31.44 -6.73 3.14
C ARG B 227 31.54 -7.73 4.26
N GLY B 228 31.66 -9.01 3.90
CA GLY B 228 31.86 -10.06 4.88
C GLY B 228 30.72 -10.33 5.84
N LYS B 229 29.57 -9.68 5.63
CA LYS B 229 28.38 -9.83 6.47
C LYS B 229 27.29 -10.51 5.66
N LEU B 230 26.45 -11.27 6.35
CA LEU B 230 25.36 -12.08 5.72
C LEU B 230 24.00 -11.43 5.95
N TYR B 231 23.25 -11.15 4.86
CA TYR B 231 21.94 -10.47 4.97
C TYR B 231 20.83 -11.35 4.44
N THR B 232 19.62 -11.21 5.01
CA THR B 232 18.52 -12.00 4.56
C THR B 232 17.25 -11.26 4.84
N PRO B 233 16.27 -11.38 3.92
CA PRO B 233 15.02 -10.71 4.21
C PRO B 233 14.56 -11.07 5.58
N ASP B 234 13.93 -10.13 6.27
CA ASP B 234 13.44 -10.41 7.60
C ASP B 234 12.33 -11.41 7.38
N LEU B 235 11.96 -12.11 8.45
CA LEU B 235 10.93 -13.13 8.46
C LEU B 235 9.61 -12.37 8.49
N ALA B 236 9.19 -11.99 7.29
CA ALA B 236 7.97 -11.22 7.08
C ALA B 236 7.14 -12.02 6.07
N SER B 237 7.24 -11.69 4.77
CA SER B 237 6.45 -12.37 3.70
C SER B 237 6.99 -13.79 3.36
N CYS B 238 8.26 -14.04 3.73
CA CYS B 238 8.98 -15.25 3.34
C CYS B 238 8.75 -16.43 4.26
N LEU B 239 9.06 -17.66 3.82
CA LEU B 239 8.75 -18.84 4.63
C LEU B 239 9.72 -18.92 5.80
N ASP B 240 9.27 -19.47 6.93
CA ASP B 240 10.21 -19.76 8.03
C ASP B 240 11.06 -21.07 7.83
N GLY B 241 12.15 -20.97 7.06
CA GLY B 241 12.83 -22.18 6.58
C GLY B 241 13.71 -22.80 7.63
N ILE B 242 13.79 -24.12 7.60
CA ILE B 242 14.64 -24.87 8.48
C ILE B 242 16.10 -24.84 7.94
N THR B 243 16.25 -24.86 6.62
CA THR B 243 17.61 -24.71 6.06
C THR B 243 18.08 -23.27 6.35
N ARG B 244 17.21 -22.28 6.17
CA ARG B 244 17.52 -20.88 6.58
C ARG B 244 17.96 -20.81 8.04
N ASP B 245 17.17 -21.39 8.93
CA ASP B 245 17.52 -21.41 10.36
C ASP B 245 18.87 -22.08 10.59
N THR B 246 19.09 -23.21 9.91
CA THR B 246 20.35 -23.93 9.98
C THR B 246 21.50 -23.06 9.55
N VAL B 247 21.42 -22.49 8.35
CA VAL B 247 22.51 -21.64 7.83
C VAL B 247 22.80 -20.44 8.73
N ILE B 248 21.72 -19.84 9.27
CA ILE B 248 21.86 -18.68 10.15
C ILE B 248 22.64 -19.07 11.38
N THR B 249 22.31 -20.21 11.99
CA THR B 249 23.03 -20.67 13.15
C THR B 249 24.48 -21.00 12.86
N LEU B 250 24.77 -21.66 11.73
CA LEU B 250 26.16 -21.99 11.41
C LEU B 250 26.98 -20.72 11.18
N ALA B 251 26.34 -19.72 10.60
CA ALA B 251 27.01 -18.46 10.33
C ALA B 251 27.41 -17.83 11.64
N LYS B 252 26.51 -17.76 12.62
CA LYS B 252 26.84 -17.15 13.89
C LYS B 252 27.97 -17.89 14.57
N GLU B 253 27.94 -19.22 14.52
CA GLU B 253 29.01 -20.03 15.13
C GLU B 253 30.33 -19.83 14.39
N ALA B 254 30.28 -19.51 13.10
CA ALA B 254 31.50 -19.17 12.36
C ALA B 254 31.94 -17.72 12.58
N GLY B 255 31.26 -16.97 13.46
CA GLY B 255 31.60 -15.57 13.73
C GLY B 255 31.17 -14.58 12.65
N ILE B 256 30.18 -14.94 11.85
CA ILE B 256 29.75 -14.10 10.74
C ILE B 256 28.52 -13.36 11.26
N GLU B 257 28.50 -12.03 11.12
CA GLU B 257 27.36 -11.22 11.53
C GLU B 257 26.17 -11.48 10.58
N VAL B 258 25.02 -11.69 11.18
CA VAL B 258 23.82 -11.95 10.43
C VAL B 258 22.82 -10.80 10.62
N ILE B 259 22.40 -10.19 9.52
CA ILE B 259 21.51 -9.04 9.56
C ILE B 259 20.21 -9.38 8.80
N GLU B 260 19.08 -9.17 9.44
CA GLU B 260 17.77 -9.35 8.82
C GLU B 260 17.18 -7.98 8.55
N LYS B 261 16.80 -7.70 7.31
CA LYS B 261 16.44 -6.35 6.88
C LYS B 261 15.73 -6.44 5.52
N ARG B 262 15.20 -5.32 5.06
CA ARG B 262 14.56 -5.23 3.77
C ARG B 262 15.63 -5.01 2.74
N ILE B 263 15.60 -5.84 1.71
CA ILE B 263 16.61 -5.85 0.68
C ILE B 263 16.01 -5.49 -0.67
N THR B 264 16.61 -4.50 -1.34
CA THR B 264 16.18 -4.08 -2.68
C THR B 264 16.81 -4.93 -3.73
N ARG B 265 16.18 -5.00 -4.89
CA ARG B 265 16.67 -5.87 -5.95
C ARG B 265 18.09 -5.45 -6.37
N ASP B 266 18.36 -4.15 -6.31
CA ASP B 266 19.62 -3.61 -6.74
C ASP B 266 20.73 -3.76 -5.69
N GLU B 267 20.38 -4.11 -4.45
CA GLU B 267 21.38 -4.55 -3.48
C GLU B 267 21.95 -5.88 -3.90
N VAL B 268 21.09 -6.72 -4.47
CA VAL B 268 21.53 -8.02 -4.97
C VAL B 268 22.49 -7.84 -6.10
N TYR B 269 22.14 -6.95 -7.04
CA TYR B 269 23.02 -6.72 -8.19
C TYR B 269 24.41 -6.27 -7.78
N THR B 270 24.52 -5.55 -6.66
CA THR B 270 25.79 -5.00 -6.18
C THR B 270 26.35 -5.80 -5.00
N ALA B 271 25.73 -6.92 -4.63
CA ALA B 271 26.27 -7.74 -3.54
C ALA B 271 27.58 -8.41 -3.96
N ASP B 272 28.24 -8.92 -2.96
CA ASP B 272 29.47 -9.67 -3.15
C ASP B 272 29.19 -11.16 -3.46
N GLU B 273 28.14 -11.72 -2.85
CA GLU B 273 27.73 -13.11 -3.04
C GLU B 273 26.24 -13.12 -2.79
N ALA B 274 25.58 -14.13 -3.32
CA ALA B 274 24.14 -14.40 -3.08
C ALA B 274 23.94 -15.90 -3.20
N PHE B 275 23.00 -16.40 -2.45
CA PHE B 275 22.59 -17.81 -2.55
C PHE B 275 21.20 -18.08 -2.07
N PHE B 276 20.70 -19.26 -2.44
CA PHE B 276 19.41 -19.78 -1.99
C PHE B 276 19.63 -20.92 -0.98
N THR B 277 18.64 -21.11 -0.10
CA THR B 277 18.59 -22.26 0.83
C THR B 277 17.25 -22.93 0.82
N GLY B 278 17.27 -24.24 0.96
CA GLY B 278 16.00 -25.04 0.98
C GLY B 278 16.28 -26.54 1.20
N THR B 279 15.28 -27.29 1.64
CA THR B 279 15.58 -28.69 1.96
C THR B 279 16.10 -29.44 0.69
N ALA B 280 15.44 -29.26 -0.46
CA ALA B 280 15.74 -29.99 -1.71
C ALA B 280 17.17 -29.79 -2.22
N ALA B 281 17.57 -28.53 -2.29
CA ALA B 281 18.84 -28.15 -2.89
C ALA B 281 19.91 -27.76 -1.89
N GLU B 282 19.53 -27.52 -0.64
CA GLU B 282 20.50 -27.18 0.40
C GLU B 282 20.99 -25.75 0.17
N VAL B 283 22.28 -25.53 -0.10
CA VAL B 283 22.79 -24.18 -0.40
C VAL B 283 23.23 -24.03 -1.87
N THR B 284 22.48 -23.25 -2.65
CA THR B 284 22.78 -23.04 -4.07
C THR B 284 23.31 -21.65 -4.34
N PRO B 285 24.55 -21.53 -4.79
CA PRO B 285 25.00 -20.17 -5.12
C PRO B 285 24.27 -19.60 -6.33
N ILE B 286 24.07 -18.28 -6.31
CA ILE B 286 23.42 -17.49 -7.35
C ILE B 286 24.53 -16.64 -8.00
N ARG B 287 24.86 -16.89 -9.27
CA ARG B 287 25.96 -16.17 -9.90
C ARG B 287 25.48 -14.96 -10.76
N GLU B 288 24.16 -14.81 -10.88
CA GLU B 288 23.58 -13.79 -11.77
C GLU B 288 22.09 -13.55 -11.46
N LEU B 289 21.68 -12.29 -11.44
CA LEU B 289 20.26 -11.93 -11.30
C LEU B 289 19.92 -10.92 -12.34
N ASP B 290 18.89 -11.20 -13.11
CA ASP B 290 18.44 -10.27 -14.13
C ASP B 290 19.57 -9.88 -15.06
N ASN B 291 20.45 -10.84 -15.32
CA ASN B 291 21.57 -10.69 -16.24
C ASN B 291 22.66 -9.75 -15.75
N ARG B 292 22.66 -9.47 -14.44
CA ARG B 292 23.69 -8.72 -13.72
C ARG B 292 24.50 -9.72 -12.89
N THR B 293 25.75 -9.91 -13.27
CA THR B 293 26.68 -10.74 -12.50
C THR B 293 26.79 -10.34 -11.03
N ILE B 294 26.68 -11.32 -10.14
CA ILE B 294 26.89 -11.10 -8.72
C ILE B 294 28.35 -11.29 -8.45
N GLY B 295 29.02 -10.25 -7.96
CA GLY B 295 30.42 -10.31 -7.55
C GLY B 295 31.23 -10.68 -8.76
N GLY B 296 32.18 -11.59 -8.58
CA GLY B 296 32.96 -12.11 -9.70
C GLY B 296 32.25 -13.20 -10.52
N GLY B 297 30.99 -13.50 -10.27
CA GLY B 297 30.28 -14.53 -11.04
C GLY B 297 30.50 -15.99 -10.61
N ALA B 298 31.32 -16.19 -9.58
CA ALA B 298 31.66 -17.53 -9.07
C ALA B 298 31.02 -17.73 -7.72
N ARG B 299 31.07 -18.94 -7.19
CA ARG B 299 30.74 -19.17 -5.78
C ARG B 299 31.69 -18.36 -4.90
N GLY B 300 31.15 -17.62 -3.92
CA GLY B 300 31.93 -16.75 -3.02
C GLY B 300 32.51 -17.48 -1.81
N PRO B 301 33.52 -16.88 -1.15
CA PRO B 301 34.09 -17.59 0.01
C PRO B 301 33.11 -17.72 1.21
N ILE B 302 32.20 -16.77 1.43
CA ILE B 302 31.25 -17.00 2.52
C ILE B 302 30.34 -18.15 2.13
N THR B 303 29.82 -18.14 0.90
CA THR B 303 28.96 -19.22 0.44
C THR B 303 29.65 -20.61 0.56
N GLU B 304 30.92 -20.73 0.19
CA GLU B 304 31.69 -21.96 0.37
C GLU B 304 31.87 -22.39 1.84
N LYS B 305 32.32 -21.51 2.72
CA LYS B 305 32.44 -21.82 4.17
C LYS B 305 31.06 -22.36 4.73
N LEU B 306 30.02 -21.69 4.38
CA LEU B 306 28.73 -22.04 4.91
C LEU B 306 28.25 -23.38 4.31
N GLN B 307 28.52 -23.58 3.03
CA GLN B 307 28.11 -24.79 2.29
C GLN B 307 28.81 -26.03 2.87
N SER B 308 30.08 -25.86 3.20
CA SER B 308 30.89 -26.85 3.88
C SER B 308 30.44 -27.18 5.26
N ALA B 309 30.23 -26.15 6.08
CA ALA B 309 29.72 -26.35 7.43
C ALA B 309 28.38 -27.11 7.40
N PHE B 310 27.63 -26.90 6.32
CA PHE B 310 26.31 -27.54 6.19
C PHE B 310 26.51 -29.02 5.89
N PHE B 311 27.46 -29.31 4.99
CA PHE B 311 27.84 -30.67 4.60
C PHE B 311 28.29 -31.47 5.77
N ASP B 312 29.08 -30.86 6.64
CA ASP B 312 29.57 -31.53 7.82
C ASP B 312 28.45 -31.93 8.77
N VAL B 313 27.47 -31.06 8.89
CA VAL B 313 26.34 -31.28 9.79
C VAL B 313 25.36 -32.35 9.27
N VAL B 314 25.10 -32.40 7.97
CA VAL B 314 24.23 -33.44 7.42
C VAL B 314 24.92 -34.81 7.21
N ASN B 315 26.24 -34.83 7.11
CA ASN B 315 26.98 -36.10 7.00
C ASN B 315 27.43 -36.61 8.36
N GLY B 316 26.99 -35.92 9.41
CA GLY B 316 27.29 -36.35 10.78
C GLY B 316 28.78 -36.34 11.08
N LYS B 317 29.49 -35.33 10.58
CA LYS B 317 30.88 -35.08 10.95
C LYS B 317 30.96 -33.92 11.96
N SER B 318 29.88 -33.64 12.69
CA SER B 318 29.83 -32.52 13.62
C SER B 318 29.37 -32.97 14.99
N ALA B 319 30.26 -32.95 15.98
CA ALA B 319 29.90 -33.32 17.36
C ALA B 319 28.83 -32.34 17.89
N LYS B 320 29.07 -31.06 17.67
CA LYS B 320 28.20 -29.97 18.13
C LYS B 320 26.70 -30.14 17.77
N HIS B 321 26.40 -30.66 16.59
CA HIS B 321 25.02 -30.72 16.10
C HIS B 321 24.56 -32.13 15.85
N ALA B 322 25.03 -33.07 16.67
CA ALA B 322 24.66 -34.46 16.53
C ALA B 322 23.15 -34.61 16.71
N ASP B 323 22.57 -33.82 17.61
CA ASP B 323 21.15 -33.91 17.93
C ASP B 323 20.20 -33.47 16.79
N TRP B 324 20.75 -32.94 15.71
CA TRP B 324 19.99 -32.66 14.47
C TRP B 324 19.82 -33.89 13.59
N LEU B 325 20.50 -35.00 13.89
CA LEU B 325 20.39 -36.19 13.03
C LEU B 325 19.75 -37.31 13.79
N THR B 326 18.68 -37.90 13.24
CA THR B 326 17.99 -39.05 13.85
C THR B 326 18.19 -40.29 12.97
N LYS B 327 19.02 -41.20 13.47
CA LYS B 327 19.30 -42.48 12.79
C LYS B 327 18.02 -43.27 12.58
N ILE B 328 17.89 -43.88 11.42
CA ILE B 328 16.81 -44.82 11.13
C ILE B 328 17.11 -46.17 11.73
N SER C 23 -16.52 34.63 23.48
CA SER C 23 -16.65 33.15 23.54
C SER C 23 -17.97 32.64 22.94
N MET C 24 -17.92 31.53 22.20
CA MET C 24 -19.13 30.85 21.76
C MET C 24 -19.98 30.33 22.92
N ALA C 25 -19.35 30.16 24.09
CA ALA C 25 -20.01 29.70 25.33
C ALA C 25 -20.81 30.80 26.02
N ASP C 26 -20.40 32.04 25.84
CA ASP C 26 -20.96 33.20 26.54
C ASP C 26 -21.85 34.03 25.59
N ARG C 27 -23.09 33.57 25.44
CA ARG C 27 -24.10 34.19 24.57
C ARG C 27 -25.50 34.05 25.16
N ASP C 28 -26.38 34.97 24.77
CA ASP C 28 -27.80 34.86 25.04
C ASP C 28 -28.40 33.98 23.97
N GLY C 29 -29.62 33.50 24.18
CA GLY C 29 -30.26 32.66 23.21
C GLY C 29 -30.51 31.28 23.76
N LYS C 30 -30.85 30.37 22.87
CA LYS C 30 -31.38 29.08 23.27
C LYS C 30 -30.65 27.98 22.52
N ILE C 31 -30.36 26.89 23.24
CA ILE C 31 -29.80 25.67 22.66
C ILE C 31 -30.78 24.52 22.95
N TRP C 32 -31.01 23.67 21.97
CA TRP C 32 -31.84 22.49 22.21
C TRP C 32 -30.94 21.41 22.73
N MET C 33 -31.28 20.87 23.89
CA MET C 33 -30.44 19.82 24.50
C MET C 33 -31.31 18.76 25.11
N ASP C 34 -31.09 17.53 24.66
CA ASP C 34 -31.75 16.35 25.17
C ASP C 34 -33.23 16.51 25.41
N GLY C 35 -33.93 17.04 24.42
CA GLY C 35 -35.38 17.10 24.47
C GLY C 35 -35.97 18.48 24.67
N LYS C 36 -35.18 19.46 25.11
CA LYS C 36 -35.78 20.77 25.30
C LYS C 36 -34.87 21.99 25.13
N LEU C 37 -35.50 23.12 24.83
CA LEU C 37 -34.79 24.39 24.69
C LEU C 37 -34.33 24.79 26.07
N ILE C 38 -33.05 25.12 26.21
CA ILE C 38 -32.52 25.67 27.46
C ILE C 38 -31.76 26.98 27.18
N GLU C 39 -31.47 27.79 28.20
CA GLU C 39 -30.63 28.98 28.01
C GLU C 39 -29.28 28.55 27.54
N TRP C 40 -28.72 29.31 26.60
CA TRP C 40 -27.48 28.95 25.87
C TRP C 40 -26.36 28.57 26.78
N ARG C 41 -26.17 29.37 27.82
CA ARG C 41 -25.04 29.24 28.71
C ARG C 41 -25.15 28.01 29.59
N ASP C 42 -26.37 27.49 29.72
CA ASP C 42 -26.63 26.30 30.54
C ASP C 42 -26.37 24.99 29.78
N ALA C 43 -25.97 25.07 28.50
CA ALA C 43 -25.62 23.89 27.68
C ALA C 43 -24.20 23.44 28.03
N LYS C 44 -24.09 22.77 29.17
CA LYS C 44 -22.81 22.46 29.80
C LYS C 44 -22.68 20.95 30.07
N ILE C 45 -21.46 20.43 29.99
CA ILE C 45 -21.16 19.03 30.33
C ILE C 45 -19.86 18.92 31.15
N HIS C 46 -19.66 17.75 31.76
CA HIS C 46 -18.52 17.53 32.64
C HIS C 46 -17.28 17.19 31.84
N VAL C 47 -16.09 17.59 32.33
CA VAL C 47 -14.81 17.29 31.66
C VAL C 47 -14.58 15.78 31.50
N LEU C 48 -15.23 14.99 32.34
CA LEU C 48 -15.16 13.54 32.21
C LEU C 48 -16.28 13.05 31.26
N THR C 49 -16.38 13.66 30.09
CA THR C 49 -17.36 13.26 29.09
C THR C 49 -16.59 12.37 28.13
N HIS C 50 -17.15 11.19 27.85
CA HIS C 50 -16.47 10.17 27.05
C HIS C 50 -15.97 10.72 25.71
N THR C 51 -16.80 11.46 24.97
CA THR C 51 -16.40 11.99 23.68
C THR C 51 -15.20 12.94 23.76
N LEU C 52 -15.09 13.70 24.86
CA LEU C 52 -13.96 14.60 25.04
C LEU C 52 -12.65 13.83 25.10
N HIS C 53 -12.69 12.65 25.70
CA HIS C 53 -11.49 11.82 25.89
C HIS C 53 -11.19 10.91 24.72
N TYR C 54 -12.23 10.38 24.08
CA TYR C 54 -12.08 9.24 23.17
C TYR C 54 -12.60 9.47 21.74
N GLY C 55 -13.17 10.66 21.46
CA GLY C 55 -13.38 11.13 20.09
C GLY C 55 -14.59 10.64 19.34
N MET C 56 -15.38 9.75 19.95
CA MET C 56 -16.57 9.18 19.30
C MET C 56 -17.77 10.04 19.60
N GLY C 57 -18.07 10.89 18.61
CA GLY C 57 -19.24 11.77 18.61
C GLY C 57 -19.44 12.17 17.16
N VAL C 58 -20.65 12.56 16.79
CA VAL C 58 -20.96 12.87 15.40
C VAL C 58 -21.70 14.21 15.32
N PHE C 59 -21.50 14.95 14.25
CA PHE C 59 -22.15 16.23 14.14
C PHE C 59 -22.53 16.57 12.71
N GLU C 60 -23.21 17.68 12.53
CA GLU C 60 -23.59 18.16 11.21
C GLU C 60 -23.40 19.68 11.11
N GLY C 61 -23.31 20.15 9.88
CA GLY C 61 -23.35 21.58 9.55
C GLY C 61 -24.50 21.81 8.59
N VAL C 62 -25.42 22.69 8.93
CA VAL C 62 -26.60 22.93 8.12
C VAL C 62 -26.79 24.44 8.06
N ARG C 63 -27.15 24.99 6.91
CA ARG C 63 -27.44 26.44 6.78
C ARG C 63 -28.90 26.71 6.56
N ALA C 64 -29.32 27.87 7.08
CA ALA C 64 -30.56 28.49 6.72
C ALA C 64 -30.21 29.75 5.92
N TYR C 65 -31.07 30.05 4.95
CA TYR C 65 -30.92 31.21 4.11
C TYR C 65 -32.18 32.07 4.17
N LYS C 66 -31.97 33.37 3.99
CA LYS C 66 -33.02 34.32 3.58
C LYS C 66 -33.38 34.03 2.15
N THR C 67 -34.63 33.73 1.85
CA THR C 67 -35.00 33.42 0.47
C THR C 67 -35.64 34.61 -0.24
N ALA C 68 -35.69 34.54 -1.57
CA ALA C 68 -36.08 35.67 -2.41
C ALA C 68 -37.31 36.40 -1.83
N ASP C 69 -38.35 35.64 -1.51
CA ASP C 69 -39.55 36.20 -0.87
C ASP C 69 -39.39 36.82 0.54
N GLY C 70 -38.19 36.85 1.10
CA GLY C 70 -37.97 37.42 2.42
C GLY C 70 -38.06 36.43 3.58
N GLY C 71 -38.56 35.22 3.32
CA GLY C 71 -38.60 34.18 4.33
C GLY C 71 -37.20 33.65 4.65
N THR C 72 -37.14 32.81 5.67
CA THR C 72 -35.93 32.07 6.01
C THR C 72 -36.21 30.54 5.95
N ALA C 73 -35.24 29.77 5.47
CA ALA C 73 -35.50 28.36 5.22
C ALA C 73 -34.18 27.62 5.32
N ILE C 74 -34.21 26.39 5.85
CA ILE C 74 -33.03 25.55 5.98
C ILE C 74 -32.80 24.78 4.68
N PHE C 75 -31.55 24.67 4.22
CA PHE C 75 -31.25 23.95 2.98
C PHE C 75 -30.95 22.46 3.25
N ARG C 76 -31.82 21.61 2.69
CA ARG C 76 -31.69 20.16 2.71
C ARG C 76 -31.64 19.62 4.13
N LEU C 77 -32.71 19.91 4.87
CA LEU C 77 -32.78 19.58 6.29
C LEU C 77 -32.90 18.07 6.47
N LYS C 78 -33.75 17.45 5.64
CA LYS C 78 -34.03 16.01 5.69
C LYS C 78 -32.74 15.21 5.54
N GLU C 79 -31.98 15.56 4.52
CA GLU C 79 -30.71 14.90 4.16
C GLU C 79 -29.60 15.08 5.20
N HIS C 80 -29.47 16.28 5.76
CA HIS C 80 -28.53 16.52 6.84
C HIS C 80 -28.90 15.73 8.09
N THR C 81 -30.18 15.70 8.47
CA THR C 81 -30.55 14.95 9.63
C THR C 81 -30.38 13.44 9.41
N LYS C 82 -30.66 12.95 8.20
CA LYS C 82 -30.51 11.55 7.90
C LYS C 82 -29.07 11.15 8.03
N ARG C 83 -28.20 12.04 7.56
CA ARG C 83 -26.76 11.75 7.60
C ARG C 83 -26.26 11.74 9.04
N LEU C 84 -26.84 12.61 9.86
CA LEU C 84 -26.55 12.61 11.29
C LEU C 84 -26.97 11.30 11.98
N LEU C 85 -28.19 10.83 11.75
CA LEU C 85 -28.61 9.58 12.39
C LEU C 85 -27.84 8.38 11.77
N ASN C 86 -27.52 8.46 10.49
CA ASN C 86 -26.65 7.47 9.89
C ASN C 86 -25.23 7.43 10.46
N SER C 87 -24.71 8.59 10.84
CA SER C 87 -23.37 8.66 11.41
C SER C 87 -23.39 7.93 12.79
N ALA C 88 -24.42 8.23 13.59
CA ALA C 88 -24.67 7.51 14.83
C ALA C 88 -24.80 6.01 14.58
N LYS C 89 -25.64 5.60 13.61
CA LYS C 89 -25.86 4.21 13.32
C LYS C 89 -24.56 3.45 13.04
N ILE C 90 -23.68 4.10 12.30
CA ILE C 90 -22.39 3.54 11.97
C ILE C 90 -21.61 3.21 13.24
N PHE C 91 -21.72 4.09 14.24
CA PHE C 91 -21.02 3.94 15.50
C PHE C 91 -21.76 3.08 16.51
N GLN C 92 -22.92 2.56 16.11
CA GLN C 92 -23.85 1.85 17.00
C GLN C 92 -24.25 2.67 18.21
N MET C 93 -24.41 3.97 18.01
CA MET C 93 -24.89 4.89 19.00
C MET C 93 -26.42 4.99 18.85
N ASP C 94 -27.14 4.62 19.91
CA ASP C 94 -28.59 4.55 19.89
C ASP C 94 -29.10 5.98 20.26
N VAL C 95 -29.64 6.69 19.27
CA VAL C 95 -30.02 8.09 19.47
C VAL C 95 -31.44 8.14 19.98
N PRO C 96 -31.66 8.76 21.14
CA PRO C 96 -33.00 8.66 21.69
C PRO C 96 -34.04 9.58 21.09
N PHE C 97 -33.85 10.06 19.86
CA PHE C 97 -34.84 10.89 19.18
C PHE C 97 -34.92 10.44 17.74
N ASP C 98 -36.12 10.49 17.15
CA ASP C 98 -36.28 10.11 15.74
C ASP C 98 -36.05 11.32 14.84
N GLN C 99 -35.96 11.08 13.54
CA GLN C 99 -35.62 12.11 12.59
C GLN C 99 -36.60 13.28 12.60
N GLU C 100 -37.90 13.01 12.68
CA GLU C 100 -38.95 14.07 12.71
C GLU C 100 -38.68 15.03 13.89
N THR C 101 -38.25 14.45 15.00
CA THR C 101 -38.01 15.19 16.22
C THR C 101 -36.77 16.07 16.06
N LEU C 102 -35.69 15.55 15.47
CA LEU C 102 -34.54 16.40 15.24
C LEU C 102 -34.75 17.46 14.10
N GLU C 103 -35.56 17.15 13.08
CA GLU C 103 -35.88 18.16 12.05
C GLU C 103 -36.75 19.25 12.72
N ALA C 104 -37.78 18.86 13.48
CA ALA C 104 -38.53 19.87 14.23
C ALA C 104 -37.63 20.72 15.15
N ALA C 105 -36.75 20.08 15.94
CA ALA C 105 -35.88 20.82 16.88
C ALA C 105 -34.95 21.82 16.20
N GLN C 106 -34.37 21.45 15.08
CA GLN C 106 -33.55 22.39 14.36
C GLN C 106 -34.25 23.67 13.95
N ARG C 107 -35.49 23.50 13.46
CA ARG C 107 -36.30 24.65 13.08
C ARG C 107 -36.58 25.52 14.29
N ASP C 108 -36.88 24.87 15.42
CA ASP C 108 -37.16 25.57 16.69
C ASP C 108 -35.96 26.41 17.14
N VAL C 109 -34.74 25.88 16.99
CA VAL C 109 -33.54 26.64 17.35
C VAL C 109 -33.35 27.93 16.48
N VAL C 110 -33.67 27.84 15.19
CA VAL C 110 -33.62 29.02 14.33
C VAL C 110 -34.71 30.00 14.76
N ARG C 111 -35.92 29.46 14.97
CA ARG C 111 -37.04 30.30 15.33
C ARG C 111 -36.81 31.04 16.63
N GLU C 112 -36.35 30.35 17.69
CA GLU C 112 -36.30 30.99 19.02
C GLU C 112 -35.14 31.93 19.19
N ASN C 113 -34.14 31.76 18.34
CA ASN C 113 -32.98 32.62 18.41
C ASN C 113 -33.15 33.80 17.45
N LYS C 114 -34.35 33.94 16.87
CA LYS C 114 -34.66 35.03 15.94
C LYS C 114 -33.59 35.16 14.84
N LEU C 115 -33.14 34.04 14.31
CA LEU C 115 -32.07 34.05 13.30
C LEU C 115 -32.70 33.98 11.93
N GLU C 116 -31.98 34.50 10.94
CA GLU C 116 -32.40 34.37 9.57
C GLU C 116 -31.31 33.55 8.86
N SER C 117 -30.46 34.19 8.08
CA SER C 117 -29.28 33.50 7.55
C SER C 117 -28.46 33.05 8.74
N CYS C 118 -28.22 31.75 8.85
CA CYS C 118 -27.38 31.22 9.93
C CYS C 118 -26.90 29.82 9.65
N TYR C 119 -26.03 29.36 10.56
CA TYR C 119 -25.41 28.06 10.57
C TYR C 119 -25.87 27.29 11.82
N LEU C 120 -26.39 26.08 11.57
CA LEU C 120 -26.83 25.12 12.60
C LEU C 120 -25.78 24.05 12.84
N ARG C 121 -25.61 23.68 14.12
CA ARG C 121 -24.67 22.63 14.53
C ARG C 121 -25.34 21.67 15.51
N PRO C 122 -25.99 20.62 15.00
CA PRO C 122 -26.40 19.49 15.85
C PRO C 122 -25.17 18.68 16.17
N ILE C 123 -25.11 18.14 17.40
CA ILE C 123 -24.03 17.26 17.79
C ILE C 123 -24.58 16.23 18.75
N ILE C 124 -24.07 15.01 18.56
CA ILE C 124 -24.46 13.83 19.33
C ILE C 124 -23.16 13.24 19.92
N TRP C 125 -23.20 13.04 21.23
CA TRP C 125 -22.04 12.60 21.94
C TRP C 125 -22.33 11.63 23.07
N ILE C 126 -21.25 11.05 23.59
CA ILE C 126 -21.34 10.00 24.58
C ILE C 126 -20.94 10.64 25.91
N GLY C 127 -21.82 10.50 26.89
CA GLY C 127 -21.73 11.24 28.15
C GLY C 127 -20.80 10.72 29.23
N SER C 128 -21.23 10.95 30.47
CA SER C 128 -20.30 10.99 31.58
C SER C 128 -20.44 9.86 32.60
N GLU C 129 -21.33 8.90 32.39
CA GLU C 129 -21.57 7.86 33.41
C GLU C 129 -20.32 7.01 33.71
N LYS C 130 -19.57 6.65 32.67
CA LYS C 130 -18.38 5.83 32.79
C LYS C 130 -17.31 6.34 31.83
N LEU C 131 -16.09 6.48 32.33
CA LEU C 131 -14.96 6.74 31.44
C LEU C 131 -14.39 5.36 31.15
N GLY C 132 -13.26 5.26 30.48
CA GLY C 132 -12.84 3.94 30.01
C GLY C 132 -13.33 3.72 28.59
N VAL C 133 -12.38 3.36 27.72
CA VAL C 133 -12.62 3.14 26.30
C VAL C 133 -13.93 2.37 26.03
N SER C 134 -14.06 1.23 26.69
CA SER C 134 -15.07 0.27 26.36
C SER C 134 -16.35 0.44 27.13
N ALA C 135 -16.58 1.62 27.68
CA ALA C 135 -17.77 1.88 28.49
C ALA C 135 -19.02 1.66 27.63
N LYS C 136 -19.94 0.87 28.19
CA LYS C 136 -21.28 0.63 27.65
C LYS C 136 -22.23 1.22 28.69
N GLY C 137 -23.37 1.74 28.27
CA GLY C 137 -24.34 2.30 29.21
C GLY C 137 -24.24 3.80 29.44
N ASN C 138 -23.43 4.52 28.65
CA ASN C 138 -23.39 5.99 28.76
C ASN C 138 -24.62 6.60 28.10
N THR C 139 -25.08 7.75 28.56
CA THR C 139 -26.14 8.48 27.89
C THR C 139 -25.65 8.96 26.49
N ILE C 140 -26.53 8.89 25.51
CA ILE C 140 -26.18 9.45 24.22
C ILE C 140 -26.87 10.80 24.20
N HIS C 141 -26.08 11.88 24.30
CA HIS C 141 -26.65 13.25 24.39
C HIS C 141 -26.86 13.84 23.01
N VAL C 142 -27.83 14.77 22.89
CA VAL C 142 -27.95 15.57 21.67
C VAL C 142 -28.06 17.07 21.97
N ALA C 143 -27.42 17.90 21.16
CA ALA C 143 -27.52 19.36 21.38
C ALA C 143 -27.58 20.03 20.02
N ILE C 144 -28.39 21.08 19.88
CA ILE C 144 -28.43 21.86 18.64
C ILE C 144 -28.30 23.33 18.98
N ALA C 145 -27.30 23.96 18.38
CA ALA C 145 -26.98 25.35 18.53
C ALA C 145 -27.01 25.98 17.15
N ALA C 146 -27.09 27.30 17.09
CA ALA C 146 -27.12 28.00 15.79
C ALA C 146 -26.67 29.42 15.97
N TRP C 147 -26.05 29.97 14.94
CA TRP C 147 -25.53 31.34 15.00
C TRP C 147 -25.52 32.01 13.63
N PRO C 148 -25.51 33.37 13.58
CA PRO C 148 -25.55 34.12 12.30
C PRO C 148 -24.45 33.76 11.31
N TRP C 149 -24.79 33.68 10.01
CA TRP C 149 -23.84 33.36 8.93
C TRP C 149 -24.41 33.86 7.65
N GLY C 157 -12.79 35.76 -2.46
CA GLY C 157 -12.90 34.35 -2.08
C GLY C 157 -13.77 33.62 -3.08
N LEU C 158 -15.09 33.73 -2.90
CA LEU C 158 -16.10 33.12 -3.80
C LEU C 158 -16.21 33.78 -5.23
N ALA C 159 -15.93 35.06 -5.34
CA ALA C 159 -15.93 35.70 -6.67
C ALA C 159 -14.53 35.57 -7.27
N LYS C 160 -13.52 35.51 -6.40
CA LYS C 160 -12.13 35.78 -6.78
C LYS C 160 -11.36 34.55 -7.09
N GLY C 161 -11.27 33.68 -6.04
CA GLY C 161 -10.50 32.43 -6.00
C GLY C 161 -9.55 32.38 -4.82
N ILE C 162 -9.29 31.17 -4.29
CA ILE C 162 -8.36 31.03 -3.16
C ILE C 162 -7.06 30.32 -3.62
N ARG C 163 -6.03 30.48 -2.81
CA ARG C 163 -4.77 29.84 -2.98
C ARG C 163 -4.67 28.61 -2.02
N VAL C 164 -4.38 27.44 -2.60
CA VAL C 164 -4.40 26.19 -1.89
C VAL C 164 -3.02 25.55 -1.86
N LYS C 165 -2.74 24.85 -0.77
CA LYS C 165 -1.50 24.09 -0.62
C LYS C 165 -1.81 22.60 -0.39
N THR C 166 -1.18 21.72 -1.17
CA THR C 166 -1.27 20.28 -0.91
C THR C 166 -0.55 19.93 0.41
N SER C 167 -1.27 19.26 1.32
CA SER C 167 -0.77 18.92 2.66
C SER C 167 0.24 17.78 2.59
N SER C 168 1.22 17.83 3.50
CA SER C 168 2.12 16.69 3.76
C SER C 168 1.49 15.62 4.65
N PHE C 169 0.27 15.88 5.18
CA PHE C 169 -0.47 14.86 5.93
C PHE C 169 -1.40 14.17 4.96
N THR C 170 -1.56 12.87 5.15
CA THR C 170 -2.35 12.04 4.29
C THR C 170 -3.77 11.98 4.84
N ARG C 171 -4.72 11.86 3.96
CA ARG C 171 -6.13 11.79 4.35
C ARG C 171 -6.50 10.35 4.84
N HIS C 172 -7.55 10.27 5.65
CA HIS C 172 -8.06 8.98 6.26
C HIS C 172 -8.02 7.72 5.39
N HIS C 173 -7.60 6.61 5.98
CA HIS C 173 -7.75 5.26 5.43
C HIS C 173 -9.16 4.75 5.72
N VAL C 174 -9.86 4.22 4.70
CA VAL C 174 -11.26 3.85 4.84
C VAL C 174 -11.59 2.62 5.72
N ASN C 175 -10.59 1.88 6.17
CA ASN C 175 -10.79 0.82 7.15
C ASN C 175 -10.14 1.09 8.53
N VAL C 176 -9.64 2.30 8.70
CA VAL C 176 -9.13 2.76 9.99
C VAL C 176 -10.20 3.69 10.56
N SER C 177 -10.60 4.66 9.73
CA SER C 177 -11.74 5.56 10.05
C SER C 177 -12.94 5.24 9.17
N MET C 178 -14.13 5.40 9.73
CA MET C 178 -15.35 5.21 8.97
C MET C 178 -15.70 6.59 8.36
N VAL C 179 -15.31 6.79 7.12
CA VAL C 179 -15.34 8.09 6.48
C VAL C 179 -16.71 8.56 6.09
N ARG C 180 -17.71 7.68 6.08
CA ARG C 180 -19.12 8.10 5.86
C ARG C 180 -19.78 8.63 7.11
N ALA C 181 -19.17 8.38 8.27
CA ALA C 181 -19.59 9.02 9.55
C ALA C 181 -18.85 10.33 9.82
N LYS C 182 -19.63 11.38 10.08
CA LYS C 182 -19.07 12.72 10.30
C LYS C 182 -18.76 12.86 11.79
N ALA C 183 -17.56 12.41 12.15
CA ALA C 183 -17.15 12.06 13.52
C ALA C 183 -16.13 13.06 14.07
N SER C 184 -16.28 13.40 15.36
CA SER C 184 -15.39 14.35 16.04
C SER C 184 -13.95 13.98 15.79
N GLY C 185 -13.60 12.73 16.05
CA GLY C 185 -12.22 12.29 15.94
C GLY C 185 -11.56 12.41 14.59
N TRP C 186 -12.34 12.44 13.50
CA TRP C 186 -11.73 12.55 12.16
C TRP C 186 -11.10 13.87 11.88
N TYR C 187 -11.44 14.89 12.66
CA TYR C 187 -11.02 16.28 12.34
C TYR C 187 -9.66 16.66 12.86
N VAL C 188 -9.03 15.78 13.63
CA VAL C 188 -7.63 16.00 14.01
C VAL C 188 -6.75 16.13 12.75
N ASN C 189 -6.95 15.20 11.85
CA ASN C 189 -6.32 15.20 10.53
C ASN C 189 -6.59 16.52 9.76
N SER C 190 -7.85 16.97 9.76
CA SER C 190 -8.21 18.25 9.12
C SER C 190 -7.54 19.47 9.75
N ILE C 191 -7.40 19.47 11.09
CA ILE C 191 -6.74 20.58 11.82
C ILE C 191 -5.27 20.65 11.48
N LEU C 192 -4.60 19.49 11.47
CA LEU C 192 -3.16 19.42 11.15
C LEU C 192 -2.91 19.97 9.72
N ALA C 193 -3.72 19.55 8.76
CA ALA C 193 -3.53 19.95 7.35
C ALA C 193 -3.78 21.44 7.22
N ASN C 194 -4.89 21.91 7.81
CA ASN C 194 -5.25 23.30 7.65
C ASN C 194 -4.24 24.25 8.31
N GLN C 195 -3.76 23.87 9.48
CA GLN C 195 -2.72 24.64 10.16
C GLN C 195 -1.42 24.65 9.37
N GLU C 196 -1.07 23.54 8.73
CA GLU C 196 0.11 23.50 7.89
C GLU C 196 -0.03 24.50 6.70
N ALA C 197 -1.18 24.47 6.04
CA ALA C 197 -1.47 25.47 4.98
C ALA C 197 -1.41 26.95 5.43
N THR C 198 -2.15 27.30 6.48
CA THR C 198 -2.29 28.72 6.84
C THR C 198 -1.00 29.29 7.49
N ALA C 199 -0.21 28.44 8.17
CA ALA C 199 1.10 28.86 8.71
C ALA C 199 2.01 29.36 7.63
N ASP C 200 1.93 28.78 6.44
CA ASP C 200 2.74 29.29 5.33
C ASP C 200 2.01 30.29 4.41
N GLY C 201 0.88 30.83 4.86
CA GLY C 201 0.20 31.95 4.18
C GLY C 201 -0.78 31.53 3.09
N TYR C 202 -1.12 30.23 2.98
CA TYR C 202 -2.12 29.74 2.02
C TYR C 202 -3.49 29.84 2.66
N ASP C 203 -4.53 29.81 1.84
CA ASP C 203 -5.90 29.88 2.32
C ASP C 203 -6.50 28.57 2.86
N GLU C 204 -6.17 27.45 2.20
N GLU C 204 -6.09 27.44 2.29
CA GLU C 204 -6.69 26.13 2.57
CA GLU C 204 -6.64 26.15 2.68
C GLU C 204 -5.65 25.06 2.22
C GLU C 204 -5.78 25.03 2.11
N ALA C 205 -5.88 23.85 2.72
CA ALA C 205 -5.04 22.68 2.38
C ALA C 205 -5.79 21.76 1.42
N LEU C 206 -5.08 21.04 0.58
CA LEU C 206 -5.64 19.92 -0.17
C LEU C 206 -4.91 18.67 0.30
N LEU C 207 -5.66 17.61 0.57
CA LEU C 207 -5.08 16.35 1.07
C LEU C 207 -5.15 15.25 0.02
N LEU C 208 -4.05 14.50 -0.12
CA LEU C 208 -3.94 13.32 -0.96
C LEU C 208 -4.25 12.08 -0.12
N ASP C 209 -4.71 11.00 -0.77
CA ASP C 209 -5.09 9.79 -0.09
C ASP C 209 -3.86 8.94 0.06
N VAL C 210 -4.04 7.77 0.67
CA VAL C 210 -2.88 6.93 0.99
C VAL C 210 -2.19 6.43 -0.27
N ASP C 211 -2.86 6.49 -1.43
CA ASP C 211 -2.24 6.14 -2.74
C ASP C 211 -1.63 7.32 -3.54
N GLY C 212 -1.76 8.51 -2.99
CA GLY C 212 -1.16 9.68 -3.67
C GLY C 212 -2.07 10.47 -4.58
N TYR C 213 -3.38 10.12 -4.58
CA TYR C 213 -4.36 10.79 -5.43
C TYR C 213 -5.14 11.83 -4.61
N VAL C 214 -5.62 12.89 -5.28
CA VAL C 214 -6.33 13.96 -4.63
C VAL C 214 -7.57 13.42 -3.98
N SER C 215 -7.84 13.79 -2.72
CA SER C 215 -9.03 13.31 -2.00
C SER C 215 -9.98 14.46 -1.71
N GLU C 216 -9.58 15.38 -0.88
CA GLU C 216 -10.42 16.52 -0.57
C GLU C 216 -9.67 17.61 0.17
N GLY C 217 -10.36 18.71 0.46
CA GLY C 217 -9.79 19.76 1.31
C GLY C 217 -10.02 19.36 2.75
N SER C 218 -9.51 20.14 3.70
CA SER C 218 -9.62 19.73 5.08
C SER C 218 -11.08 19.75 5.54
N GLY C 219 -11.93 20.56 4.95
CA GLY C 219 -13.40 20.46 5.26
C GLY C 219 -14.34 20.62 4.07
N GLU C 220 -13.86 20.32 2.86
CA GLU C 220 -14.64 20.52 1.64
C GLU C 220 -14.27 19.48 0.57
N ASN C 221 -15.22 19.14 -0.28
CA ASN C 221 -14.94 18.29 -1.40
C ASN C 221 -14.29 19.12 -2.54
N PHE C 222 -13.61 18.41 -3.42
CA PHE C 222 -12.85 19.03 -4.48
C PHE C 222 -13.39 18.63 -5.84
N PHE C 223 -13.41 19.62 -6.76
CA PHE C 223 -13.78 19.43 -8.14
C PHE C 223 -12.76 20.09 -9.04
N LEU C 224 -12.66 19.58 -10.27
CA LEU C 224 -11.85 20.17 -11.31
C LEU C 224 -12.70 20.20 -12.61
N VAL C 225 -12.47 21.21 -13.43
CA VAL C 225 -13.10 21.32 -14.74
C VAL C 225 -12.02 21.13 -15.81
N ASN C 226 -12.29 20.31 -16.82
CA ASN C 226 -11.34 20.26 -17.97
C ASN C 226 -12.08 19.90 -19.25
N ARG C 227 -11.80 20.64 -20.33
CA ARG C 227 -12.56 20.55 -21.60
C ARG C 227 -14.05 20.46 -21.41
N GLY C 228 -14.59 21.31 -20.58
CA GLY C 228 -16.06 21.40 -20.46
C GLY C 228 -16.73 20.33 -19.62
N LYS C 229 -15.97 19.39 -19.07
CA LYS C 229 -16.48 18.35 -18.16
C LYS C 229 -16.00 18.55 -16.73
N LEU C 230 -16.80 18.07 -15.78
CA LEU C 230 -16.61 18.30 -14.35
C LEU C 230 -16.08 16.97 -13.77
N TYR C 231 -14.91 17.00 -13.12
CA TYR C 231 -14.35 15.82 -12.51
C TYR C 231 -14.31 15.96 -11.03
N THR C 232 -14.36 14.86 -10.31
CA THR C 232 -14.25 14.91 -8.84
C THR C 232 -13.82 13.56 -8.33
N PRO C 233 -13.03 13.49 -7.23
CA PRO C 233 -12.54 12.22 -6.76
C PRO C 233 -13.68 11.26 -6.50
N ASP C 234 -13.45 9.99 -6.75
CA ASP C 234 -14.60 9.13 -6.57
C ASP C 234 -14.90 9.15 -5.05
N LEU C 235 -16.14 8.85 -4.73
CA LEU C 235 -16.54 8.71 -3.33
C LEU C 235 -15.88 7.47 -2.73
N ALA C 236 -14.59 7.60 -2.37
CA ALA C 236 -13.73 6.56 -1.80
C ALA C 236 -13.36 7.03 -0.37
N SER C 237 -12.19 7.64 -0.19
CA SER C 237 -11.81 8.23 1.13
C SER C 237 -12.44 9.60 1.50
N CYS C 238 -12.96 10.33 0.51
CA CYS C 238 -13.51 11.66 0.77
C CYS C 238 -14.89 11.56 1.43
N LEU C 239 -15.32 12.65 2.06
CA LEU C 239 -16.63 12.68 2.69
C LEU C 239 -17.69 12.75 1.59
N ASP C 240 -18.83 12.09 1.84
CA ASP C 240 -20.06 12.19 1.02
C ASP C 240 -20.79 13.57 1.19
N GLY C 241 -20.21 14.62 0.64
CA GLY C 241 -20.78 15.97 0.89
C GLY C 241 -22.18 16.24 0.35
N ILE C 242 -23.02 16.91 1.12
CA ILE C 242 -24.32 17.30 0.62
C ILE C 242 -24.22 18.42 -0.40
N THR C 243 -23.28 19.33 -0.20
CA THR C 243 -22.97 20.35 -1.22
C THR C 243 -22.40 19.72 -2.47
N ARG C 244 -21.52 18.74 -2.28
CA ARG C 244 -21.01 17.91 -3.41
C ARG C 244 -22.15 17.32 -4.22
N ASP C 245 -23.06 16.64 -3.57
CA ASP C 245 -24.25 16.09 -4.22
C ASP C 245 -25.13 17.14 -4.94
N THR C 246 -25.40 18.25 -4.26
CA THR C 246 -26.15 19.34 -4.83
C THR C 246 -25.57 19.81 -6.15
N VAL C 247 -24.25 20.02 -6.20
CA VAL C 247 -23.54 20.53 -7.36
C VAL C 247 -23.38 19.52 -8.53
N ILE C 248 -23.15 18.26 -8.19
CA ILE C 248 -23.31 17.16 -9.16
C ILE C 248 -24.68 17.14 -9.83
N THR C 249 -25.70 17.24 -9.01
CA THR C 249 -27.09 17.27 -9.55
C THR C 249 -27.25 18.49 -10.49
N LEU C 250 -27.00 19.67 -9.97
CA LEU C 250 -27.07 20.87 -10.80
C LEU C 250 -26.27 20.72 -12.10
N ALA C 251 -25.05 20.19 -12.02
CA ALA C 251 -24.19 20.04 -13.22
C ALA C 251 -24.89 19.15 -14.24
N LYS C 252 -25.35 17.98 -13.79
CA LYS C 252 -26.05 17.06 -14.67
C LYS C 252 -27.26 17.72 -15.31
N GLU C 253 -28.03 18.46 -14.51
CA GLU C 253 -29.25 19.13 -15.04
C GLU C 253 -28.92 20.22 -16.06
N ALA C 254 -27.75 20.84 -15.97
CA ALA C 254 -27.28 21.78 -16.99
C ALA C 254 -26.63 21.09 -18.22
N GLY C 255 -26.64 19.76 -18.29
CA GLY C 255 -26.01 19.07 -19.39
C GLY C 255 -24.48 18.99 -19.33
N ILE C 256 -23.87 19.21 -18.17
CA ILE C 256 -22.40 19.06 -18.03
C ILE C 256 -22.14 17.61 -17.69
N GLU C 257 -21.19 16.98 -18.37
CA GLU C 257 -20.82 15.61 -18.04
C GLU C 257 -20.00 15.64 -16.72
N VAL C 258 -20.40 14.79 -15.77
CA VAL C 258 -19.70 14.62 -14.52
C VAL C 258 -19.00 13.27 -14.47
N ILE C 259 -17.71 13.28 -14.14
CA ILE C 259 -16.87 12.08 -14.08
C ILE C 259 -16.15 11.92 -12.71
N GLU C 260 -16.32 10.76 -12.08
CA GLU C 260 -15.77 10.50 -10.77
C GLU C 260 -14.62 9.60 -11.03
N LYS C 261 -13.42 10.04 -10.72
CA LYS C 261 -12.25 9.23 -10.98
C LYS C 261 -11.12 9.56 -10.04
N ARG C 262 -10.07 8.79 -10.13
CA ARG C 262 -8.83 9.12 -9.40
C ARG C 262 -8.11 10.25 -10.09
N ILE C 263 -7.81 11.32 -9.37
CA ILE C 263 -7.24 12.59 -9.91
C ILE C 263 -5.83 12.79 -9.30
N THR C 264 -4.79 12.89 -10.13
CA THR C 264 -3.45 13.20 -9.66
C THR C 264 -3.29 14.71 -9.47
N ARG C 265 -2.34 15.08 -8.61
CA ARG C 265 -2.16 16.49 -8.26
C ARG C 265 -1.83 17.34 -9.49
N ASP C 266 -1.05 16.76 -10.39
CA ASP C 266 -0.67 17.46 -11.56
C ASP C 266 -1.75 17.52 -12.66
N GLU C 267 -2.88 16.78 -12.54
CA GLU C 267 -4.08 17.07 -13.33
C GLU C 267 -4.69 18.36 -12.81
N VAL C 268 -4.62 18.59 -11.49
CA VAL C 268 -5.04 19.90 -10.98
C VAL C 268 -4.21 21.06 -11.50
N TYR C 269 -2.86 20.92 -11.56
CA TYR C 269 -2.04 22.00 -12.05
C TYR C 269 -2.39 22.38 -13.49
N THR C 270 -2.84 21.41 -14.27
CA THR C 270 -3.02 21.63 -15.68
C THR C 270 -4.52 21.73 -16.00
N ALA C 271 -5.35 21.78 -15.00
CA ALA C 271 -6.82 21.92 -15.24
C ALA C 271 -7.23 23.31 -15.71
N ASP C 272 -8.46 23.41 -16.26
CA ASP C 272 -8.99 24.69 -16.72
C ASP C 272 -9.58 25.46 -15.54
N GLU C 273 -10.24 24.74 -14.62
CA GLU C 273 -10.75 25.31 -13.39
C GLU C 273 -10.73 24.31 -12.21
N ALA C 274 -10.87 24.82 -10.99
CA ALA C 274 -10.97 23.94 -9.84
C ALA C 274 -11.77 24.68 -8.78
N PHE C 275 -12.46 23.92 -7.92
CA PHE C 275 -13.16 24.50 -6.81
C PHE C 275 -13.39 23.52 -5.65
N PHE C 276 -13.80 24.07 -4.50
CA PHE C 276 -14.26 23.34 -3.31
C PHE C 276 -15.77 23.56 -3.11
N THR C 277 -16.41 22.61 -2.48
CA THR C 277 -17.79 22.66 -2.04
C THR C 277 -17.92 22.23 -0.55
N GLY C 278 -18.81 22.90 0.17
CA GLY C 278 -19.12 22.52 1.54
C GLY C 278 -20.25 23.37 2.02
N THR C 279 -20.85 22.97 3.12
CA THR C 279 -21.95 23.76 3.67
C THR C 279 -21.55 25.23 3.98
N ALA C 280 -20.44 25.42 4.69
CA ALA C 280 -19.91 26.73 4.98
C ALA C 280 -19.26 27.37 3.74
N ALA C 281 -18.36 26.67 3.05
CA ALA C 281 -17.78 27.16 1.75
C ALA C 281 -18.85 27.66 0.73
N GLU C 282 -19.81 26.78 0.44
CA GLU C 282 -20.67 26.84 -0.73
C GLU C 282 -19.72 26.46 -1.83
N VAL C 283 -19.73 27.14 -2.99
CA VAL C 283 -18.77 26.83 -4.04
C VAL C 283 -17.66 27.85 -3.98
N THR C 284 -16.44 27.44 -3.65
CA THR C 284 -15.30 28.34 -3.64
C THR C 284 -14.30 28.02 -4.73
N PRO C 285 -14.03 29.00 -5.62
CA PRO C 285 -13.00 28.76 -6.66
C PRO C 285 -11.62 28.66 -6.11
N ILE C 286 -10.78 27.83 -6.72
CA ILE C 286 -9.38 27.69 -6.38
C ILE C 286 -8.58 28.26 -7.54
N ARG C 287 -7.83 29.33 -7.30
CA ARG C 287 -7.08 29.95 -8.38
C ARG C 287 -5.64 29.53 -8.47
N GLU C 288 -5.13 28.80 -7.46
CA GLU C 288 -3.72 28.42 -7.41
C GLU C 288 -3.60 27.22 -6.47
N LEU C 289 -2.88 26.20 -6.91
CA LEU C 289 -2.51 25.06 -6.07
C LEU C 289 -1.00 24.91 -6.11
N ASP C 290 -0.34 24.91 -4.95
CA ASP C 290 1.10 24.71 -4.85
C ASP C 290 1.82 25.75 -5.69
N ASN C 291 1.28 26.96 -5.69
CA ASN C 291 1.86 28.05 -6.47
C ASN C 291 1.84 27.84 -7.99
N ARG C 292 1.03 26.89 -8.49
CA ARG C 292 0.76 26.80 -9.91
C ARG C 292 -0.61 27.40 -10.16
N THR C 293 -0.67 28.38 -11.05
CA THR C 293 -1.93 29.01 -11.44
C THR C 293 -2.84 28.01 -12.09
N ILE C 294 -4.09 28.02 -11.68
CA ILE C 294 -5.11 27.18 -12.31
C ILE C 294 -5.84 28.02 -13.38
N GLY C 295 -5.66 27.59 -14.63
CA GLY C 295 -6.24 28.23 -15.80
C GLY C 295 -5.76 29.63 -15.91
N GLY C 296 -6.69 30.55 -16.04
CA GLY C 296 -6.35 31.96 -16.18
C GLY C 296 -6.19 32.63 -14.84
N GLY C 297 -6.35 31.86 -13.75
CA GLY C 297 -5.98 32.36 -12.45
C GLY C 297 -7.08 33.10 -11.71
N ALA C 298 -8.32 32.95 -12.14
CA ALA C 298 -9.45 33.52 -11.42
C ALA C 298 -10.63 32.56 -11.60
N ARG C 299 -11.82 32.99 -11.19
CA ARG C 299 -12.96 32.11 -11.31
C ARG C 299 -13.23 31.80 -12.80
N GLY C 300 -13.47 30.53 -13.11
CA GLY C 300 -13.75 30.11 -14.49
C GLY C 300 -15.24 30.01 -14.78
N PRO C 301 -15.61 29.77 -16.04
CA PRO C 301 -17.00 29.85 -16.44
C PRO C 301 -17.93 28.73 -15.98
N ILE C 302 -17.46 27.48 -15.94
CA ILE C 302 -18.27 26.38 -15.39
C ILE C 302 -18.49 26.60 -13.89
N THR C 303 -17.43 26.99 -13.20
CA THR C 303 -17.52 27.30 -11.76
C THR C 303 -18.55 28.37 -11.54
N GLU C 304 -18.48 29.42 -12.35
CA GLU C 304 -19.45 30.49 -12.25
C GLU C 304 -20.88 29.99 -12.49
N LYS C 305 -21.05 29.17 -13.52
CA LYS C 305 -22.40 28.68 -13.80
C LYS C 305 -22.97 27.84 -12.65
N LEU C 306 -22.14 26.99 -12.07
CA LEU C 306 -22.57 26.11 -10.97
C LEU C 306 -22.88 26.94 -9.73
N GLN C 307 -22.05 27.94 -9.48
CA GLN C 307 -22.23 28.86 -8.34
C GLN C 307 -23.57 29.56 -8.48
N SER C 308 -23.84 30.05 -9.67
CA SER C 308 -25.08 30.74 -9.96
C SER C 308 -26.33 29.83 -9.79
N ALA C 309 -26.22 28.60 -10.30
CA ALA C 309 -27.22 27.56 -10.13
C ALA C 309 -27.44 27.31 -8.63
N PHE C 310 -26.35 27.23 -7.88
CA PHE C 310 -26.42 26.94 -6.44
C PHE C 310 -27.17 28.06 -5.73
N PHE C 311 -26.82 29.29 -6.05
CA PHE C 311 -27.49 30.38 -5.35
C PHE C 311 -28.97 30.51 -5.67
N ASP C 312 -29.34 30.14 -6.89
CA ASP C 312 -30.77 30.08 -7.25
C ASP C 312 -31.52 29.06 -6.42
N VAL C 313 -30.87 27.96 -6.07
CA VAL C 313 -31.54 26.95 -5.31
C VAL C 313 -31.69 27.32 -3.82
N VAL C 314 -30.70 27.99 -3.25
CA VAL C 314 -30.70 28.31 -1.80
C VAL C 314 -31.57 29.54 -1.49
N ASN C 315 -31.72 30.38 -2.50
CA ASN C 315 -32.50 31.60 -2.38
C ASN C 315 -33.96 31.40 -2.79
N GLY C 316 -34.36 30.16 -3.08
CA GLY C 316 -35.75 29.85 -3.34
C GLY C 316 -36.30 30.35 -4.67
N LYS C 317 -35.45 30.45 -5.68
CA LYS C 317 -35.91 30.84 -7.00
C LYS C 317 -36.21 29.65 -7.93
N SER C 318 -36.02 28.42 -7.44
CA SER C 318 -36.14 27.22 -8.26
C SER C 318 -37.37 26.37 -7.96
N ALA C 319 -38.36 26.35 -8.85
CA ALA C 319 -39.53 25.49 -8.59
C ALA C 319 -39.10 24.03 -8.52
N LYS C 320 -38.39 23.57 -9.53
CA LYS C 320 -37.76 22.21 -9.56
C LYS C 320 -37.20 21.69 -8.19
N HIS C 321 -36.55 22.56 -7.43
CA HIS C 321 -35.83 22.16 -6.22
C HIS C 321 -36.41 22.76 -4.97
N ALA C 322 -37.70 23.15 -5.01
CA ALA C 322 -38.30 23.77 -3.84
C ALA C 322 -38.26 22.87 -2.60
N ASP C 323 -38.28 21.56 -2.81
CA ASP C 323 -38.33 20.64 -1.66
C ASP C 323 -36.94 20.48 -1.01
N TRP C 324 -35.94 21.15 -1.55
CA TRP C 324 -34.72 21.27 -0.80
C TRP C 324 -34.76 22.34 0.25
N LEU C 325 -35.83 23.13 0.34
CA LEU C 325 -35.87 24.20 1.31
C LEU C 325 -37.04 24.01 2.27
N THR C 326 -36.77 24.07 3.56
CA THR C 326 -37.83 23.95 4.57
C THR C 326 -38.00 25.25 5.30
N LYS C 327 -39.17 25.90 5.16
CA LYS C 327 -39.44 27.19 5.82
C LYS C 327 -39.47 27.03 7.35
N ILE C 328 -38.96 28.06 8.04
CA ILE C 328 -39.25 28.37 9.47
C ILE C 328 -37.97 28.66 10.24
N SER D 23 -22.64 7.75 38.03
CA SER D 23 -22.05 8.80 37.13
C SER D 23 -20.67 9.34 37.58
N MET D 24 -19.71 9.43 36.65
CA MET D 24 -18.37 10.00 36.95
C MET D 24 -18.39 11.53 37.10
N ALA D 25 -19.44 12.17 36.57
CA ALA D 25 -19.67 13.60 36.76
C ALA D 25 -20.18 13.92 38.21
N ASP D 26 -20.99 13.04 38.76
CA ASP D 26 -21.67 13.33 40.00
C ASP D 26 -20.96 12.69 41.18
N ARG D 27 -19.91 13.36 41.67
CA ARG D 27 -19.05 12.81 42.73
C ARG D 27 -18.49 13.89 43.67
N ASP D 28 -18.18 13.46 44.89
CA ASP D 28 -17.44 14.30 45.85
C ASP D 28 -15.98 14.17 45.53
N GLY D 29 -15.21 15.16 45.92
CA GLY D 29 -13.79 15.17 45.62
C GLY D 29 -13.38 16.48 45.02
N LYS D 30 -12.15 16.49 44.49
CA LYS D 30 -11.55 17.67 43.89
C LYS D 30 -10.90 17.31 42.56
N ILE D 31 -11.05 18.21 41.61
CA ILE D 31 -10.40 18.14 40.30
C ILE D 31 -9.48 19.34 40.17
N TRP D 32 -8.25 19.11 39.73
CA TRP D 32 -7.39 20.25 39.42
C TRP D 32 -7.79 20.75 38.05
N MET D 33 -8.10 22.04 37.92
CA MET D 33 -8.50 22.57 36.62
C MET D 33 -7.96 23.98 36.44
N ASP D 34 -7.18 24.13 35.36
CA ASP D 34 -6.65 25.44 34.92
C ASP D 34 -5.99 26.24 36.05
N GLY D 35 -5.18 25.57 36.85
CA GLY D 35 -4.36 26.24 37.84
C GLY D 35 -4.71 26.03 39.29
N LYS D 36 -5.83 25.37 39.60
CA LYS D 36 -6.26 25.24 40.99
C LYS D 36 -7.21 24.07 41.20
N LEU D 37 -7.22 23.54 42.42
CA LEU D 37 -8.21 22.56 42.80
C LEU D 37 -9.55 23.26 42.81
N ILE D 38 -10.58 22.62 42.25
CA ILE D 38 -11.96 23.04 42.37
C ILE D 38 -12.78 21.82 42.79
N GLU D 39 -14.04 22.04 43.16
CA GLU D 39 -14.92 20.91 43.50
C GLU D 39 -15.13 20.03 42.26
N TRP D 40 -15.21 18.74 42.46
CA TRP D 40 -15.39 17.80 41.35
C TRP D 40 -16.52 18.12 40.40
N ARG D 41 -17.69 18.45 40.93
CA ARG D 41 -18.87 18.66 40.07
C ARG D 41 -18.85 20.01 39.37
N ASP D 42 -17.94 20.89 39.76
CA ASP D 42 -17.75 22.19 39.11
C ASP D 42 -16.80 22.11 37.90
N ALA D 43 -16.27 20.92 37.60
CA ALA D 43 -15.39 20.76 36.43
C ALA D 43 -16.22 20.60 35.14
N LYS D 44 -16.79 21.71 34.68
CA LYS D 44 -17.76 21.72 33.58
C LYS D 44 -17.23 22.55 32.40
N ILE D 45 -17.58 22.14 31.18
CA ILE D 45 -17.24 22.87 29.94
C ILE D 45 -18.53 23.11 29.13
N HIS D 46 -18.49 24.03 28.16
CA HIS D 46 -19.64 24.20 27.28
C HIS D 46 -19.67 23.11 26.18
N VAL D 47 -20.88 22.73 25.73
CA VAL D 47 -21.04 21.80 24.59
C VAL D 47 -20.38 22.33 23.30
N LEU D 48 -20.32 23.65 23.13
CA LEU D 48 -19.52 24.24 22.07
C LEU D 48 -18.03 24.33 22.44
N THR D 49 -17.44 23.23 22.89
CA THR D 49 -15.98 23.11 23.15
C THR D 49 -15.30 22.43 21.94
N HIS D 50 -14.18 22.98 21.49
CA HIS D 50 -13.59 22.64 20.20
C HIS D 50 -13.27 21.16 20.19
N THR D 51 -12.60 20.64 21.23
CA THR D 51 -12.23 19.21 21.27
C THR D 51 -13.44 18.25 21.13
N LEU D 52 -14.59 18.63 21.66
CA LEU D 52 -15.80 17.77 21.61
C LEU D 52 -16.21 17.58 20.16
N HIS D 53 -16.03 18.62 19.36
CA HIS D 53 -16.45 18.64 17.98
C HIS D 53 -15.40 18.12 16.99
N TYR D 54 -14.11 18.28 17.31
CA TYR D 54 -13.06 18.10 16.31
C TYR D 54 -11.90 17.19 16.71
N GLY D 55 -11.86 16.71 17.93
CA GLY D 55 -11.07 15.57 18.30
C GLY D 55 -9.67 15.82 18.81
N MET D 56 -9.21 17.05 18.74
CA MET D 56 -7.84 17.32 19.11
C MET D 56 -7.82 17.72 20.58
N GLY D 57 -7.42 16.74 21.41
CA GLY D 57 -7.14 16.93 22.82
C GLY D 57 -6.26 15.75 23.16
N VAL D 58 -5.56 15.80 24.29
CA VAL D 58 -4.61 14.77 24.64
C VAL D 58 -4.76 14.45 26.11
N PHE D 59 -4.53 13.20 26.44
CA PHE D 59 -4.60 12.75 27.80
C PHE D 59 -3.57 11.69 28.10
N GLU D 60 -3.49 11.38 29.39
CA GLU D 60 -2.51 10.44 29.85
C GLU D 60 -3.16 9.56 30.92
N GLY D 61 -2.63 8.37 31.11
CA GLY D 61 -3.18 7.45 32.07
C GLY D 61 -2.04 7.17 33.01
N VAL D 62 -2.27 7.41 34.30
CA VAL D 62 -1.23 7.27 35.31
C VAL D 62 -1.72 6.52 36.54
N ARG D 63 -0.91 5.58 37.05
CA ARG D 63 -1.30 4.96 38.32
C ARG D 63 -0.48 5.23 39.54
N ALA D 64 -1.19 5.21 40.66
CA ALA D 64 -0.60 5.21 41.95
C ALA D 64 -0.93 3.85 42.57
N TYR D 65 0.09 3.30 43.23
CA TYR D 65 0.05 2.00 43.91
C TYR D 65 0.43 2.10 45.38
N LYS D 66 -0.24 1.28 46.19
CA LYS D 66 0.17 1.04 47.58
C LYS D 66 1.51 0.28 47.56
N THR D 67 2.52 0.77 48.28
CA THR D 67 3.85 0.17 48.26
C THR D 67 4.09 -0.75 49.47
N ALA D 68 5.18 -1.50 49.46
CA ALA D 68 5.44 -2.54 50.49
C ALA D 68 5.69 -1.98 51.91
N ASP D 69 6.06 -0.72 52.00
CA ASP D 69 6.21 -0.05 53.28
C ASP D 69 4.90 0.53 53.79
N GLY D 70 3.79 0.26 53.11
CA GLY D 70 2.48 0.81 53.46
C GLY D 70 2.15 2.19 52.85
N GLY D 71 3.13 2.84 52.23
CA GLY D 71 2.90 4.17 51.67
C GLY D 71 2.19 4.04 50.33
N THR D 72 2.13 5.14 49.60
CA THR D 72 1.52 5.17 48.28
C THR D 72 2.38 6.05 47.36
N ALA D 73 2.67 5.55 46.16
CA ALA D 73 3.49 6.27 45.18
C ALA D 73 2.91 6.18 43.77
N ILE D 74 3.12 7.25 42.99
CA ILE D 74 2.76 7.26 41.59
C ILE D 74 3.92 6.66 40.84
N PHE D 75 3.60 5.79 39.89
CA PHE D 75 4.58 5.12 39.06
C PHE D 75 4.90 5.95 37.80
N ARG D 76 6.16 6.32 37.69
CA ARG D 76 6.76 7.03 36.54
C ARG D 76 5.99 8.29 36.16
N LEU D 77 5.79 9.13 37.18
CA LEU D 77 5.09 10.39 37.01
C LEU D 77 5.80 11.30 36.01
N LYS D 78 7.14 11.37 36.11
CA LYS D 78 7.95 12.26 35.30
C LYS D 78 7.82 11.89 33.82
N GLU D 79 7.84 10.60 33.56
CA GLU D 79 7.75 10.06 32.21
C GLU D 79 6.31 10.19 31.64
N HIS D 80 5.31 9.94 32.45
CA HIS D 80 3.96 10.20 31.96
C HIS D 80 3.74 11.69 31.66
N THR D 81 4.25 12.59 32.50
CA THR D 81 4.00 14.06 32.30
C THR D 81 4.76 14.61 31.08
N LYS D 82 5.99 14.15 30.90
CA LYS D 82 6.72 14.42 29.71
C LYS D 82 5.94 13.99 28.44
N ARG D 83 5.37 12.79 28.47
CA ARG D 83 4.65 12.24 27.32
C ARG D 83 3.43 13.08 27.01
N LEU D 84 2.72 13.53 28.04
CA LEU D 84 1.57 14.40 27.89
C LEU D 84 1.96 15.72 27.20
N LEU D 85 3.05 16.30 27.67
CA LEU D 85 3.54 17.57 27.12
C LEU D 85 4.08 17.40 25.72
N ASN D 86 4.73 16.28 25.45
CA ASN D 86 5.09 15.90 24.10
C ASN D 86 3.91 15.76 23.13
N SER D 87 2.80 15.21 23.62
CA SER D 87 1.64 14.99 22.80
C SER D 87 1.09 16.36 22.39
N ALA D 88 1.01 17.29 23.35
CA ALA D 88 0.55 18.66 23.05
C ALA D 88 1.50 19.36 22.08
N LYS D 89 2.80 19.22 22.28
CA LYS D 89 3.80 19.76 21.36
C LYS D 89 3.61 19.28 19.90
N ILE D 90 3.33 17.99 19.73
CA ILE D 90 3.16 17.39 18.42
C ILE D 90 2.03 18.10 17.72
N PHE D 91 0.98 18.45 18.46
CA PHE D 91 -0.19 19.14 17.92
C PHE D 91 -0.10 20.67 17.98
N GLN D 92 1.03 21.20 18.40
CA GLN D 92 1.25 22.65 18.60
C GLN D 92 0.26 23.31 19.56
N MET D 93 -0.13 22.60 20.60
CA MET D 93 -0.98 23.12 21.67
C MET D 93 -0.05 23.61 22.75
N ASP D 94 -0.04 24.94 22.92
CA ASP D 94 0.78 25.64 23.86
C ASP D 94 0.15 25.46 25.24
N VAL D 95 0.79 24.68 26.09
CA VAL D 95 0.23 24.38 27.40
C VAL D 95 0.72 25.41 28.39
N PRO D 96 -0.21 26.07 29.11
CA PRO D 96 0.18 27.19 30.00
C PRO D 96 0.75 26.78 31.35
N PHE D 97 1.12 25.52 31.53
CA PHE D 97 1.76 25.07 32.76
C PHE D 97 3.01 24.26 32.44
N ASP D 98 4.09 24.47 33.19
CA ASP D 98 5.31 23.68 32.95
C ASP D 98 5.21 22.29 33.58
N GLN D 99 6.19 21.44 33.27
CA GLN D 99 6.18 20.06 33.69
C GLN D 99 6.09 19.96 35.21
N GLU D 100 6.93 20.72 35.90
CA GLU D 100 7.00 20.63 37.37
C GLU D 100 5.67 21.02 38.01
N THR D 101 4.99 22.04 37.47
CA THR D 101 3.66 22.42 37.97
C THR D 101 2.69 21.26 37.81
N LEU D 102 2.71 20.63 36.65
CA LEU D 102 1.77 19.54 36.36
C LEU D 102 2.04 18.28 37.21
N GLU D 103 3.30 17.98 37.51
CA GLU D 103 3.63 16.89 38.43
C GLU D 103 3.06 17.15 39.82
N ALA D 104 3.36 18.32 40.37
CA ALA D 104 2.89 18.69 41.72
C ALA D 104 1.37 18.59 41.77
N ALA D 105 0.74 19.01 40.68
CA ALA D 105 -0.71 19.07 40.56
C ALA D 105 -1.31 17.66 40.68
N GLN D 106 -0.74 16.72 39.94
CA GLN D 106 -1.15 15.30 40.01
C GLN D 106 -1.04 14.70 41.43
N ARG D 107 0.06 14.96 42.12
CA ARG D 107 0.20 14.53 43.53
C ARG D 107 -0.84 15.22 44.43
N ASP D 108 -1.11 16.49 44.17
CA ASP D 108 -2.14 17.22 44.93
C ASP D 108 -3.50 16.54 44.71
N VAL D 109 -3.80 16.12 43.50
CA VAL D 109 -5.10 15.46 43.26
C VAL D 109 -5.23 14.11 44.01
N VAL D 110 -4.12 13.37 44.13
CA VAL D 110 -4.14 12.06 44.79
C VAL D 110 -4.25 12.31 46.29
N ARG D 111 -3.47 13.27 46.78
CA ARG D 111 -3.40 13.62 48.18
C ARG D 111 -4.73 14.19 48.65
N GLU D 112 -5.31 15.11 47.90
CA GLU D 112 -6.49 15.83 48.39
C GLU D 112 -7.79 15.04 48.27
N ASN D 113 -7.83 14.00 47.43
CA ASN D 113 -8.98 13.10 47.37
C ASN D 113 -8.84 11.89 48.32
N LYS D 114 -7.81 11.89 49.17
CA LYS D 114 -7.53 10.82 50.14
C LYS D 114 -7.52 9.45 49.45
N LEU D 115 -6.80 9.38 48.33
CA LEU D 115 -6.70 8.18 47.52
C LEU D 115 -5.41 7.44 47.82
N GLU D 116 -5.46 6.12 47.81
CA GLU D 116 -4.21 5.38 47.77
C GLU D 116 -4.01 4.76 46.38
N SER D 117 -4.43 3.51 46.19
CA SER D 117 -4.34 2.90 44.84
C SER D 117 -5.35 3.55 43.94
N CYS D 118 -4.88 4.15 42.86
CA CYS D 118 -5.78 4.90 42.02
C CYS D 118 -5.26 5.10 40.60
N TYR D 119 -6.15 5.63 39.78
CA TYR D 119 -5.85 5.98 38.40
C TYR D 119 -6.02 7.49 38.28
N LEU D 120 -5.07 8.13 37.62
CA LEU D 120 -4.98 9.56 37.43
C LEU D 120 -5.13 9.85 35.94
N ARG D 121 -5.86 10.93 35.60
CA ARG D 121 -6.16 11.25 34.17
C ARG D 121 -6.03 12.76 33.99
N PRO D 122 -4.81 13.23 33.68
CA PRO D 122 -4.63 14.53 33.15
C PRO D 122 -5.16 14.56 31.70
N ILE D 123 -5.96 15.59 31.37
CA ILE D 123 -6.44 15.84 30.02
C ILE D 123 -6.19 17.33 29.66
N ILE D 124 -5.84 17.59 28.40
CA ILE D 124 -5.57 18.90 27.82
C ILE D 124 -6.40 19.02 26.58
N TRP D 125 -7.14 20.12 26.45
CA TRP D 125 -8.09 20.26 25.35
C TRP D 125 -8.24 21.68 24.98
N ILE D 126 -9.04 21.91 23.93
CA ILE D 126 -9.17 23.18 23.23
C ILE D 126 -10.57 23.69 23.43
N GLY D 127 -10.63 24.94 23.85
CA GLY D 127 -11.82 25.52 24.46
C GLY D 127 -12.91 26.00 23.52
N SER D 128 -13.59 27.06 23.91
CA SER D 128 -14.90 27.43 23.38
C SER D 128 -14.92 28.76 22.76
N GLU D 129 -13.77 29.39 22.53
CA GLU D 129 -13.80 30.76 22.00
C GLU D 129 -14.29 30.83 20.54
N LYS D 130 -13.81 29.93 19.69
CA LYS D 130 -14.20 29.85 18.29
C LYS D 130 -14.49 28.40 17.95
N LEU D 131 -15.54 28.14 17.15
CA LEU D 131 -15.90 26.76 16.83
C LEU D 131 -15.72 26.36 15.35
N GLY D 132 -14.96 27.12 14.58
CA GLY D 132 -14.51 26.64 13.29
C GLY D 132 -13.45 25.57 13.45
N VAL D 133 -13.27 24.78 12.40
CA VAL D 133 -12.21 23.77 12.32
C VAL D 133 -10.88 24.36 12.74
N SER D 134 -10.62 25.55 12.24
CA SER D 134 -9.29 26.10 12.14
C SER D 134 -9.03 27.18 13.17
N ALA D 135 -9.55 26.98 14.39
CA ALA D 135 -9.62 28.10 15.33
C ALA D 135 -8.27 28.44 16.01
N LYS D 136 -7.86 29.70 15.84
CA LYS D 136 -6.67 30.22 16.49
C LYS D 136 -7.19 30.91 17.74
N GLY D 137 -6.41 30.93 18.81
CA GLY D 137 -6.80 31.70 19.99
C GLY D 137 -7.93 31.08 20.79
N ASN D 138 -8.11 29.76 20.71
CA ASN D 138 -8.87 29.09 21.74
C ASN D 138 -7.95 28.83 22.93
N THR D 139 -8.53 28.85 24.12
CA THR D 139 -7.82 28.51 25.32
C THR D 139 -7.44 27.05 25.33
N ILE D 140 -6.19 26.79 25.69
CA ILE D 140 -5.73 25.46 25.97
C ILE D 140 -5.99 25.11 27.44
N HIS D 141 -7.06 24.36 27.70
CA HIS D 141 -7.44 23.92 29.05
C HIS D 141 -6.74 22.67 29.55
N VAL D 142 -6.61 22.54 30.87
CA VAL D 142 -5.94 21.36 31.48
C VAL D 142 -6.70 21.01 32.75
N ALA D 143 -7.03 19.73 32.92
CA ALA D 143 -7.72 19.25 34.13
C ALA D 143 -7.18 17.89 34.52
N ILE D 144 -7.24 17.59 35.82
CA ILE D 144 -6.66 16.35 36.33
C ILE D 144 -7.63 15.77 37.34
N ALA D 145 -8.12 14.56 37.08
CA ALA D 145 -8.94 13.84 38.04
C ALA D 145 -8.27 12.53 38.40
N ALA D 146 -8.75 11.92 39.47
CA ALA D 146 -8.24 10.61 39.89
C ALA D 146 -9.32 9.80 40.59
N TRP D 147 -9.26 8.50 40.48
CA TRP D 147 -10.22 7.62 41.16
C TRP D 147 -9.63 6.29 41.52
N PRO D 148 -10.24 5.57 42.49
CA PRO D 148 -9.71 4.29 42.97
C PRO D 148 -9.56 3.20 41.89
N TRP D 149 -8.48 2.41 41.93
CA TRP D 149 -8.22 1.34 40.93
C TRP D 149 -7.82 0.03 41.52
N GLY D 157 -7.53 -14.21 34.76
CA GLY D 157 -7.50 -13.13 33.78
C GLY D 157 -6.04 -12.69 33.67
N LEU D 158 -5.61 -12.00 34.74
CA LEU D 158 -4.17 -11.82 35.07
C LEU D 158 -3.45 -13.14 35.23
N ALA D 159 -4.16 -14.18 35.61
CA ALA D 159 -3.55 -15.38 36.21
C ALA D 159 -3.18 -16.46 35.17
N LYS D 160 -4.10 -16.82 34.27
CA LYS D 160 -3.74 -17.66 33.11
C LYS D 160 -4.50 -17.26 31.90
N GLY D 161 -4.73 -15.94 31.76
CA GLY D 161 -4.86 -15.26 30.44
C GLY D 161 -6.23 -14.92 29.91
N ILE D 162 -6.26 -14.17 28.81
CA ILE D 162 -7.53 -13.77 28.14
C ILE D 162 -7.66 -14.29 26.70
N ARG D 163 -8.88 -14.25 26.15
CA ARG D 163 -9.13 -14.71 24.81
C ARG D 163 -9.27 -13.53 23.88
N VAL D 164 -8.49 -13.50 22.82
CA VAL D 164 -8.36 -12.31 21.98
C VAL D 164 -8.81 -12.65 20.57
N LYS D 165 -9.44 -11.67 19.90
CA LYS D 165 -9.87 -11.78 18.50
C LYS D 165 -9.24 -10.69 17.64
N THR D 166 -8.65 -11.10 16.51
CA THR D 166 -8.10 -10.16 15.54
C THR D 166 -9.20 -9.36 14.91
N SER D 167 -9.08 -8.02 14.98
CA SER D 167 -10.12 -7.12 14.50
C SER D 167 -10.22 -7.11 13.01
N SER D 168 -11.45 -6.90 12.50
CA SER D 168 -11.65 -6.49 11.10
C SER D 168 -11.29 -5.03 10.74
N PHE D 169 -11.11 -4.21 11.77
CA PHE D 169 -10.68 -2.82 11.60
C PHE D 169 -9.15 -2.74 11.65
N THR D 170 -8.61 -1.90 10.80
CA THR D 170 -7.20 -1.74 10.64
C THR D 170 -6.66 -0.64 11.53
N ARG D 171 -5.41 -0.78 11.96
CA ARG D 171 -4.83 0.18 12.90
C ARG D 171 -4.35 1.42 12.12
N HIS D 172 -4.24 2.53 12.84
CA HIS D 172 -3.90 3.87 12.32
C HIS D 172 -2.71 3.88 11.38
N HIS D 173 -2.84 4.65 10.30
CA HIS D 173 -1.74 4.97 9.40
C HIS D 173 -0.89 6.10 9.96
N VAL D 174 0.43 5.92 10.00
CA VAL D 174 1.32 6.82 10.70
C VAL D 174 1.48 8.24 10.07
N ASN D 175 0.92 8.52 8.90
CA ASN D 175 0.89 9.86 8.33
C ASN D 175 -0.50 10.42 8.16
N VAL D 176 -1.51 9.73 8.71
CA VAL D 176 -2.86 10.22 8.83
C VAL D 176 -3.08 10.64 10.28
N SER D 177 -2.71 9.77 11.23
CA SER D 177 -2.78 10.06 12.65
C SER D 177 -1.34 10.13 13.22
N MET D 178 -1.11 11.02 14.18
CA MET D 178 0.19 11.12 14.89
C MET D 178 0.10 10.14 16.07
N VAL D 179 0.65 8.95 15.82
CA VAL D 179 0.43 7.83 16.70
C VAL D 179 1.26 7.97 17.98
N ARG D 180 2.27 8.85 18.01
CA ARG D 180 2.99 9.15 19.25
C ARG D 180 2.29 10.11 20.15
N ALA D 181 1.29 10.79 19.64
CA ALA D 181 0.54 11.74 20.44
C ALA D 181 -0.78 11.09 20.90
N LYS D 182 -1.05 11.22 22.19
CA LYS D 182 -2.11 10.38 22.84
C LYS D 182 -3.47 11.12 22.81
N ALA D 183 -4.14 10.99 21.66
CA ALA D 183 -5.02 12.00 21.10
C ALA D 183 -6.51 11.55 21.05
N SER D 184 -7.43 12.40 21.51
CA SER D 184 -8.81 11.96 21.70
C SER D 184 -9.32 11.23 20.48
N GLY D 185 -9.08 11.83 19.31
CA GLY D 185 -9.58 11.25 18.08
C GLY D 185 -9.07 9.88 17.71
N TRP D 186 -7.85 9.55 18.14
N TRP D 186 -7.87 9.54 18.16
CA TRP D 186 -7.22 8.23 17.99
CA TRP D 186 -7.26 8.25 17.88
C TRP D 186 -8.08 7.08 18.48
C TRP D 186 -8.05 7.09 18.49
N TYR D 187 -8.91 7.34 19.50
CA TYR D 187 -9.62 6.26 20.15
C TYR D 187 -10.87 5.76 19.49
N VAL D 188 -11.34 6.44 18.45
CA VAL D 188 -12.54 5.97 17.79
C VAL D 188 -12.30 4.57 17.21
N ASN D 189 -11.13 4.38 16.58
CA ASN D 189 -10.68 3.09 16.05
C ASN D 189 -10.64 2.02 17.16
N SER D 190 -10.16 2.42 18.35
CA SER D 190 -10.07 1.48 19.48
C SER D 190 -11.47 1.04 19.94
N ILE D 191 -12.37 2.01 20.05
CA ILE D 191 -13.74 1.72 20.47
C ILE D 191 -14.40 0.75 19.49
N LEU D 192 -14.29 1.01 18.19
CA LEU D 192 -14.83 0.10 17.17
C LEU D 192 -14.29 -1.34 17.25
N ALA D 193 -12.97 -1.49 17.42
CA ALA D 193 -12.36 -2.82 17.49
C ALA D 193 -12.79 -3.52 18.77
N ASN D 194 -12.61 -2.83 19.87
CA ASN D 194 -13.05 -3.35 21.15
C ASN D 194 -14.51 -3.79 21.16
N GLN D 195 -15.41 -3.04 20.55
CA GLN D 195 -16.83 -3.43 20.57
C GLN D 195 -17.07 -4.69 19.70
N GLU D 196 -16.40 -4.72 18.56
CA GLU D 196 -16.43 -5.89 17.69
C GLU D 196 -15.99 -7.15 18.47
N ALA D 197 -14.85 -7.11 19.18
CA ALA D 197 -14.39 -8.29 19.97
C ALA D 197 -15.39 -8.68 21.06
N THR D 198 -15.82 -7.72 21.87
CA THR D 198 -16.72 -8.04 22.97
C THR D 198 -18.10 -8.51 22.53
N ALA D 199 -18.60 -7.99 21.42
CA ALA D 199 -19.91 -8.39 20.93
C ALA D 199 -19.98 -9.88 20.66
N ASP D 200 -18.88 -10.47 20.25
CA ASP D 200 -18.77 -11.91 19.96
C ASP D 200 -18.17 -12.73 21.12
N GLY D 201 -18.05 -12.12 22.29
CA GLY D 201 -17.67 -12.79 23.53
C GLY D 201 -16.20 -12.95 23.81
N TYR D 202 -15.32 -12.28 23.06
CA TYR D 202 -13.90 -12.26 23.40
C TYR D 202 -13.62 -11.13 24.38
N ASP D 203 -12.48 -11.22 25.06
CA ASP D 203 -12.07 -10.26 26.04
C ASP D 203 -11.51 -8.99 25.44
N GLU D 204 -10.75 -9.11 24.35
CA GLU D 204 -10.07 -7.95 23.72
C GLU D 204 -9.86 -8.18 22.22
N ALA D 205 -9.60 -7.08 21.49
CA ALA D 205 -9.18 -7.12 20.08
C ALA D 205 -7.66 -7.04 19.95
N LEU D 206 -7.15 -7.59 18.87
CA LEU D 206 -5.79 -7.38 18.40
C LEU D 206 -5.92 -6.76 16.96
N LEU D 207 -5.29 -5.62 16.72
CA LEU D 207 -5.34 -4.92 15.43
C LEU D 207 -4.10 -5.16 14.59
N LEU D 208 -4.30 -5.41 13.31
CA LEU D 208 -3.17 -5.48 12.32
C LEU D 208 -3.02 -4.03 11.76
N ASP D 209 -1.84 -3.71 11.27
CA ASP D 209 -1.55 -2.45 10.61
C ASP D 209 -1.96 -2.54 9.14
N VAL D 210 -1.73 -1.44 8.40
CA VAL D 210 -2.18 -1.37 7.00
C VAL D 210 -1.57 -2.41 6.11
N ASP D 211 -0.47 -2.98 6.54
CA ASP D 211 0.22 -3.98 5.74
C ASP D 211 -0.11 -5.44 6.14
N GLY D 212 -0.94 -5.61 7.16
CA GLY D 212 -1.30 -6.94 7.58
C GLY D 212 -0.52 -7.54 8.73
N TYR D 213 0.48 -6.81 9.25
CA TYR D 213 1.25 -7.27 10.42
C TYR D 213 0.60 -6.88 11.72
N VAL D 214 0.81 -7.66 12.79
CA VAL D 214 0.25 -7.32 14.13
C VAL D 214 0.78 -5.98 14.61
N SER D 215 -0.10 -5.10 15.07
CA SER D 215 0.29 -3.79 15.60
C SER D 215 0.20 -3.79 17.14
N GLU D 216 -1.03 -3.90 17.65
CA GLU D 216 -1.27 -3.74 19.07
C GLU D 216 -2.71 -4.05 19.40
N GLY D 217 -3.02 -4.10 20.69
CA GLY D 217 -4.40 -4.18 21.16
C GLY D 217 -5.06 -2.83 21.06
N SER D 218 -6.36 -2.77 21.32
CA SER D 218 -7.09 -1.51 21.24
C SER D 218 -6.63 -0.49 22.28
N GLY D 219 -6.08 -0.95 23.39
CA GLY D 219 -5.49 -0.06 24.42
C GLY D 219 -4.20 -0.58 25.04
N GLU D 220 -3.54 -1.54 24.40
CA GLU D 220 -2.36 -2.18 24.99
C GLU D 220 -1.34 -2.43 23.93
N ASN D 221 -0.09 -2.49 24.31
CA ASN D 221 0.91 -3.01 23.42
C ASN D 221 0.96 -4.54 23.45
N PHE D 222 1.57 -5.09 22.39
CA PHE D 222 1.60 -6.53 22.15
C PHE D 222 3.01 -7.08 22.13
N PHE D 223 3.16 -8.24 22.77
CA PHE D 223 4.44 -8.93 22.91
C PHE D 223 4.19 -10.42 22.65
N LEU D 224 5.20 -11.09 22.09
CA LEU D 224 5.17 -12.54 21.94
C LEU D 224 6.47 -13.12 22.41
N VAL D 225 6.43 -14.35 22.94
CA VAL D 225 7.66 -15.06 23.32
C VAL D 225 7.90 -16.25 22.42
N ASN D 226 9.14 -16.41 22.00
CA ASN D 226 9.51 -17.54 21.20
C ASN D 226 10.93 -17.96 21.41
N ARG D 227 11.09 -19.25 21.73
CA ARG D 227 12.38 -19.84 21.96
C ARG D 227 13.16 -19.04 22.98
N GLY D 228 12.50 -18.64 24.06
CA GLY D 228 13.12 -17.88 25.11
C GLY D 228 13.48 -16.43 24.83
N LYS D 229 13.02 -15.89 23.68
CA LYS D 229 13.25 -14.48 23.33
C LYS D 229 11.93 -13.68 23.25
N LEU D 230 12.01 -12.38 23.47
CA LEU D 230 10.82 -11.55 23.50
C LEU D 230 10.83 -10.72 22.22
N TYR D 231 9.68 -10.77 21.53
CA TYR D 231 9.42 -10.04 20.29
C TYR D 231 8.25 -9.10 20.48
N THR D 232 8.30 -7.97 19.82
CA THR D 232 7.25 -6.97 19.83
C THR D 232 7.31 -6.19 18.53
N PRO D 233 6.16 -5.72 18.03
CA PRO D 233 6.14 -5.02 16.76
C PRO D 233 6.98 -3.80 16.93
N ASP D 234 7.77 -3.44 15.91
CA ASP D 234 8.68 -2.33 16.17
C ASP D 234 7.74 -1.18 16.44
N LEU D 235 8.15 -0.26 17.29
CA LEU D 235 7.53 1.06 17.40
C LEU D 235 7.48 1.67 16.01
N ALA D 236 6.40 1.33 15.30
CA ALA D 236 6.07 1.83 13.98
C ALA D 236 4.64 2.38 14.14
N SER D 237 3.61 1.67 13.69
CA SER D 237 2.20 2.13 13.89
C SER D 237 1.65 2.03 15.33
N CYS D 238 2.41 1.41 16.26
CA CYS D 238 1.91 1.19 17.63
C CYS D 238 2.24 2.36 18.57
N LEU D 239 1.60 2.35 19.75
CA LEU D 239 1.84 3.38 20.77
C LEU D 239 3.20 3.18 21.49
N ASP D 240 3.88 4.31 21.79
CA ASP D 240 5.17 4.29 22.55
C ASP D 240 4.94 4.07 24.10
N GLY D 241 4.50 2.88 24.48
CA GLY D 241 4.03 2.58 25.88
C GLY D 241 4.99 2.72 27.06
N ILE D 242 4.53 3.29 28.17
CA ILE D 242 5.35 3.45 29.38
C ILE D 242 5.40 2.13 30.15
N THR D 243 4.35 1.34 30.08
CA THR D 243 4.41 -0.03 30.55
C THR D 243 5.26 -0.89 29.65
N ARG D 244 5.09 -0.74 28.34
CA ARG D 244 5.92 -1.41 27.34
C ARG D 244 7.40 -1.14 27.62
N ASP D 245 7.74 0.12 27.85
CA ASP D 245 9.11 0.48 28.19
C ASP D 245 9.61 -0.19 29.53
N THR D 246 8.78 -0.10 30.56
CA THR D 246 9.09 -0.70 31.84
C THR D 246 9.38 -2.18 31.62
N VAL D 247 8.53 -2.87 30.86
CA VAL D 247 8.65 -4.29 30.69
C VAL D 247 9.89 -4.67 29.88
N ILE D 248 10.20 -3.88 28.84
CA ILE D 248 11.37 -4.15 28.02
C ILE D 248 12.68 -4.02 28.79
N THR D 249 12.79 -2.92 29.54
CA THR D 249 13.86 -2.74 30.51
C THR D 249 14.07 -3.90 31.51
N LEU D 250 12.98 -4.34 32.11
CA LEU D 250 13.01 -5.50 33.02
C LEU D 250 13.50 -6.76 32.30
N ALA D 251 12.97 -7.02 31.12
CA ALA D 251 13.41 -8.13 30.27
C ALA D 251 14.90 -8.11 30.06
N LYS D 252 15.44 -6.98 29.61
CA LYS D 252 16.88 -6.89 29.31
C LYS D 252 17.73 -7.04 30.57
N GLU D 253 17.19 -6.64 31.71
CA GLU D 253 17.92 -6.79 32.99
C GLU D 253 17.88 -8.25 33.43
N ALA D 254 16.91 -9.05 32.98
CA ALA D 254 16.94 -10.51 33.24
C ALA D 254 17.81 -11.22 32.20
N GLY D 255 18.48 -10.47 31.34
CA GLY D 255 19.26 -11.06 30.27
C GLY D 255 18.40 -11.65 29.16
N ILE D 256 17.13 -11.23 29.03
CA ILE D 256 16.27 -11.73 27.96
C ILE D 256 16.41 -10.85 26.73
N GLU D 257 16.63 -11.49 25.58
CA GLU D 257 16.88 -10.77 24.35
C GLU D 257 15.53 -10.24 23.87
N VAL D 258 15.49 -8.95 23.54
CA VAL D 258 14.27 -8.28 23.03
C VAL D 258 14.51 -7.81 21.60
N ILE D 259 13.61 -8.24 20.71
CA ILE D 259 13.73 -8.01 19.28
C ILE D 259 12.46 -7.30 18.77
N GLU D 260 12.66 -6.24 18.02
CA GLU D 260 11.53 -5.53 17.46
C GLU D 260 11.48 -6.05 16.02
N LYS D 261 10.31 -6.47 15.56
CA LYS D 261 10.18 -7.04 14.22
C LYS D 261 8.73 -7.01 13.78
N ARG D 262 8.53 -7.23 12.50
CA ARG D 262 7.20 -7.36 11.93
C ARG D 262 6.67 -8.79 12.19
N ILE D 263 5.50 -8.89 12.82
CA ILE D 263 5.00 -10.16 13.33
C ILE D 263 3.70 -10.47 12.59
N THR D 264 3.62 -11.66 12.01
CA THR D 264 2.37 -12.07 11.38
C THR D 264 1.42 -12.68 12.38
N ARG D 265 0.14 -12.68 12.02
CA ARG D 265 -0.88 -13.25 12.92
C ARG D 265 -0.63 -14.75 13.20
N ASP D 266 -0.15 -15.48 12.19
CA ASP D 266 0.09 -16.91 12.36
C ASP D 266 1.41 -17.21 13.12
N GLU D 267 2.28 -16.20 13.21
CA GLU D 267 3.41 -16.24 14.17
C GLU D 267 2.87 -16.25 15.59
N VAL D 268 1.81 -15.50 15.83
CA VAL D 268 1.22 -15.51 17.18
C VAL D 268 0.56 -16.84 17.48
N TYR D 269 -0.19 -17.40 16.51
CA TYR D 269 -0.79 -18.73 16.69
C TYR D 269 0.23 -19.79 17.07
N THR D 270 1.47 -19.67 16.56
CA THR D 270 2.48 -20.71 16.80
C THR D 270 3.59 -20.31 17.84
N ALA D 271 3.39 -19.21 18.57
CA ALA D 271 4.39 -18.72 19.50
C ALA D 271 4.33 -19.54 20.81
N ASP D 272 5.40 -19.55 21.57
CA ASP D 272 5.37 -20.15 22.92
C ASP D 272 4.44 -19.40 23.90
N GLU D 273 4.44 -18.07 23.88
CA GLU D 273 3.61 -17.25 24.78
C GLU D 273 3.25 -15.91 24.09
N ALA D 274 2.21 -15.23 24.58
CA ALA D 274 1.91 -13.90 24.14
C ALA D 274 1.26 -13.13 25.28
N PHE D 275 1.49 -11.85 25.33
CA PHE D 275 0.84 -10.97 26.31
C PHE D 275 0.68 -9.51 25.85
N PHE D 276 -0.23 -8.81 26.54
CA PHE D 276 -0.42 -7.37 26.41
C PHE D 276 0.18 -6.59 27.58
N THR D 277 0.58 -5.35 27.29
CA THR D 277 0.96 -4.38 28.31
C THR D 277 0.21 -3.04 28.17
N GLY D 278 -0.10 -2.46 29.32
CA GLY D 278 -0.64 -1.12 29.37
C GLY D 278 -0.76 -0.69 30.81
N THR D 279 -1.11 0.58 30.99
CA THR D 279 -1.23 1.18 32.33
C THR D 279 -2.34 0.53 33.10
N ALA D 280 -3.51 0.43 32.48
CA ALA D 280 -4.66 -0.26 33.08
C ALA D 280 -4.48 -1.81 33.10
N ALA D 281 -3.90 -2.37 32.03
CA ALA D 281 -3.80 -3.85 31.85
C ALA D 281 -2.66 -4.45 32.66
N GLU D 282 -1.72 -3.61 33.07
CA GLU D 282 -0.42 -4.05 33.56
C GLU D 282 0.12 -5.07 32.54
N VAL D 283 0.43 -6.30 32.97
CA VAL D 283 0.86 -7.37 32.05
C VAL D 283 -0.22 -8.44 32.07
N THR D 284 -0.92 -8.57 30.96
CA THR D 284 -2.01 -9.51 30.84
C THR D 284 -1.67 -10.62 29.81
N PRO D 285 -1.60 -11.88 30.26
CA PRO D 285 -1.33 -12.98 29.33
C PRO D 285 -2.42 -13.23 28.28
N ILE D 286 -2.05 -13.60 27.07
CA ILE D 286 -3.06 -13.92 26.08
C ILE D 286 -3.01 -15.43 25.90
N ARG D 287 -4.12 -16.11 26.16
CA ARG D 287 -4.12 -17.57 26.12
C ARG D 287 -4.59 -18.17 24.81
N GLU D 288 -5.21 -17.35 24.00
CA GLU D 288 -5.86 -17.78 22.81
C GLU D 288 -6.00 -16.57 21.87
N LEU D 289 -5.68 -16.74 20.58
CA LEU D 289 -5.99 -15.74 19.54
C LEU D 289 -6.77 -16.36 18.42
N ASP D 290 -7.92 -15.80 18.08
CA ASP D 290 -8.74 -16.38 16.98
C ASP D 290 -9.02 -17.90 17.16
N ASN D 291 -9.31 -18.30 18.41
CA ASN D 291 -9.64 -19.67 18.78
C ASN D 291 -8.48 -20.66 18.59
N ARG D 292 -7.26 -20.13 18.44
CA ARG D 292 -6.08 -20.95 18.43
C ARG D 292 -5.41 -20.77 19.76
N THR D 293 -5.20 -21.88 20.46
CA THR D 293 -4.52 -21.85 21.75
C THR D 293 -3.08 -21.38 21.60
N ILE D 294 -2.64 -20.51 22.50
CA ILE D 294 -1.27 -20.00 22.49
C ILE D 294 -0.43 -20.86 23.45
N GLY D 295 0.54 -21.61 22.90
CA GLY D 295 1.43 -22.45 23.73
C GLY D 295 0.59 -23.55 24.34
N GLY D 296 0.60 -23.66 25.64
CA GLY D 296 -0.25 -24.62 26.32
C GLY D 296 -1.61 -24.11 26.73
N GLY D 297 -1.90 -22.86 26.46
CA GLY D 297 -3.19 -22.29 26.78
C GLY D 297 -3.35 -21.69 28.15
N ALA D 298 -2.26 -21.51 28.89
CA ALA D 298 -2.25 -20.77 30.16
C ALA D 298 -1.08 -19.80 30.16
N ARG D 299 -0.80 -19.15 31.28
CA ARG D 299 0.25 -18.16 31.35
C ARG D 299 1.61 -18.83 31.28
N GLY D 300 2.49 -18.30 30.45
CA GLY D 300 3.78 -18.91 30.23
C GLY D 300 4.85 -18.41 31.16
N PRO D 301 6.01 -19.07 31.14
CA PRO D 301 7.03 -18.80 32.14
C PRO D 301 7.71 -17.46 32.03
N ILE D 302 8.02 -16.97 30.81
CA ILE D 302 8.61 -15.64 30.65
C ILE D 302 7.61 -14.52 31.02
N THR D 303 6.35 -14.71 30.63
CA THR D 303 5.27 -13.76 30.93
C THR D 303 5.13 -13.63 32.46
N GLU D 304 5.12 -14.77 33.14
CA GLU D 304 5.03 -14.83 34.62
C GLU D 304 6.21 -14.11 35.28
N LYS D 305 7.42 -14.37 34.78
CA LYS D 305 8.61 -13.69 35.29
C LYS D 305 8.50 -12.17 35.12
N LEU D 306 8.07 -11.69 33.96
CA LEU D 306 8.09 -10.28 33.69
C LEU D 306 6.93 -9.66 34.46
N GLN D 307 5.83 -10.37 34.55
CA GLN D 307 4.70 -9.93 35.37
C GLN D 307 5.09 -9.75 36.86
N SER D 308 5.84 -10.71 37.40
CA SER D 308 6.32 -10.65 38.80
C SER D 308 7.30 -9.53 39.03
N ALA D 309 8.24 -9.36 38.09
CA ALA D 309 9.18 -8.23 38.11
C ALA D 309 8.45 -6.91 38.07
N PHE D 310 7.47 -6.77 37.16
CA PHE D 310 6.67 -5.56 37.11
C PHE D 310 5.97 -5.29 38.44
N PHE D 311 5.43 -6.32 39.09
CA PHE D 311 4.72 -6.03 40.33
C PHE D 311 5.68 -5.66 41.47
N ASP D 312 6.86 -6.26 41.47
CA ASP D 312 7.92 -5.91 42.41
C ASP D 312 8.37 -4.47 42.26
N VAL D 313 8.39 -3.95 41.04
CA VAL D 313 8.78 -2.58 40.84
C VAL D 313 7.66 -1.59 41.23
N VAL D 314 6.41 -1.87 40.88
CA VAL D 314 5.31 -0.94 41.22
C VAL D 314 4.93 -0.95 42.72
N ASN D 315 5.18 -2.06 43.41
CA ASN D 315 4.90 -2.18 44.85
C ASN D 315 6.10 -1.78 45.74
N GLY D 316 7.13 -1.23 45.08
CA GLY D 316 8.29 -0.64 45.76
C GLY D 316 9.19 -1.62 46.49
N LYS D 317 9.28 -2.86 46.01
CA LYS D 317 10.18 -3.87 46.54
C LYS D 317 11.58 -3.86 45.87
N SER D 318 11.78 -2.97 44.89
CA SER D 318 13.03 -2.86 44.10
C SER D 318 13.83 -1.63 44.48
N ALA D 319 15.00 -1.83 45.07
CA ALA D 319 15.92 -0.70 45.31
C ALA D 319 16.38 -0.11 43.99
N LYS D 320 16.77 -0.98 43.06
CA LYS D 320 17.28 -0.64 41.73
C LYS D 320 16.41 0.42 41.03
N HIS D 321 15.09 0.23 41.09
CA HIS D 321 14.13 1.11 40.39
C HIS D 321 13.32 2.00 41.29
N ALA D 322 13.86 2.33 42.47
CA ALA D 322 13.16 3.22 43.40
C ALA D 322 12.87 4.61 42.79
N ASP D 323 13.70 5.07 41.86
CA ASP D 323 13.48 6.42 41.29
C ASP D 323 12.28 6.44 40.32
N TRP D 324 11.72 5.28 39.97
CA TRP D 324 10.47 5.22 39.25
C TRP D 324 9.26 5.49 40.09
N LEU D 325 9.41 5.59 41.42
CA LEU D 325 8.27 5.87 42.30
C LEU D 325 8.37 7.23 42.98
N THR D 326 7.25 7.96 43.01
CA THR D 326 7.13 9.22 43.72
C THR D 326 6.15 9.09 44.87
N LYS D 327 6.64 9.24 46.11
CA LYS D 327 5.80 9.34 47.31
C LYS D 327 4.77 10.47 47.19
N ILE D 328 3.55 10.20 47.65
CA ILE D 328 2.39 11.05 47.34
C ILE D 328 2.28 12.20 48.33
N SER E 23 25.37 8.60 -36.35
CA SER E 23 25.20 9.54 -35.19
C SER E 23 24.15 10.64 -35.45
N MET E 24 23.30 10.90 -34.44
CA MET E 24 22.30 11.97 -34.52
C MET E 24 22.91 13.36 -34.37
N ALA E 25 24.10 13.44 -33.77
CA ALA E 25 24.76 14.73 -33.56
C ALA E 25 25.48 15.21 -34.84
N ASP E 26 25.82 14.26 -35.71
CA ASP E 26 26.60 14.56 -36.92
C ASP E 26 25.74 14.46 -38.17
N ARG E 27 25.02 15.54 -38.49
CA ARG E 27 24.10 15.56 -39.62
C ARG E 27 23.98 16.95 -40.26
N ASP E 28 23.69 17.00 -41.56
CA ASP E 28 23.31 18.24 -42.24
C ASP E 28 21.87 18.60 -41.90
N GLY E 29 21.60 19.87 -41.60
CA GLY E 29 20.24 20.32 -41.30
C GLY E 29 20.18 21.55 -40.41
N LYS E 30 18.95 21.91 -40.03
CA LYS E 30 18.69 22.99 -39.08
C LYS E 30 17.97 22.48 -37.83
N ILE E 31 18.37 23.03 -36.68
CA ILE E 31 17.67 22.90 -35.42
C ILE E 31 17.33 24.32 -34.93
N TRP E 32 16.12 24.47 -34.43
CA TRP E 32 15.66 25.70 -33.80
C TRP E 32 16.03 25.61 -32.35
N MET E 33 16.77 26.59 -31.85
CA MET E 33 17.24 26.58 -30.47
C MET E 33 17.17 27.97 -29.90
N ASP E 34 16.46 28.13 -28.80
CA ASP E 34 16.41 29.39 -28.08
C ASP E 34 16.06 30.55 -29.02
N GLY E 35 15.15 30.33 -29.95
CA GLY E 35 14.55 31.39 -30.75
C GLY E 35 15.03 31.60 -32.14
N LYS E 36 15.99 30.81 -32.59
CA LYS E 36 16.55 31.01 -33.94
C LYS E 36 16.97 29.66 -34.51
N LEU E 37 16.98 29.57 -35.83
CA LEU E 37 17.46 28.35 -36.49
C LEU E 37 18.99 28.42 -36.52
N ILE E 38 19.66 27.34 -36.15
CA ILE E 38 21.12 27.25 -36.23
C ILE E 38 21.42 25.98 -37.00
N GLU E 39 22.68 25.79 -37.43
CA GLU E 39 23.01 24.56 -38.14
C GLU E 39 22.94 23.42 -37.12
N TRP E 40 22.64 22.23 -37.61
CA TRP E 40 22.39 21.08 -36.75
C TRP E 40 23.52 20.77 -35.80
N ARG E 41 24.75 20.71 -36.31
CA ARG E 41 25.89 20.32 -35.50
C ARG E 41 26.26 21.40 -34.48
N ASP E 42 25.61 22.57 -34.59
CA ASP E 42 25.83 23.69 -33.69
C ASP E 42 24.92 23.64 -32.47
N ALA E 43 23.94 22.74 -32.45
CA ALA E 43 23.02 22.63 -31.34
C ALA E 43 23.71 21.87 -30.21
N LYS E 44 24.55 22.58 -29.46
CA LYS E 44 25.39 21.97 -28.41
C LYS E 44 25.21 22.62 -27.04
N ILE E 45 25.48 21.83 -25.99
CA ILE E 45 25.44 22.29 -24.59
C ILE E 45 26.65 21.75 -23.81
N HIS E 46 26.93 22.33 -22.65
CA HIS E 46 28.06 21.86 -21.83
C HIS E 46 27.62 20.67 -20.96
N VAL E 47 28.59 19.85 -20.54
CA VAL E 47 28.34 18.67 -19.72
C VAL E 47 27.84 19.02 -18.33
N LEU E 48 28.07 20.25 -17.86
CA LEU E 48 27.51 20.65 -16.59
C LEU E 48 26.12 21.28 -16.81
N THR E 49 25.28 20.64 -17.60
CA THR E 49 23.89 21.09 -17.77
C THR E 49 23.04 20.37 -16.72
N HIS E 50 22.23 21.14 -16.02
CA HIS E 50 21.47 20.70 -14.89
C HIS E 50 20.67 19.48 -15.28
N THR E 51 19.90 19.55 -16.37
CA THR E 51 19.06 18.39 -16.80
C THR E 51 19.83 17.13 -16.99
N LEU E 52 21.07 17.22 -17.49
CA LEU E 52 21.88 16.03 -17.65
C LEU E 52 22.18 15.32 -16.33
N HIS E 53 22.36 16.10 -15.26
CA HIS E 53 22.67 15.62 -13.91
C HIS E 53 21.50 15.33 -13.04
N TYR E 54 20.37 16.06 -13.25
CA TYR E 54 19.26 15.97 -12.32
C TYR E 54 17.88 15.61 -12.89
N GLY E 55 17.77 15.44 -14.19
CA GLY E 55 16.62 14.79 -14.79
C GLY E 55 15.41 15.65 -15.09
N MET E 56 15.43 16.91 -14.69
CA MET E 56 14.30 17.78 -14.92
C MET E 56 14.42 18.50 -16.25
N GLY E 57 13.73 17.91 -17.22
CA GLY E 57 13.60 18.42 -18.55
C GLY E 57 12.28 17.83 -19.08
N VAL E 58 11.70 18.45 -20.12
CA VAL E 58 10.48 17.94 -20.72
C VAL E 58 10.58 17.91 -22.24
N PHE E 59 9.93 16.94 -22.86
CA PHE E 59 9.96 16.84 -24.31
C PHE E 59 8.67 16.27 -24.85
N GLU E 60 8.53 16.38 -26.16
CA GLU E 60 7.39 15.84 -26.87
C GLU E 60 7.86 14.91 -28.04
N GLY E 61 6.92 14.17 -28.60
CA GLY E 61 7.09 13.46 -29.84
C GLY E 61 5.90 13.81 -30.70
N VAL E 62 6.16 14.37 -31.87
CA VAL E 62 5.09 14.73 -32.77
C VAL E 62 5.41 14.12 -34.12
N ARG E 63 4.38 13.68 -34.81
CA ARG E 63 4.58 13.19 -36.16
C ARG E 63 3.95 14.04 -37.22
N ALA E 64 4.65 14.11 -38.36
CA ALA E 64 4.05 14.56 -39.62
C ALA E 64 3.93 13.39 -40.60
N TYR E 65 2.79 13.36 -41.29
CA TYR E 65 2.42 12.29 -42.21
C TYR E 65 2.27 12.86 -43.62
N LYS E 66 2.49 11.99 -44.61
CA LYS E 66 2.03 12.23 -46.00
C LYS E 66 0.52 11.96 -46.01
N THR E 67 -0.27 12.93 -46.46
CA THR E 67 -1.73 12.75 -46.55
C THR E 67 -2.20 12.22 -47.91
N ALA E 73 1.33 16.97 -43.31
CA ALA E 73 0.52 17.44 -42.18
C ALA E 73 1.08 16.96 -40.83
N ILE E 74 1.34 17.90 -39.91
CA ILE E 74 1.69 17.50 -38.56
C ILE E 74 0.40 17.10 -37.90
N PHE E 75 0.44 16.01 -37.13
CA PHE E 75 -0.75 15.52 -36.45
C PHE E 75 -0.84 16.08 -35.01
N ARG E 76 -1.95 16.77 -34.76
CA ARG E 76 -2.28 17.37 -33.47
C ARG E 76 -1.11 18.14 -32.86
N LEU E 77 -0.55 19.03 -33.67
CA LEU E 77 0.47 19.97 -33.23
C LEU E 77 0.04 20.85 -32.05
N LYS E 78 -1.16 21.41 -32.09
CA LYS E 78 -1.63 22.28 -31.02
C LYS E 78 -1.65 21.51 -29.68
N GLU E 79 -2.23 20.32 -29.71
CA GLU E 79 -2.37 19.46 -28.53
C GLU E 79 -0.99 18.99 -27.99
N HIS E 80 -0.03 18.67 -28.85
CA HIS E 80 1.30 18.33 -28.38
C HIS E 80 2.01 19.50 -27.76
N THR E 81 1.90 20.65 -28.41
CA THR E 81 2.60 21.84 -27.93
C THR E 81 2.00 22.32 -26.60
N LYS E 82 0.70 22.26 -26.47
CA LYS E 82 0.04 22.55 -25.19
C LYS E 82 0.50 21.58 -24.08
N ARG E 83 0.61 20.29 -24.38
CA ARG E 83 1.04 19.31 -23.39
C ARG E 83 2.46 19.64 -22.98
N LEU E 84 3.28 20.06 -23.93
CA LEU E 84 4.69 20.43 -23.64
C LEU E 84 4.77 21.57 -22.62
N LEU E 85 4.04 22.64 -22.91
CA LEU E 85 4.00 23.80 -22.05
C LEU E 85 3.37 23.47 -20.67
N ASN E 86 2.36 22.59 -20.68
CA ASN E 86 1.83 22.07 -19.41
C ASN E 86 2.85 21.27 -18.59
N SER E 87 3.70 20.49 -19.25
CA SER E 87 4.73 19.75 -18.52
C SER E 87 5.69 20.75 -17.88
N ALA E 88 6.08 21.80 -18.62
CA ALA E 88 6.97 22.81 -18.03
C ALA E 88 6.27 23.51 -16.86
N LYS E 89 5.00 23.73 -17.02
CA LYS E 89 4.23 24.41 -15.97
C LYS E 89 4.21 23.59 -14.67
N ILE E 90 3.96 22.30 -14.79
CA ILE E 90 3.88 21.38 -13.63
C ILE E 90 5.22 21.50 -12.86
N PHE E 91 6.30 21.55 -13.59
CA PHE E 91 7.64 21.75 -12.99
C PHE E 91 8.07 23.20 -12.70
N GLN E 92 7.18 24.16 -12.92
CA GLN E 92 7.50 25.59 -12.70
C GLN E 92 8.71 26.07 -13.53
N MET E 93 8.82 25.54 -14.74
CA MET E 93 9.87 25.98 -15.67
C MET E 93 9.29 27.06 -16.57
N ASP E 94 9.79 28.29 -16.43
CA ASP E 94 9.26 29.42 -17.17
C ASP E 94 9.78 29.42 -18.61
N VAL E 95 8.90 29.10 -19.54
CA VAL E 95 9.33 29.02 -20.93
C VAL E 95 9.25 30.41 -21.59
N PRO E 96 10.39 30.93 -22.12
CA PRO E 96 10.35 32.30 -22.63
C PRO E 96 9.82 32.43 -24.05
N PHE E 97 8.96 31.51 -24.49
CA PHE E 97 8.32 31.61 -25.80
C PHE E 97 6.86 31.23 -25.59
N ASP E 98 5.96 31.86 -26.36
CA ASP E 98 4.51 31.47 -26.30
C ASP E 98 4.22 30.24 -27.19
N GLN E 99 2.99 29.73 -27.06
CA GLN E 99 2.62 28.48 -27.69
C GLN E 99 2.74 28.65 -29.20
N GLU E 100 2.30 29.78 -29.66
CA GLU E 100 2.28 30.08 -31.06
C GLU E 100 3.66 30.08 -31.71
N THR E 101 4.59 30.71 -31.04
CA THR E 101 5.97 30.69 -31.43
C THR E 101 6.54 29.27 -31.53
N LEU E 102 6.21 28.43 -30.55
CA LEU E 102 6.66 27.07 -30.56
C LEU E 102 5.97 26.26 -31.65
N GLU E 103 4.68 26.49 -31.87
CA GLU E 103 3.98 25.87 -33.02
C GLU E 103 4.61 26.26 -34.37
N ALA E 104 4.90 27.54 -34.57
CA ALA E 104 5.47 27.98 -35.85
C ALA E 104 6.84 27.39 -36.03
N ALA E 105 7.59 27.32 -34.92
CA ALA E 105 8.97 26.83 -34.95
C ALA E 105 9.01 25.37 -35.40
N GLN E 106 8.12 24.57 -34.84
CA GLN E 106 8.01 23.19 -35.27
C GLN E 106 7.67 23.10 -36.77
N ARG E 107 6.69 23.86 -37.23
CA ARG E 107 6.43 23.97 -38.70
C ARG E 107 7.73 24.33 -39.45
N ASP E 108 8.42 25.39 -39.04
CA ASP E 108 9.66 25.79 -39.71
C ASP E 108 10.77 24.72 -39.68
N VAL E 109 10.79 23.87 -38.65
CA VAL E 109 11.84 22.86 -38.56
C VAL E 109 11.61 21.73 -39.55
N VAL E 110 10.36 21.36 -39.78
CA VAL E 110 10.06 20.39 -40.81
C VAL E 110 10.38 20.98 -42.19
N ARG E 111 9.95 22.22 -42.42
CA ARG E 111 10.16 22.92 -43.67
C ARG E 111 11.62 23.02 -44.04
N GLU E 112 12.43 23.51 -43.11
CA GLU E 112 13.82 23.83 -43.40
C GLU E 112 14.68 22.62 -43.57
N ASN E 113 14.25 21.49 -43.01
CA ASN E 113 14.98 20.25 -43.30
C ASN E 113 14.39 19.53 -44.51
N LYS E 114 13.43 20.16 -45.18
CA LYS E 114 12.77 19.58 -46.35
C LYS E 114 12.31 18.17 -45.99
N LEU E 115 11.61 18.06 -44.87
CA LEU E 115 11.12 16.77 -44.48
C LEU E 115 9.69 16.59 -44.97
N GLU E 116 9.28 15.34 -45.14
CA GLU E 116 7.87 15.05 -45.32
C GLU E 116 7.46 14.16 -44.17
N SER E 117 7.26 12.86 -44.38
CA SER E 117 7.03 11.95 -43.26
C SER E 117 8.20 11.97 -42.26
N CYS E 118 7.95 12.41 -41.03
CA CYS E 118 9.05 12.67 -40.09
C CYS E 118 8.56 12.67 -38.64
N TYR E 119 9.53 12.67 -37.73
CA TYR E 119 9.26 12.78 -36.29
C TYR E 119 9.87 14.06 -35.76
N LEU E 120 9.07 14.86 -35.06
CA LEU E 120 9.51 16.12 -34.44
C LEU E 120 9.80 15.89 -32.94
N ARG E 121 10.91 16.46 -32.45
CA ARG E 121 11.26 16.35 -31.04
C ARG E 121 11.58 17.73 -30.49
N PRO E 122 10.58 18.41 -29.91
CA PRO E 122 10.87 19.56 -29.09
C PRO E 122 11.37 19.13 -27.69
N ILE E 123 12.36 19.82 -27.12
CA ILE E 123 12.85 19.55 -25.74
C ILE E 123 13.13 20.88 -25.03
N ILE E 124 12.62 20.99 -23.78
CA ILE E 124 12.86 22.11 -22.88
C ILE E 124 13.70 21.56 -21.71
N TRP E 125 14.83 22.19 -21.40
CA TRP E 125 15.65 21.74 -20.28
C TRP E 125 16.19 22.94 -19.54
N ILE E 126 17.05 22.66 -18.54
CA ILE E 126 17.60 23.58 -17.58
C ILE E 126 19.09 23.62 -17.78
N GLY E 127 19.61 24.86 -17.87
CA GLY E 127 20.95 25.09 -18.36
C GLY E 127 22.05 24.96 -17.35
N SER E 128 23.15 25.68 -17.62
CA SER E 128 24.42 25.47 -16.99
C SER E 128 24.85 26.52 -15.96
N GLU E 129 23.92 27.36 -15.49
CA GLU E 129 24.36 28.47 -14.62
C GLU E 129 24.79 27.98 -13.23
N LYS E 130 24.03 27.06 -12.65
CA LYS E 130 24.32 26.52 -11.32
C LYS E 130 24.01 25.02 -11.33
N LEU E 131 24.86 24.23 -10.67
CA LEU E 131 24.69 22.79 -10.67
C LEU E 131 24.30 22.25 -9.31
N GLY E 132 23.88 23.11 -8.41
CA GLY E 132 23.15 22.60 -7.24
C GLY E 132 21.83 21.92 -7.65
N VAL E 133 21.36 20.99 -6.82
CA VAL E 133 20.03 20.41 -6.94
C VAL E 133 19.00 21.51 -6.99
N SER E 134 19.18 22.46 -6.09
CA SER E 134 18.22 23.48 -5.76
C SER E 134 18.48 24.76 -6.52
N ALA E 135 19.24 24.69 -7.62
CA ALA E 135 19.72 25.91 -8.26
C ALA E 135 18.55 26.64 -8.98
N LYS E 136 18.49 27.95 -8.79
CA LYS E 136 17.45 28.74 -9.43
C LYS E 136 18.26 29.77 -10.16
N GLY E 137 17.68 30.33 -11.20
CA GLY E 137 18.42 31.25 -12.04
C GLY E 137 19.26 30.47 -13.03
N ASN E 138 18.81 29.26 -13.37
CA ASN E 138 19.30 28.57 -14.55
C ASN E 138 18.41 28.94 -15.74
N THR E 139 19.04 29.07 -16.90
CA THR E 139 18.32 29.34 -18.13
C THR E 139 17.43 28.17 -18.56
N ILE E 140 16.22 28.49 -19.02
CA ILE E 140 15.32 27.47 -19.54
C ILE E 140 15.48 27.49 -21.04
N HIS E 141 16.05 26.41 -21.57
CA HIS E 141 16.41 26.31 -22.99
C HIS E 141 15.30 25.57 -23.74
N VAL E 142 15.13 25.88 -25.02
CA VAL E 142 14.24 25.13 -25.92
C VAL E 142 14.93 24.82 -27.25
N ALA E 143 14.95 23.56 -27.66
CA ALA E 143 15.45 23.14 -28.97
C ALA E 143 14.43 22.23 -29.65
N ILE E 144 14.30 22.37 -30.98
CA ILE E 144 13.42 21.52 -31.79
C ILE E 144 14.22 20.89 -32.93
N ALA E 145 14.22 19.55 -32.99
CA ALA E 145 14.74 18.79 -34.12
C ALA E 145 13.66 17.90 -34.76
N ALA E 146 13.94 17.42 -35.96
CA ALA E 146 13.08 16.47 -36.68
C ALA E 146 13.93 15.61 -37.59
N TRP E 147 13.40 14.46 -37.96
CA TRP E 147 14.11 13.53 -38.83
C TRP E 147 13.14 12.59 -39.49
N PRO E 148 13.56 11.96 -40.60
CA PRO E 148 12.60 11.11 -41.33
C PRO E 148 12.23 9.90 -40.50
N TRP E 149 11.01 9.40 -40.66
CA TRP E 149 10.53 8.26 -39.89
C TRP E 149 10.79 6.92 -40.55
N GLY E 154 7.68 -0.95 -39.02
CA GLY E 154 7.10 -2.08 -38.31
C GLY E 154 5.77 -2.54 -38.89
N GLU E 155 5.73 -2.73 -40.20
CA GLU E 155 4.48 -3.02 -40.92
C GLU E 155 3.82 -4.27 -40.41
N GLU E 156 4.56 -5.36 -40.31
CA GLU E 156 3.94 -6.64 -39.98
C GLU E 156 3.61 -6.74 -38.49
N GLY E 157 4.29 -5.96 -37.66
CA GLY E 157 3.88 -5.75 -36.27
C GLY E 157 2.52 -5.09 -36.21
N LEU E 158 2.32 -4.05 -37.03
CA LEU E 158 1.02 -3.34 -37.16
C LEU E 158 -0.07 -4.25 -37.72
N ALA E 159 0.35 -5.22 -38.52
CA ALA E 159 -0.53 -6.14 -39.27
C ALA E 159 -0.83 -7.44 -38.52
N LYS E 160 0.23 -8.11 -38.03
CA LYS E 160 0.12 -9.43 -37.38
C LYS E 160 0.04 -9.33 -35.84
N GLY E 161 0.58 -8.26 -35.25
CA GLY E 161 0.57 -8.10 -33.82
C GLY E 161 1.91 -8.49 -33.21
N ILE E 162 2.13 -8.05 -31.97
CA ILE E 162 3.39 -8.29 -31.29
C ILE E 162 3.29 -9.14 -30.02
N ARG E 163 4.45 -9.58 -29.57
CA ARG E 163 4.60 -10.45 -28.41
C ARG E 163 5.14 -9.63 -27.26
N VAL E 164 4.38 -9.61 -26.18
CA VAL E 164 4.66 -8.72 -25.05
C VAL E 164 4.92 -9.54 -23.76
N LYS E 165 5.79 -8.98 -22.90
CA LYS E 165 6.13 -9.56 -21.59
C LYS E 165 5.86 -8.53 -20.49
N THR E 166 5.14 -8.99 -19.46
CA THR E 166 4.87 -8.19 -18.29
C THR E 166 6.18 -7.99 -17.51
N SER E 167 6.47 -6.74 -17.20
CA SER E 167 7.79 -6.41 -16.61
C SER E 167 7.80 -6.80 -15.14
N SER E 168 8.98 -7.09 -14.61
CA SER E 168 9.13 -7.14 -13.13
C SER E 168 9.45 -5.79 -12.48
N PHE E 169 9.60 -4.72 -13.27
CA PHE E 169 9.67 -3.35 -12.75
C PHE E 169 8.26 -2.74 -12.66
N THR E 170 8.01 -2.04 -11.59
CA THR E 170 6.70 -1.44 -11.37
C THR E 170 6.62 -0.01 -11.97
N ARG E 171 5.42 0.40 -12.41
CA ARG E 171 5.25 1.70 -13.03
C ARG E 171 5.15 2.82 -11.96
N HIS E 172 5.48 4.04 -12.34
CA HIS E 172 5.59 5.22 -11.46
C HIS E 172 4.48 5.37 -10.51
N HIS E 173 4.84 5.75 -9.29
CA HIS E 173 3.90 6.23 -8.27
C HIS E 173 3.50 7.67 -8.50
N VAL E 174 2.21 7.97 -8.47
CA VAL E 174 1.72 9.27 -8.89
C VAL E 174 1.99 10.43 -7.89
N ASN E 175 2.62 10.18 -6.71
CA ASN E 175 3.04 11.27 -5.86
C ASN E 175 4.52 11.25 -5.64
N VAL E 176 5.18 10.44 -6.44
CA VAL E 176 6.61 10.41 -6.50
C VAL E 176 7.07 11.08 -7.82
N SER E 177 6.47 10.67 -8.93
CA SER E 177 6.64 11.20 -10.25
C SER E 177 5.39 11.89 -10.70
N MET E 178 5.53 13.03 -11.38
CA MET E 178 4.39 13.78 -11.90
C MET E 178 4.13 13.18 -13.27
N VAL E 179 3.22 12.22 -13.31
CA VAL E 179 3.00 11.38 -14.50
C VAL E 179 2.32 12.09 -15.68
N ARG E 180 1.61 13.20 -15.41
CA ARG E 180 1.14 14.07 -16.47
C ARG E 180 2.22 14.93 -17.10
N ALA E 181 3.37 15.09 -16.46
CA ALA E 181 4.51 15.81 -17.06
C ALA E 181 5.40 14.82 -17.79
N LYS E 182 5.67 15.11 -19.07
CA LYS E 182 6.49 14.19 -19.92
C LYS E 182 7.97 14.61 -19.76
N ALA E 183 8.64 13.95 -18.82
CA ALA E 183 9.79 14.45 -18.08
C ALA E 183 10.95 13.48 -18.29
N SER E 184 12.10 14.02 -18.65
CA SER E 184 13.28 13.23 -18.91
C SER E 184 13.44 12.09 -17.90
N GLY E 185 13.47 12.40 -16.60
CA GLY E 185 13.72 11.34 -15.60
C GLY E 185 12.74 10.17 -15.52
N TRP E 186 11.53 10.35 -16.05
N TRP E 186 11.53 10.34 -16.03
CA TRP E 186 10.45 9.36 -16.04
CA TRP E 186 10.51 9.31 -15.97
C TRP E 186 10.78 8.18 -16.92
C TRP E 186 10.86 8.13 -16.84
N TYR E 187 11.76 8.34 -17.82
CA TYR E 187 12.11 7.31 -18.80
C TYR E 187 13.12 6.24 -18.36
N VAL E 188 13.79 6.41 -17.23
CA VAL E 188 14.62 5.34 -16.68
C VAL E 188 13.74 4.09 -16.41
N ASN E 189 12.59 4.23 -15.79
CA ASN E 189 11.71 3.08 -15.54
C ASN E 189 11.37 2.39 -16.89
N SER E 190 11.09 3.21 -17.92
CA SER E 190 10.79 2.72 -19.28
C SER E 190 11.94 1.98 -19.87
N ILE E 191 13.13 2.54 -19.77
CA ILE E 191 14.31 1.88 -20.33
C ILE E 191 14.56 0.55 -19.65
N LEU E 192 14.54 0.56 -18.32
CA LEU E 192 14.73 -0.71 -17.58
C LEU E 192 13.77 -1.83 -18.01
N ALA E 193 12.52 -1.49 -18.14
CA ALA E 193 11.49 -2.44 -18.55
C ALA E 193 11.65 -2.90 -19.97
N ASN E 194 11.91 -1.95 -20.86
CA ASN E 194 12.01 -2.30 -22.26
C ASN E 194 13.18 -3.25 -22.43
N GLN E 195 14.29 -2.95 -21.77
CA GLN E 195 15.48 -3.79 -21.89
C GLN E 195 15.19 -5.20 -21.34
N GLU E 196 14.46 -5.29 -20.24
CA GLU E 196 14.10 -6.56 -19.68
C GLU E 196 13.39 -7.41 -20.69
N ALA E 197 12.37 -6.82 -21.31
CA ALA E 197 11.56 -7.56 -22.28
C ALA E 197 12.35 -7.98 -23.55
N THR E 198 13.12 -7.05 -24.15
CA THR E 198 13.85 -7.31 -25.39
C THR E 198 14.99 -8.32 -25.18
N ALA E 199 15.66 -8.30 -24.03
CA ALA E 199 16.72 -9.26 -23.71
C ALA E 199 16.29 -10.72 -23.75
N ASP E 200 15.03 -10.97 -23.48
CA ASP E 200 14.47 -12.33 -23.48
C ASP E 200 13.62 -12.54 -24.76
N GLY E 201 13.74 -11.64 -25.73
CA GLY E 201 13.22 -11.89 -27.07
C GLY E 201 11.80 -11.39 -27.32
N TYR E 202 11.22 -10.66 -26.39
CA TYR E 202 9.88 -10.11 -26.59
C TYR E 202 9.98 -8.78 -27.33
N ASP E 203 8.91 -8.38 -27.99
CA ASP E 203 8.87 -7.08 -28.69
C ASP E 203 8.75 -5.90 -27.75
N GLU E 204 7.95 -6.01 -26.70
CA GLU E 204 7.71 -4.85 -25.81
C GLU E 204 7.36 -5.31 -24.40
N ALA E 205 7.52 -4.41 -23.41
CA ALA E 205 7.19 -4.73 -22.01
C ALA E 205 5.83 -4.15 -21.70
N LEU E 206 5.10 -4.81 -20.80
CA LEU E 206 3.90 -4.23 -20.21
C LEU E 206 4.15 -4.05 -18.72
N LEU E 207 3.83 -2.87 -18.19
CA LEU E 207 4.08 -2.58 -16.76
C LEU E 207 2.81 -2.52 -15.95
N LEU E 208 2.88 -3.04 -14.72
CA LEU E 208 1.80 -2.99 -13.75
C LEU E 208 2.09 -1.81 -12.82
N ASP E 209 1.06 -1.28 -12.20
CA ASP E 209 1.21 -0.19 -11.25
C ASP E 209 1.56 -0.74 -9.87
N VAL E 210 1.68 0.14 -8.88
CA VAL E 210 2.02 -0.30 -7.55
C VAL E 210 1.02 -1.24 -6.89
N ASP E 211 -0.23 -1.24 -7.38
CA ASP E 211 -1.25 -2.13 -6.85
C ASP E 211 -1.40 -3.47 -7.56
N GLY E 212 -0.63 -3.66 -8.62
CA GLY E 212 -0.71 -4.88 -9.38
C GLY E 212 -1.58 -4.89 -10.61
N TYR E 213 -2.20 -3.75 -10.95
CA TYR E 213 -3.03 -3.63 -12.13
C TYR E 213 -2.22 -3.17 -13.36
N VAL E 214 -2.75 -3.56 -14.51
CA VAL E 214 -2.18 -3.14 -15.76
C VAL E 214 -2.17 -1.61 -15.88
N SER E 215 -0.99 -1.05 -16.13
CA SER E 215 -0.87 0.42 -16.37
C SER E 215 -0.66 0.76 -17.85
N GLU E 216 0.43 0.32 -18.47
CA GLU E 216 0.82 0.76 -19.82
C GLU E 216 2.11 0.07 -20.24
N GLY E 217 2.46 0.22 -21.50
CA GLY E 217 3.73 -0.24 -22.01
C GLY E 217 4.82 0.72 -21.62
N SER E 218 6.05 0.43 -21.94
CA SER E 218 7.14 1.37 -21.63
C SER E 218 7.09 2.71 -22.40
N GLY E 219 6.41 2.78 -23.55
CA GLY E 219 6.13 4.08 -24.23
C GLY E 219 4.77 4.13 -24.92
N GLU E 220 3.81 3.37 -24.43
CA GLU E 220 2.49 3.29 -25.09
C GLU E 220 1.40 3.10 -24.08
N ASN E 221 0.21 3.53 -24.45
CA ASN E 221 -0.93 3.16 -23.68
C ASN E 221 -1.50 1.81 -24.12
N PHE E 222 -2.30 1.23 -23.22
CA PHE E 222 -2.78 -0.15 -23.38
C PHE E 222 -4.27 -0.18 -23.50
N PHE E 223 -4.76 -1.02 -24.41
CA PHE E 223 -6.18 -1.24 -24.56
C PHE E 223 -6.50 -2.74 -24.67
N LEU E 224 -7.71 -3.10 -24.29
CA LEU E 224 -8.21 -4.45 -24.47
C LEU E 224 -9.64 -4.37 -24.98
N VAL E 225 -10.02 -5.33 -25.81
CA VAL E 225 -11.41 -5.48 -26.27
C VAL E 225 -12.01 -6.74 -25.68
N ASN E 226 -13.22 -6.65 -25.15
CA ASN E 226 -13.95 -7.82 -24.71
C ASN E 226 -15.45 -7.65 -24.95
N ARG E 227 -16.08 -8.68 -25.53
CA ARG E 227 -17.50 -8.60 -25.89
C ARG E 227 -17.90 -7.29 -26.61
N GLY E 228 -17.14 -6.88 -27.62
CA GLY E 228 -17.53 -5.72 -28.43
C GLY E 228 -17.28 -4.35 -27.82
N LYS E 229 -16.76 -4.33 -26.57
CA LYS E 229 -16.51 -3.11 -25.82
C LYS E 229 -15.01 -2.89 -25.62
N LEU E 230 -14.62 -1.63 -25.52
CA LEU E 230 -13.21 -1.25 -25.43
C LEU E 230 -12.87 -0.76 -24.03
N TYR E 231 -11.82 -1.33 -23.44
CA TYR E 231 -11.42 -1.10 -22.07
C TYR E 231 -10.01 -0.54 -22.06
N THR E 232 -9.71 0.38 -21.16
CA THR E 232 -8.35 0.87 -21.02
C THR E 232 -8.10 1.24 -19.57
N PRO E 233 -6.84 1.16 -19.09
CA PRO E 233 -6.70 1.55 -17.72
C PRO E 233 -7.12 3.00 -17.53
N ASP E 234 -7.68 3.29 -16.37
CA ASP E 234 -8.15 4.63 -16.15
C ASP E 234 -6.87 5.48 -16.20
N LEU E 235 -6.98 6.69 -16.73
CA LEU E 235 -5.96 7.75 -16.58
C LEU E 235 -5.64 7.88 -15.06
N ALA E 236 -4.61 7.16 -14.62
CA ALA E 236 -4.24 7.08 -13.20
C ALA E 236 -2.72 7.16 -13.10
N SER E 237 -2.02 6.04 -13.08
CA SER E 237 -0.55 6.04 -13.21
C SER E 237 -0.07 6.31 -14.68
N CYS E 238 -0.91 6.00 -15.68
CA CYS E 238 -0.45 6.02 -17.09
C CYS E 238 -0.32 7.44 -17.63
N LEU E 239 0.31 7.61 -18.79
CA LEU E 239 0.46 8.93 -19.40
C LEU E 239 -0.85 9.29 -20.09
N ASP E 240 -1.15 10.59 -20.12
CA ASP E 240 -2.34 11.08 -20.82
C ASP E 240 -2.05 11.15 -22.34
N GLY E 241 -2.03 10.01 -23.00
CA GLY E 241 -1.62 9.95 -24.42
C GLY E 241 -2.52 10.64 -25.45
N ILE E 242 -1.88 11.42 -26.32
CA ILE E 242 -2.55 12.00 -27.47
C ILE E 242 -3.12 10.92 -28.44
N THR E 243 -2.36 9.86 -28.72
CA THR E 243 -2.88 8.78 -29.58
C THR E 243 -4.05 8.06 -28.90
N ARG E 244 -3.91 7.83 -27.58
CA ARG E 244 -4.99 7.27 -26.79
C ARG E 244 -6.26 8.06 -26.93
N ASP E 245 -6.16 9.37 -26.77
CA ASP E 245 -7.31 10.24 -26.88
C ASP E 245 -7.94 10.14 -28.26
N THR E 246 -7.09 10.19 -29.29
CA THR E 246 -7.56 10.06 -30.66
C THR E 246 -8.37 8.79 -30.82
N VAL E 247 -7.77 7.68 -30.38
CA VAL E 247 -8.42 6.37 -30.52
C VAL E 247 -9.71 6.29 -29.73
N ILE E 248 -9.73 6.85 -28.52
CA ILE E 248 -10.98 6.86 -27.74
C ILE E 248 -12.08 7.61 -28.48
N THR E 249 -11.74 8.74 -29.08
CA THR E 249 -12.74 9.55 -29.79
C THR E 249 -13.32 8.84 -31.04
N LEU E 250 -12.46 8.19 -31.81
CA LEU E 250 -12.88 7.41 -32.97
C LEU E 250 -13.80 6.26 -32.56
N ALA E 251 -13.43 5.54 -31.49
CA ALA E 251 -14.23 4.43 -30.98
C ALA E 251 -15.64 4.89 -30.64
N LYS E 252 -15.72 6.00 -29.91
CA LYS E 252 -17.02 6.58 -29.57
C LYS E 252 -17.83 6.95 -30.81
N GLU E 253 -17.15 7.52 -31.80
CA GLU E 253 -17.86 7.95 -33.01
C GLU E 253 -18.39 6.74 -33.76
N ALA E 254 -17.62 5.66 -33.71
CA ALA E 254 -18.00 4.39 -34.30
C ALA E 254 -19.06 3.67 -33.48
N GLY E 255 -19.56 4.32 -32.43
CA GLY E 255 -20.52 3.73 -31.51
C GLY E 255 -20.00 2.64 -30.58
N ILE E 256 -18.68 2.58 -30.36
CA ILE E 256 -18.13 1.57 -29.45
C ILE E 256 -18.04 2.13 -28.03
N GLU E 257 -18.55 1.36 -27.08
CA GLU E 257 -18.54 1.70 -25.66
C GLU E 257 -17.09 1.61 -25.19
N VAL E 258 -16.59 2.68 -24.58
CA VAL E 258 -15.26 2.75 -24.01
C VAL E 258 -15.39 2.87 -22.50
N ILE E 259 -14.67 2.01 -21.78
CA ILE E 259 -14.75 1.94 -20.31
C ILE E 259 -13.32 2.05 -19.78
N GLU E 260 -13.14 2.95 -18.86
CA GLU E 260 -11.91 3.12 -18.15
C GLU E 260 -12.09 2.37 -16.82
N LYS E 261 -11.18 1.45 -16.53
CA LYS E 261 -11.32 0.59 -15.33
C LYS E 261 -9.96 0.00 -14.97
N ARG E 262 -9.87 -0.56 -13.77
CA ARG E 262 -8.64 -1.23 -13.35
C ARG E 262 -8.63 -2.61 -13.99
N ILE E 263 -7.50 -3.04 -14.59
CA ILE E 263 -7.48 -4.25 -15.42
C ILE E 263 -6.44 -5.22 -14.86
N THR E 264 -6.82 -6.47 -14.55
CA THR E 264 -5.80 -7.43 -14.05
C THR E 264 -5.02 -8.04 -15.19
N ARG E 265 -3.82 -8.54 -14.94
CA ARG E 265 -3.06 -9.15 -16.01
C ARG E 265 -3.81 -10.37 -16.67
N ASP E 266 -4.50 -11.15 -15.83
CA ASP E 266 -5.29 -12.29 -16.35
C ASP E 266 -6.53 -11.94 -17.17
N GLU E 267 -7.09 -10.74 -16.99
CA GLU E 267 -8.11 -10.20 -17.91
C GLU E 267 -7.52 -10.02 -19.30
N VAL E 268 -6.21 -9.68 -19.38
CA VAL E 268 -5.59 -9.57 -20.70
C VAL E 268 -5.50 -10.95 -21.36
N TYR E 269 -5.04 -11.94 -20.58
CA TYR E 269 -4.85 -13.27 -21.11
C TYR E 269 -6.12 -13.80 -21.70
N THR E 270 -7.28 -13.38 -21.19
CA THR E 270 -8.58 -13.90 -21.65
C THR E 270 -9.41 -12.88 -22.47
N ALA E 271 -8.77 -11.78 -22.89
CA ALA E 271 -9.45 -10.79 -23.71
C ALA E 271 -9.65 -11.27 -25.14
N ASP E 272 -10.71 -10.77 -25.77
CA ASP E 272 -10.94 -11.01 -27.19
C ASP E 272 -9.82 -10.41 -28.03
N GLU E 273 -9.35 -9.22 -27.66
CA GLU E 273 -8.28 -8.51 -28.40
C GLU E 273 -7.49 -7.57 -27.45
N ALA E 274 -6.27 -7.19 -27.83
CA ALA E 274 -5.49 -6.17 -27.12
C ALA E 274 -4.57 -5.39 -28.09
N PHE E 275 -4.28 -4.12 -27.76
CA PHE E 275 -3.35 -3.29 -28.56
C PHE E 275 -2.73 -2.14 -27.78
N PHE E 276 -1.65 -1.60 -28.33
CA PHE E 276 -0.97 -0.44 -27.82
C PHE E 276 -1.29 0.75 -28.72
N THR E 277 -1.31 1.93 -28.09
CA THR E 277 -1.31 3.19 -28.80
C THR E 277 -0.09 4.04 -28.40
N GLY E 278 0.44 4.80 -29.36
CA GLY E 278 1.49 5.78 -29.07
C GLY E 278 1.85 6.58 -30.33
N THR E 279 2.49 7.73 -30.16
CA THR E 279 2.88 8.53 -31.33
C THR E 279 3.74 7.68 -32.29
N ALA E 280 4.70 6.93 -31.72
CA ALA E 280 5.52 5.96 -32.48
C ALA E 280 4.74 4.69 -32.83
N ALA E 281 3.96 4.18 -31.88
CA ALA E 281 3.30 2.84 -32.00
C ALA E 281 1.98 2.90 -32.81
N GLU E 282 1.51 4.10 -33.11
CA GLU E 282 0.23 4.24 -33.81
C GLU E 282 -0.86 3.37 -33.10
N VAL E 283 -1.47 2.42 -33.79
CA VAL E 283 -2.27 1.39 -33.12
C VAL E 283 -1.65 0.05 -33.48
N THR E 284 -0.96 -0.57 -32.49
CA THR E 284 -0.23 -1.85 -32.68
C THR E 284 -0.90 -3.03 -31.95
N PRO E 285 -1.36 -4.05 -32.69
CA PRO E 285 -1.98 -5.19 -32.01
C PRO E 285 -1.02 -5.98 -31.11
N ILE E 286 -1.55 -6.51 -30.03
CA ILE E 286 -0.81 -7.39 -29.14
C ILE E 286 -1.39 -8.80 -29.34
N ARG E 287 -0.58 -9.71 -29.86
CA ARG E 287 -1.06 -11.09 -30.14
C ARG E 287 -0.77 -12.11 -29.07
N GLU E 288 0.10 -11.77 -28.13
CA GLU E 288 0.48 -12.69 -27.05
C GLU E 288 0.98 -11.82 -25.87
N LEU E 289 0.59 -12.21 -24.65
CA LEU E 289 1.15 -11.63 -23.42
C LEU E 289 1.62 -12.75 -22.50
N ASP E 290 2.88 -12.73 -22.11
CA ASP E 290 3.46 -13.73 -21.24
C ASP E 290 3.29 -15.15 -21.80
N ASN E 291 3.44 -15.29 -23.11
CA ASN E 291 3.36 -16.57 -23.78
C ASN E 291 1.95 -17.16 -23.74
N ARG E 292 0.95 -16.33 -23.43
CA ARG E 292 -0.45 -16.67 -23.55
C ARG E 292 -1.03 -15.94 -24.78
N THR E 293 -1.58 -16.70 -25.73
CA THR E 293 -2.18 -16.12 -26.92
C THR E 293 -3.40 -15.30 -26.65
N ILE E 294 -3.47 -14.10 -27.22
CA ILE E 294 -4.66 -13.27 -27.07
C ILE E 294 -5.66 -13.62 -28.19
N GLY E 295 -6.89 -13.98 -27.83
CA GLY E 295 -7.91 -14.44 -28.78
C GLY E 295 -7.37 -15.44 -29.79
N GLY E 296 -7.58 -15.15 -31.08
CA GLY E 296 -7.11 -16.05 -32.15
C GLY E 296 -5.62 -15.93 -32.50
N GLY E 297 -4.89 -15.02 -31.85
CA GLY E 297 -3.45 -14.91 -32.09
C GLY E 297 -3.06 -13.97 -33.23
N ALA E 298 -4.05 -13.26 -33.77
CA ALA E 298 -3.83 -12.28 -34.86
C ALA E 298 -4.50 -10.94 -34.55
N ARG E 299 -4.51 -10.03 -35.50
CA ARG E 299 -5.12 -8.73 -35.28
C ARG E 299 -6.63 -8.90 -35.21
N GLY E 300 -7.25 -8.40 -34.15
CA GLY E 300 -8.71 -8.58 -34.00
C GLY E 300 -9.58 -7.61 -34.80
N PRO E 301 -10.86 -7.94 -34.95
CA PRO E 301 -11.72 -7.11 -35.84
C PRO E 301 -11.95 -5.65 -35.33
N ILE E 302 -12.14 -5.44 -34.02
CA ILE E 302 -12.29 -4.08 -33.50
C ILE E 302 -10.96 -3.33 -33.54
N THR E 303 -9.85 -4.04 -33.33
CA THR E 303 -8.53 -3.44 -33.45
C THR E 303 -8.35 -2.94 -34.87
N GLU E 304 -8.54 -3.82 -35.85
CA GLU E 304 -8.48 -3.45 -37.26
C GLU E 304 -9.33 -2.25 -37.60
N LYS E 305 -10.55 -2.18 -37.09
CA LYS E 305 -11.46 -1.07 -37.41
C LYS E 305 -10.96 0.26 -36.83
N LEU E 306 -10.36 0.20 -35.65
CA LEU E 306 -9.85 1.37 -34.96
C LEU E 306 -8.56 1.85 -35.61
N GLN E 307 -7.68 0.90 -35.88
CA GLN E 307 -6.44 1.18 -36.59
C GLN E 307 -6.70 1.85 -37.93
N SER E 308 -7.74 1.39 -38.64
CA SER E 308 -8.09 1.98 -39.94
C SER E 308 -8.69 3.36 -39.82
N ALA E 309 -9.53 3.56 -38.80
CA ALA E 309 -10.06 4.88 -38.56
C ALA E 309 -8.89 5.81 -38.27
N PHE E 310 -7.94 5.34 -37.46
CA PHE E 310 -6.79 6.13 -37.11
C PHE E 310 -6.00 6.56 -38.34
N PHE E 311 -5.64 5.60 -39.19
CA PHE E 311 -4.79 5.94 -40.33
C PHE E 311 -5.48 6.82 -41.35
N ASP E 312 -6.79 6.68 -41.44
CA ASP E 312 -7.61 7.54 -42.27
C ASP E 312 -7.68 8.97 -41.77
N VAL E 313 -7.56 9.14 -40.46
CA VAL E 313 -7.48 10.47 -39.86
C VAL E 313 -6.10 11.07 -40.08
N VAL E 314 -5.02 10.32 -39.90
CA VAL E 314 -3.69 10.92 -40.03
C VAL E 314 -3.27 11.21 -41.49
N ASN E 315 -3.92 10.52 -42.44
CA ASN E 315 -3.66 10.69 -43.88
C ASN E 315 -4.70 11.63 -44.52
N GLY E 316 -5.33 12.46 -43.68
CA GLY E 316 -6.35 13.40 -44.10
C GLY E 316 -7.55 12.85 -44.88
N LYS E 317 -7.81 11.55 -44.85
CA LYS E 317 -8.98 11.01 -45.58
C LYS E 317 -10.32 11.18 -44.82
N SER E 318 -10.37 12.04 -43.80
CA SER E 318 -11.60 12.28 -43.03
C SER E 318 -11.90 13.77 -42.81
N ALA E 319 -12.95 14.28 -43.46
CA ALA E 319 -13.33 15.69 -43.35
C ALA E 319 -13.58 16.07 -41.89
N LYS E 320 -14.31 15.20 -41.21
CA LYS E 320 -14.70 15.32 -39.79
C LYS E 320 -13.60 15.92 -38.87
N HIS E 321 -12.38 15.43 -39.02
CA HIS E 321 -11.31 15.75 -38.10
C HIS E 321 -10.23 16.55 -38.77
N ALA E 322 -10.60 17.37 -39.76
CA ALA E 322 -9.63 18.13 -40.54
C ALA E 322 -8.77 19.01 -39.64
N ASP E 323 -9.38 19.57 -38.59
CA ASP E 323 -8.65 20.47 -37.70
C ASP E 323 -7.67 19.77 -36.76
N TRP E 324 -7.39 18.47 -36.96
CA TRP E 324 -6.26 17.81 -36.29
C TRP E 324 -4.98 17.86 -37.10
N LEU E 325 -5.03 18.26 -38.36
CA LEU E 325 -3.81 18.33 -39.20
C LEU E 325 -3.41 19.76 -39.55
N THR E 326 -2.11 20.06 -39.46
CA THR E 326 -1.54 21.30 -40.02
C THR E 326 -0.75 20.95 -41.27
N LYS E 327 -0.75 21.81 -42.29
CA LYS E 327 -0.14 21.51 -43.62
C LYS E 327 1.16 22.27 -43.92
N SER F 23 28.74 31.18 -14.82
CA SER F 23 28.32 29.96 -15.56
C SER F 23 29.36 28.83 -15.48
N MET F 24 28.88 27.63 -15.13
CA MET F 24 29.75 26.48 -14.96
C MET F 24 30.29 25.99 -16.31
N ALA F 25 29.63 26.41 -17.40
CA ALA F 25 30.10 26.14 -18.76
C ALA F 25 31.25 27.06 -19.15
N ASP F 26 31.13 28.33 -18.75
CA ASP F 26 32.07 29.39 -19.12
C ASP F 26 33.10 29.65 -17.99
N ARG F 27 34.24 28.93 -18.05
CA ARG F 27 35.27 28.92 -16.98
C ARG F 27 36.61 28.41 -17.53
N ASP F 28 37.71 28.89 -16.94
CA ASP F 28 39.04 28.32 -17.22
C ASP F 28 39.18 27.00 -16.46
N GLY F 29 39.97 26.08 -17.00
CA GLY F 29 40.30 24.84 -16.30
C GLY F 29 40.37 23.63 -17.21
N LYS F 30 40.50 22.45 -16.60
CA LYS F 30 40.52 21.16 -17.31
C LYS F 30 39.38 20.26 -16.87
N ILE F 31 38.70 19.65 -17.83
CA ILE F 31 37.73 18.57 -17.53
C ILE F 31 38.23 17.26 -18.16
N TRP F 32 38.17 16.18 -17.40
CA TRP F 32 38.55 14.87 -17.93
C TRP F 32 37.35 14.33 -18.62
N MET F 33 37.49 13.96 -19.91
CA MET F 33 36.37 13.44 -20.69
C MET F 33 36.81 12.33 -21.62
N ASP F 34 36.13 11.19 -21.52
CA ASP F 34 36.34 10.05 -22.41
C ASP F 34 37.82 9.71 -22.59
N GLY F 35 38.56 9.78 -21.48
CA GLY F 35 39.93 9.34 -21.43
C GLY F 35 40.98 10.44 -21.49
N LYS F 36 40.58 11.71 -21.52
CA LYS F 36 41.57 12.81 -21.70
C LYS F 36 41.20 14.09 -20.94
N LEU F 37 42.22 14.84 -20.53
CA LEU F 37 42.02 16.21 -20.10
C LEU F 37 41.89 17.10 -21.32
N ILE F 38 40.79 17.84 -21.37
CA ILE F 38 40.60 18.85 -22.38
C ILE F 38 40.22 20.18 -21.69
N GLU F 39 40.33 21.27 -22.44
CA GLU F 39 39.79 22.56 -22.08
C GLU F 39 38.34 22.48 -21.58
N TRP F 40 38.12 22.98 -20.37
CA TRP F 40 36.81 23.08 -19.74
C TRP F 40 35.73 23.37 -20.75
N ARG F 41 35.86 24.50 -21.45
CA ARG F 41 34.80 24.97 -22.33
C ARG F 41 34.52 24.06 -23.52
N ASP F 42 35.48 23.21 -23.88
CA ASP F 42 35.32 22.24 -24.95
C ASP F 42 34.45 21.03 -24.57
N ALA F 43 34.30 20.78 -23.27
CA ALA F 43 33.48 19.64 -22.78
C ALA F 43 31.99 19.85 -23.10
N LYS F 44 31.64 19.57 -24.35
CA LYS F 44 30.36 19.90 -24.90
C LYS F 44 29.68 18.61 -25.42
N ILE F 45 28.35 18.59 -25.48
CA ILE F 45 27.61 17.52 -26.11
C ILE F 45 26.50 18.12 -26.98
N HIS F 46 25.89 17.29 -27.82
CA HIS F 46 24.74 17.70 -28.61
C HIS F 46 23.48 17.67 -27.79
N VAL F 47 22.50 18.50 -28.17
CA VAL F 47 21.19 18.46 -27.55
C VAL F 47 20.53 17.11 -27.73
N LEU F 48 20.93 16.39 -28.78
CA LEU F 48 20.36 15.06 -29.00
C LEU F 48 21.30 14.04 -28.34
N THR F 49 21.32 14.08 -27.01
CA THR F 49 22.11 13.21 -26.17
C THR F 49 21.07 12.41 -25.36
N HIS F 50 21.13 11.09 -25.48
CA HIS F 50 20.10 10.19 -24.90
C HIS F 50 19.73 10.51 -23.45
N THR F 51 20.75 10.66 -22.61
CA THR F 51 20.51 10.95 -21.19
C THR F 51 19.78 12.30 -20.96
N LEU F 52 20.02 13.31 -21.81
CA LEU F 52 19.27 14.58 -21.67
C LEU F 52 17.80 14.34 -21.83
N HIS F 53 17.46 13.40 -22.71
CA HIS F 53 16.06 13.11 -23.08
C HIS F 53 15.40 12.08 -22.18
N TYR F 54 16.16 11.10 -21.73
CA TYR F 54 15.57 9.88 -21.10
C TYR F 54 15.99 9.58 -19.65
N GLY F 55 16.95 10.36 -19.14
CA GLY F 55 17.28 10.39 -17.74
C GLY F 55 18.19 9.31 -17.23
N MET F 56 18.63 8.40 -18.11
CA MET F 56 19.54 7.33 -17.67
C MET F 56 20.98 7.79 -17.78
N GLY F 57 21.48 8.26 -16.64
CA GLY F 57 22.90 8.56 -16.48
C GLY F 57 23.19 8.48 -15.01
N VAL F 58 24.45 8.46 -14.61
CA VAL F 58 24.73 8.29 -13.19
C VAL F 58 25.90 9.23 -12.81
N PHE F 59 25.83 9.77 -11.59
CA PHE F 59 26.87 10.65 -11.09
C PHE F 59 27.23 10.40 -9.62
N GLU F 60 28.34 11.05 -9.22
CA GLU F 60 28.77 11.13 -7.83
C GLU F 60 28.98 12.57 -7.39
N GLY F 61 28.94 12.77 -6.08
CA GLY F 61 29.49 13.98 -5.47
C GLY F 61 30.62 13.55 -4.55
N VAL F 62 31.77 14.20 -4.65
CA VAL F 62 32.96 13.86 -3.87
C VAL F 62 33.75 15.11 -3.47
N ARG F 63 34.24 15.11 -2.24
CA ARG F 63 34.98 16.23 -1.70
C ARG F 63 36.46 15.94 -1.57
N ALA F 64 37.20 17.04 -1.57
CA ALA F 64 38.57 17.06 -1.12
C ALA F 64 38.63 18.13 -0.02
N TYR F 65 39.54 17.91 0.93
CA TYR F 65 39.79 18.84 2.02
C TYR F 65 41.29 19.14 2.10
N LYS F 66 41.63 20.33 2.57
CA LYS F 66 42.96 20.65 3.02
C LYS F 66 43.06 19.95 4.37
N THR F 67 44.18 19.28 4.63
CA THR F 67 44.37 18.48 5.83
C THR F 67 45.44 19.06 6.78
N ALA F 68 45.51 18.42 7.95
CA ALA F 68 46.25 18.90 9.07
C ALA F 68 47.60 19.45 8.65
N ASP F 69 48.31 18.74 7.78
CA ASP F 69 49.72 19.09 7.41
C ASP F 69 49.88 20.01 6.17
N GLY F 70 48.81 20.70 5.80
CA GLY F 70 48.84 21.59 4.63
C GLY F 70 48.46 20.82 3.37
N GLY F 71 48.34 19.49 3.49
CA GLY F 71 48.10 18.65 2.34
C GLY F 71 46.66 18.82 1.94
N THR F 72 46.29 18.16 0.85
CA THR F 72 44.87 17.95 0.54
C THR F 72 44.64 16.51 0.08
N ALA F 73 43.46 16.02 0.42
CA ALA F 73 43.12 14.65 0.17
C ALA F 73 41.64 14.56 -0.20
N ILE F 74 41.29 13.64 -1.08
CA ILE F 74 39.88 13.32 -1.40
C ILE F 74 39.32 12.34 -0.39
N PHE F 75 38.07 12.58 0.05
CA PHE F 75 37.49 11.81 1.17
C PHE F 75 36.69 10.63 0.66
N ARG F 76 37.18 9.44 1.04
CA ARG F 76 36.59 8.13 0.70
C ARG F 76 36.39 8.02 -0.80
N LEU F 77 37.46 8.27 -1.54
CA LEU F 77 37.40 8.20 -3.00
C LEU F 77 37.03 6.83 -3.50
N LYS F 78 37.66 5.82 -2.92
CA LYS F 78 37.44 4.39 -3.25
C LYS F 78 35.97 4.04 -3.34
N GLU F 79 35.27 4.37 -2.26
CA GLU F 79 33.88 3.99 -2.02
C GLU F 79 32.95 4.86 -2.91
N HIS F 80 33.39 6.11 -3.19
CA HIS F 80 32.60 6.97 -4.12
C HIS F 80 32.81 6.43 -5.52
N THR F 81 34.00 5.97 -5.88
CA THR F 81 34.15 5.47 -7.25
C THR F 81 33.58 4.06 -7.46
N LYS F 82 33.48 3.25 -6.39
CA LYS F 82 33.02 1.89 -6.55
C LYS F 82 31.54 2.10 -6.75
N ARG F 83 31.05 3.08 -6.05
CA ARG F 83 29.60 3.28 -6.08
C ARG F 83 29.07 3.78 -7.43
N LEU F 84 29.84 4.66 -8.05
CA LEU F 84 29.70 5.11 -9.44
C LEU F 84 29.64 3.97 -10.42
N LEU F 85 30.63 3.07 -10.38
CA LEU F 85 30.63 1.92 -11.26
C LEU F 85 29.47 0.97 -10.97
N ASN F 86 29.07 0.82 -9.69
CA ASN F 86 27.94 -0.04 -9.32
C ASN F 86 26.63 0.53 -9.86
N SER F 87 26.52 1.85 -9.86
CA SER F 87 25.37 2.53 -10.47
C SER F 87 25.31 2.20 -11.97
N ALA F 88 26.44 2.18 -12.67
CA ALA F 88 26.47 1.80 -14.08
C ALA F 88 26.03 0.35 -14.23
N LYS F 89 26.48 -0.50 -13.31
CA LYS F 89 26.18 -1.91 -13.32
C LYS F 89 24.68 -2.14 -13.24
N ILE F 90 24.06 -1.48 -12.30
CA ILE F 90 22.67 -1.65 -12.07
C ILE F 90 21.86 -1.36 -13.35
N PHE F 91 22.27 -0.31 -14.09
CA PHE F 91 21.64 0.07 -15.36
C PHE F 91 22.14 -0.69 -16.59
N GLN F 92 23.07 -1.58 -16.37
CA GLN F 92 23.77 -2.33 -17.44
C GLN F 92 24.47 -1.38 -18.43
N MET F 93 25.13 -0.36 -17.90
CA MET F 93 25.88 0.58 -18.75
C MET F 93 27.31 0.11 -18.68
N ASP F 94 27.87 -0.22 -19.86
CA ASP F 94 29.20 -0.80 -19.96
C ASP F 94 30.16 0.39 -19.98
N VAL F 95 30.88 0.58 -18.87
CA VAL F 95 31.70 1.76 -18.69
C VAL F 95 33.03 1.42 -19.22
N PRO F 96 33.50 2.14 -20.24
CA PRO F 96 34.75 1.64 -20.80
C PRO F 96 36.03 1.98 -20.02
N PHE F 97 36.00 2.32 -18.73
CA PHE F 97 37.27 2.41 -17.94
C PHE F 97 37.17 1.65 -16.65
N ASP F 98 38.23 0.98 -16.23
CA ASP F 98 38.19 0.30 -14.94
C ASP F 98 38.34 1.31 -13.79
N GLN F 99 38.31 0.81 -12.56
CA GLN F 99 38.19 1.69 -11.40
C GLN F 99 39.48 2.41 -11.10
N GLU F 100 40.61 1.78 -11.41
CA GLU F 100 41.83 2.44 -11.08
C GLU F 100 41.98 3.73 -11.88
N THR F 101 41.78 3.62 -13.19
CA THR F 101 41.90 4.74 -14.12
C THR F 101 41.00 5.91 -13.65
N LEU F 102 39.82 5.59 -13.15
CA LEU F 102 38.86 6.61 -12.71
C LEU F 102 39.23 7.22 -11.36
N GLU F 103 39.86 6.44 -10.48
CA GLU F 103 40.38 7.02 -9.23
C GLU F 103 41.48 8.03 -9.56
N ALA F 104 42.38 7.65 -10.48
CA ALA F 104 43.51 8.47 -10.85
C ALA F 104 43.06 9.70 -11.64
N ALA F 105 41.98 9.54 -12.37
CA ALA F 105 41.49 10.63 -13.19
C ALA F 105 40.88 11.71 -12.31
N GLN F 106 40.12 11.31 -11.30
CA GLN F 106 39.64 12.27 -10.32
C GLN F 106 40.80 13.04 -9.66
N ARG F 107 41.82 12.32 -9.25
CA ARG F 107 43.00 12.95 -8.67
C ARG F 107 43.67 13.90 -9.66
N ASP F 108 43.90 13.47 -10.91
CA ASP F 108 44.44 14.34 -11.95
C ASP F 108 43.70 15.66 -12.01
N VAL F 109 42.38 15.58 -11.97
CA VAL F 109 41.55 16.76 -12.13
C VAL F 109 41.63 17.72 -10.95
N VAL F 110 41.78 17.20 -9.74
CA VAL F 110 42.03 18.10 -8.60
C VAL F 110 43.39 18.81 -8.80
N ARG F 111 44.41 18.03 -9.19
CA ARG F 111 45.80 18.53 -9.29
C ARG F 111 45.98 19.59 -10.36
N GLU F 112 45.42 19.35 -11.53
CA GLU F 112 45.62 20.25 -12.69
C GLU F 112 44.89 21.57 -12.51
N ASN F 113 43.66 21.52 -12.03
CA ASN F 113 42.95 22.73 -11.66
C ASN F 113 43.46 23.39 -10.37
N LYS F 114 44.57 22.85 -9.84
CA LYS F 114 45.28 23.43 -8.69
C LYS F 114 44.35 23.69 -7.50
N LEU F 115 43.49 22.74 -7.18
CA LEU F 115 42.47 22.95 -6.15
C LEU F 115 42.88 22.38 -4.78
N GLU F 116 42.20 22.85 -3.74
CA GLU F 116 42.37 22.39 -2.36
C GLU F 116 41.02 21.95 -1.83
N SER F 117 40.40 22.67 -0.90
CA SER F 117 39.05 22.27 -0.47
C SER F 117 38.04 22.55 -1.56
N CYS F 118 37.56 21.46 -2.18
CA CYS F 118 36.77 21.49 -3.42
C CYS F 118 35.76 20.33 -3.55
N TYR F 119 34.91 20.44 -4.56
CA TYR F 119 33.88 19.45 -4.86
C TYR F 119 34.15 18.85 -6.24
N LEU F 120 34.11 17.52 -6.30
CA LEU F 120 34.33 16.76 -7.52
C LEU F 120 32.98 16.21 -8.00
N ARG F 121 32.73 16.22 -9.31
CA ARG F 121 31.52 15.66 -9.94
C ARG F 121 31.94 14.80 -11.19
N PRO F 122 32.11 13.48 -10.99
CA PRO F 122 32.16 12.54 -12.11
C PRO F 122 30.71 12.26 -12.59
N ILE F 123 30.54 12.07 -13.89
CA ILE F 123 29.23 11.70 -14.49
C ILE F 123 29.43 10.77 -15.68
N ILE F 124 28.53 9.78 -15.77
CA ILE F 124 28.51 8.77 -16.83
C ILE F 124 27.12 8.85 -17.47
N TRP F 125 27.09 8.99 -18.80
CA TRP F 125 25.82 9.25 -19.52
C TRP F 125 25.81 8.56 -20.86
N ILE F 126 24.63 8.50 -21.47
CA ILE F 126 24.43 7.80 -22.75
C ILE F 126 24.40 8.82 -23.86
N GLY F 127 25.22 8.58 -24.91
CA GLY F 127 25.55 9.55 -25.97
C GLY F 127 24.47 9.81 -27.02
N SER F 128 24.95 10.14 -28.22
CA SER F 128 24.14 10.74 -29.28
C SER F 128 23.89 9.90 -30.55
N GLU F 129 24.21 8.61 -30.57
CA GLU F 129 24.10 7.83 -31.82
C GLU F 129 22.64 7.55 -32.25
N LYS F 130 21.81 7.12 -31.30
CA LYS F 130 20.38 6.82 -31.53
C LYS F 130 19.59 7.45 -30.42
N LEU F 131 18.41 7.97 -30.74
CA LEU F 131 17.62 8.66 -29.73
C LEU F 131 16.23 8.05 -29.52
N GLY F 132 16.05 6.79 -29.88
CA GLY F 132 14.88 6.06 -29.44
C GLY F 132 15.03 5.75 -27.96
N VAL F 133 13.92 5.57 -27.27
CA VAL F 133 13.96 5.25 -25.85
C VAL F 133 14.91 4.06 -25.63
N SER F 134 14.68 3.00 -26.37
CA SER F 134 15.39 1.79 -26.16
C SER F 134 16.61 1.71 -27.04
N ALA F 135 17.29 2.83 -27.27
CA ALA F 135 18.50 2.77 -28.03
C ALA F 135 19.44 1.89 -27.24
N LYS F 136 19.97 0.89 -27.94
CA LYS F 136 20.89 -0.08 -27.39
C LYS F 136 22.03 -0.12 -28.37
N GLY F 137 22.74 1.00 -28.50
CA GLY F 137 23.95 1.07 -29.31
C GLY F 137 24.72 2.37 -29.14
N ASN F 138 24.44 3.13 -28.07
CA ASN F 138 25.08 4.43 -27.88
C ASN F 138 26.49 4.32 -27.29
N THR F 139 27.25 5.41 -27.27
CA THR F 139 28.50 5.45 -26.53
C THR F 139 28.22 5.70 -25.07
N ILE F 140 28.94 5.01 -24.19
CA ILE F 140 28.93 5.36 -22.79
C ILE F 140 30.07 6.35 -22.54
N HIS F 141 29.71 7.60 -22.30
CA HIS F 141 30.67 8.69 -22.13
C HIS F 141 30.93 8.90 -20.66
N VAL F 142 32.17 9.29 -20.29
CA VAL F 142 32.52 9.64 -18.90
C VAL F 142 33.20 11.03 -18.76
N ALA F 143 32.76 11.85 -17.78
CA ALA F 143 33.42 13.14 -17.49
C ALA F 143 33.61 13.44 -16.00
N ILE F 144 34.73 14.11 -15.67
CA ILE F 144 35.00 14.58 -14.28
C ILE F 144 35.36 16.09 -14.27
N ALA F 145 34.60 16.85 -13.49
CA ALA F 145 34.83 18.29 -13.26
C ALA F 145 35.06 18.47 -11.76
N ALA F 146 35.86 19.47 -11.38
CA ALA F 146 35.95 19.87 -9.96
C ALA F 146 35.93 21.39 -9.80
N TRP F 147 35.52 21.85 -8.61
CA TRP F 147 35.46 23.27 -8.32
C TRP F 147 35.52 23.56 -6.83
N PRO F 148 35.89 24.81 -6.43
CA PRO F 148 36.14 25.11 -5.02
C PRO F 148 34.89 25.26 -4.13
N TRP F 149 35.11 25.10 -2.82
CA TRP F 149 34.07 25.04 -1.79
C TRP F 149 34.36 26.02 -0.66
N GLY F 150 33.46 26.99 -0.43
CA GLY F 150 33.55 28.01 0.66
C GLY F 150 32.65 27.72 1.86
N ALA F 151 33.22 27.16 2.95
CA ALA F 151 32.40 26.67 4.08
C ALA F 151 31.71 27.78 4.91
N TYR F 152 32.32 28.96 5.00
CA TYR F 152 31.64 30.08 5.68
C TYR F 152 30.18 30.38 5.21
N LEU F 153 29.87 30.33 3.92
CA LEU F 153 28.51 30.65 3.45
C LEU F 153 27.44 29.68 4.01
N GLY F 154 27.80 28.41 4.25
CA GLY F 154 26.90 27.42 4.89
C GLY F 154 27.24 27.23 6.37
N GLU F 155 28.17 28.05 6.86
CA GLU F 155 28.75 27.88 8.18
C GLU F 155 27.77 28.07 9.30
N GLU F 156 26.84 29.01 9.21
CA GLU F 156 25.94 29.15 10.34
C GLU F 156 24.93 27.99 10.50
N GLY F 157 24.46 27.39 9.40
CA GLY F 157 23.60 26.18 9.47
C GLY F 157 24.29 25.04 10.20
N LEU F 158 25.55 24.82 9.87
CA LEU F 158 26.43 23.83 10.55
C LEU F 158 26.53 24.06 12.06
N ALA F 159 26.49 25.32 12.50
CA ALA F 159 26.75 25.65 13.92
C ALA F 159 25.44 25.74 14.71
N LYS F 160 24.40 26.30 14.08
CA LYS F 160 23.15 26.64 14.76
C LYS F 160 21.97 25.74 14.32
N GLY F 161 22.12 25.01 13.23
CA GLY F 161 21.05 24.15 12.78
C GLY F 161 20.07 24.89 11.89
N ILE F 162 19.36 24.10 11.08
CA ILE F 162 18.45 24.60 10.05
C ILE F 162 16.99 24.25 10.31
N ARG F 163 16.12 24.92 9.55
CA ARG F 163 14.69 24.75 9.63
C ARG F 163 14.20 23.95 8.42
N VAL F 164 13.50 22.85 8.69
CA VAL F 164 13.16 21.84 7.68
C VAL F 164 11.65 21.70 7.63
N LYS F 165 11.17 21.37 6.45
CA LYS F 165 9.73 21.22 6.22
C LYS F 165 9.49 19.84 5.57
N THR F 166 8.58 19.07 6.15
CA THR F 166 8.12 17.82 5.55
C THR F 166 7.43 18.09 4.20
N SER F 167 7.94 17.45 3.15
CA SER F 167 7.41 17.57 1.79
C SER F 167 6.03 16.89 1.64
N SER F 168 5.20 17.47 0.81
CA SER F 168 3.99 16.80 0.31
C SER F 168 4.31 15.85 -0.86
N PHE F 169 5.55 15.85 -1.38
CA PHE F 169 5.97 14.84 -2.34
C PHE F 169 6.55 13.59 -1.61
N THR F 170 6.23 12.41 -2.14
CA THR F 170 6.67 11.14 -1.59
C THR F 170 7.99 10.69 -2.19
N ARG F 171 8.82 10.06 -1.36
CA ARG F 171 10.10 9.56 -1.77
C ARG F 171 9.95 8.29 -2.66
N HIS F 172 10.95 8.04 -3.51
CA HIS F 172 11.00 6.91 -4.48
C HIS F 172 10.55 5.55 -3.96
N HIS F 173 9.84 4.82 -4.81
CA HIS F 173 9.43 3.45 -4.58
C HIS F 173 10.51 2.56 -5.10
N VAL F 174 10.91 1.60 -4.27
CA VAL F 174 12.13 0.83 -4.52
C VAL F 174 12.04 -0.17 -5.69
N ASN F 175 10.84 -0.41 -6.24
CA ASN F 175 10.74 -1.24 -7.46
C ASN F 175 10.25 -0.43 -8.69
N VAL F 176 10.20 0.88 -8.54
CA VAL F 176 10.05 1.78 -9.67
C VAL F 176 11.36 2.39 -10.08
N SER F 177 12.09 2.89 -9.09
CA SER F 177 13.38 3.46 -9.24
C SER F 177 14.36 2.53 -8.51
N MET F 178 15.55 2.40 -9.07
CA MET F 178 16.63 1.67 -8.44
C MET F 178 17.41 2.63 -7.53
N VAL F 179 17.00 2.66 -6.26
CA VAL F 179 17.42 3.71 -5.36
C VAL F 179 18.89 3.54 -4.95
N ARG F 180 19.49 2.37 -5.17
CA ARG F 180 20.98 2.23 -4.99
C ARG F 180 21.84 2.79 -6.13
N ALA F 181 21.23 3.03 -7.27
CA ALA F 181 21.88 3.77 -8.34
C ALA F 181 21.66 5.28 -8.22
N LYS F 182 22.76 6.02 -8.13
CA LYS F 182 22.68 7.48 -7.90
C LYS F 182 22.60 8.06 -9.30
N ALA F 183 21.36 8.16 -9.79
CA ALA F 183 21.08 8.36 -11.18
C ALA F 183 20.41 9.77 -11.44
N SER F 184 20.69 10.31 -12.62
CA SER F 184 20.30 11.64 -13.04
C SER F 184 18.77 11.78 -12.87
N GLY F 185 18.01 10.84 -13.44
CA GLY F 185 16.56 10.80 -13.33
C GLY F 185 15.86 10.77 -11.98
N TRP F 186 16.54 10.29 -10.92
CA TRP F 186 15.94 10.31 -9.54
C TRP F 186 15.82 11.70 -8.97
N TYR F 187 16.56 12.67 -9.52
CA TYR F 187 16.59 13.97 -8.88
C TYR F 187 15.39 14.89 -9.19
N VAL F 188 14.50 14.47 -10.07
CA VAL F 188 13.31 15.29 -10.32
C VAL F 188 12.51 15.41 -9.04
N ASN F 189 12.34 14.27 -8.36
CA ASN F 189 11.66 14.20 -7.06
C ASN F 189 12.35 15.07 -6.00
N SER F 190 13.68 15.06 -5.96
CA SER F 190 14.40 15.90 -5.04
C SER F 190 14.21 17.39 -5.33
N ILE F 191 14.27 17.78 -6.62
CA ILE F 191 14.12 19.20 -7.07
C ILE F 191 12.78 19.65 -6.61
N LEU F 192 11.75 18.82 -6.87
CA LEU F 192 10.35 19.19 -6.52
C LEU F 192 10.15 19.46 -5.01
N ALA F 193 10.60 18.54 -4.17
CA ALA F 193 10.52 18.67 -2.73
C ALA F 193 11.33 19.90 -2.21
N ASN F 194 12.55 20.09 -2.70
CA ASN F 194 13.36 21.23 -2.30
C ASN F 194 12.74 22.53 -2.64
N GLN F 195 12.17 22.63 -3.85
CA GLN F 195 11.53 23.86 -4.28
C GLN F 195 10.32 24.17 -3.39
N GLU F 196 9.58 23.14 -3.04
CA GLU F 196 8.42 23.34 -2.17
C GLU F 196 8.82 23.91 -0.78
N ALA F 197 9.85 23.34 -0.20
CA ALA F 197 10.39 23.83 1.08
C ALA F 197 10.93 25.29 0.97
N THR F 198 11.82 25.54 0.01
CA THR F 198 12.46 26.86 -0.10
C THR F 198 11.44 27.92 -0.56
N ALA F 199 10.41 27.56 -1.31
CA ALA F 199 9.41 28.56 -1.72
C ALA F 199 8.72 29.14 -0.50
N ASP F 200 8.53 28.35 0.55
CA ASP F 200 7.85 28.80 1.76
C ASP F 200 8.86 29.24 2.88
N GLY F 201 10.13 29.43 2.55
CA GLY F 201 11.10 30.04 3.49
C GLY F 201 11.88 29.04 4.37
N TYR F 202 11.67 27.73 4.17
CA TYR F 202 12.42 26.71 4.92
C TYR F 202 13.78 26.50 4.28
N ASP F 203 14.72 25.92 5.01
CA ASP F 203 16.05 25.66 4.43
C ASP F 203 16.14 24.37 3.59
N GLU F 204 15.40 23.34 3.99
CA GLU F 204 15.40 22.02 3.30
C GLU F 204 14.10 21.31 3.49
N ALA F 205 13.89 20.28 2.65
CA ALA F 205 12.72 19.41 2.68
C ALA F 205 13.08 18.09 3.40
N LEU F 206 12.09 17.47 4.03
CA LEU F 206 12.22 16.10 4.55
C LEU F 206 11.19 15.24 3.80
N LEU F 207 11.58 14.13 3.18
CA LEU F 207 10.61 13.32 2.46
C LEU F 207 10.23 12.09 3.27
N LEU F 208 8.93 11.77 3.27
CA LEU F 208 8.38 10.51 3.75
C LEU F 208 8.26 9.48 2.61
N ASP F 209 8.35 8.18 2.96
CA ASP F 209 8.32 7.14 2.00
C ASP F 209 6.87 6.82 1.70
N VAL F 210 6.65 5.84 0.81
CA VAL F 210 5.25 5.47 0.40
C VAL F 210 4.35 4.97 1.51
N ASP F 211 4.96 4.60 2.63
CA ASP F 211 4.24 4.21 3.79
C ASP F 211 4.06 5.26 4.85
N GLY F 212 4.53 6.46 4.62
CA GLY F 212 4.32 7.50 5.66
C GLY F 212 5.43 7.68 6.68
N TYR F 213 6.49 6.88 6.54
CA TYR F 213 7.66 6.98 7.42
C TYR F 213 8.71 7.91 6.88
N VAL F 214 9.55 8.46 7.75
CA VAL F 214 10.61 9.41 7.38
C VAL F 214 11.67 8.65 6.55
N SER F 215 12.05 9.18 5.39
CA SER F 215 13.04 8.55 4.54
C SER F 215 14.36 9.31 4.55
N GLU F 216 14.34 10.55 4.07
CA GLU F 216 15.55 11.34 3.92
C GLU F 216 15.21 12.73 3.45
N GLY F 217 16.22 13.57 3.39
CA GLY F 217 16.09 14.90 2.75
C GLY F 217 16.24 14.77 1.24
N SER F 218 16.11 15.87 0.49
CA SER F 218 16.20 15.79 -0.96
C SER F 218 17.61 15.49 -1.45
N GLY F 219 18.60 15.75 -0.61
CA GLY F 219 19.95 15.32 -0.93
C GLY F 219 20.78 14.80 0.25
N GLU F 220 20.13 14.37 1.32
CA GLU F 220 20.74 14.08 2.61
C GLU F 220 20.03 12.95 3.34
N ASN F 221 20.80 12.17 4.09
CA ASN F 221 20.26 11.14 4.97
C ASN F 221 19.91 11.79 6.29
N PHE F 222 18.98 11.19 6.99
CA PHE F 222 18.36 11.75 8.18
C PHE F 222 18.74 10.90 9.42
N PHE F 223 19.05 11.60 10.51
CA PHE F 223 19.32 11.00 11.81
C PHE F 223 18.55 11.71 12.93
N LEU F 224 18.22 10.94 13.95
CA LEU F 224 17.55 11.45 15.14
C LEU F 224 18.33 10.93 16.36
N VAL F 225 18.40 11.71 17.44
CA VAL F 225 18.92 11.26 18.73
C VAL F 225 17.83 11.33 19.79
N ASN F 226 17.70 10.29 20.61
CA ASN F 226 16.77 10.32 21.74
C ASN F 226 17.30 9.41 22.88
N ARG F 227 17.23 9.93 24.11
CA ARG F 227 17.79 9.22 25.30
C ARG F 227 19.17 8.64 25.03
N GLY F 228 20.04 9.41 24.37
CA GLY F 228 21.46 9.04 24.24
C GLY F 228 21.76 8.05 23.14
N LYS F 229 20.74 7.65 22.40
CA LYS F 229 20.86 6.68 21.33
C LYS F 229 20.67 7.33 19.94
N LEU F 230 21.31 6.77 18.93
CA LEU F 230 21.28 7.35 17.57
C LEU F 230 20.32 6.50 16.73
N TYR F 231 19.37 7.15 16.08
CA TYR F 231 18.36 6.47 15.26
C TYR F 231 18.38 7.01 13.84
N THR F 232 18.25 6.10 12.89
CA THR F 232 18.17 6.47 11.50
C THR F 232 17.23 5.54 10.74
N PRO F 233 16.56 6.03 9.68
CA PRO F 233 15.75 5.17 8.82
C PRO F 233 16.54 3.99 8.30
N ASP F 234 15.92 2.83 8.27
CA ASP F 234 16.64 1.65 7.78
C ASP F 234 16.96 1.94 6.34
N LEU F 235 18.04 1.35 5.84
CA LEU F 235 18.39 1.41 4.43
C LEU F 235 17.28 0.68 3.67
N ALA F 236 16.27 1.45 3.26
CA ALA F 236 15.11 0.91 2.52
C ALA F 236 14.92 1.73 1.26
N SER F 237 14.10 2.79 1.31
CA SER F 237 13.95 3.75 0.18
C SER F 237 14.99 4.89 0.17
N CYS F 238 15.70 5.07 1.30
CA CYS F 238 16.67 6.14 1.39
C CYS F 238 17.97 5.72 0.69
N LEU F 239 18.84 6.69 0.37
CA LEU F 239 20.07 6.37 -0.33
C LEU F 239 21.07 5.76 0.68
N ASP F 240 21.92 4.87 0.18
CA ASP F 240 23.01 4.29 0.98
C ASP F 240 24.19 5.31 1.08
N GLY F 241 23.98 6.38 1.86
CA GLY F 241 24.96 7.50 1.93
C GLY F 241 26.32 7.10 2.49
N ILE F 242 27.38 7.60 1.84
CA ILE F 242 28.76 7.39 2.29
C ILE F 242 28.98 8.20 3.57
N THR F 243 28.31 9.36 3.67
CA THR F 243 28.40 10.20 4.87
C THR F 243 27.56 9.59 5.99
N ARG F 244 26.38 9.06 5.65
CA ARG F 244 25.64 8.22 6.56
C ARG F 244 26.49 7.06 7.16
N ASP F 245 27.25 6.35 6.31
CA ASP F 245 28.04 5.19 6.72
C ASP F 245 29.19 5.67 7.59
N THR F 246 29.77 6.81 7.20
CA THR F 246 30.88 7.42 7.95
C THR F 246 30.36 7.71 9.38
N VAL F 247 29.22 8.39 9.52
CA VAL F 247 28.72 8.79 10.84
C VAL F 247 28.28 7.62 11.75
N ILE F 248 27.64 6.61 11.15
CA ILE F 248 27.31 5.38 11.88
C ILE F 248 28.57 4.72 12.47
N THR F 249 29.61 4.64 11.66
CA THR F 249 30.82 4.03 12.10
C THR F 249 31.41 4.84 13.28
N LEU F 250 31.56 6.15 13.12
CA LEU F 250 32.14 7.01 14.15
C LEU F 250 31.34 6.95 15.43
N ALA F 251 30.02 6.92 15.28
CA ALA F 251 29.09 6.74 16.40
C ALA F 251 29.31 5.46 17.16
N LYS F 252 29.42 4.32 16.44
CA LYS F 252 29.67 3.04 17.09
C LYS F 252 31.01 3.16 17.82
N GLU F 253 32.03 3.69 17.16
CA GLU F 253 33.35 3.83 17.81
C GLU F 253 33.30 4.72 19.08
N ALA F 254 32.40 5.70 19.14
CA ALA F 254 32.23 6.50 20.37
C ALA F 254 31.33 5.86 21.44
N GLY F 255 30.89 4.61 21.22
CA GLY F 255 30.08 3.89 22.19
C GLY F 255 28.60 4.26 22.17
N ILE F 256 28.16 4.89 21.09
CA ILE F 256 26.77 5.31 20.96
C ILE F 256 26.03 4.16 20.33
N GLU F 257 24.93 3.74 20.94
CA GLU F 257 24.06 2.76 20.29
C GLU F 257 23.44 3.36 19.04
N VAL F 258 23.54 2.62 17.93
CA VAL F 258 22.91 2.98 16.67
C VAL F 258 21.72 2.05 16.35
N ILE F 259 20.60 2.62 15.95
CA ILE F 259 19.43 1.81 15.63
C ILE F 259 18.86 2.23 14.27
N GLU F 260 18.68 1.26 13.39
CA GLU F 260 18.09 1.50 12.06
C GLU F 260 16.68 0.95 12.15
N LYS F 261 15.67 1.82 12.03
CA LYS F 261 14.25 1.45 12.22
C LYS F 261 13.38 2.38 11.37
N ARG F 262 12.10 2.08 11.30
CA ARG F 262 11.13 2.98 10.73
C ARG F 262 10.78 4.05 11.76
N ILE F 263 10.78 5.29 11.31
CA ILE F 263 10.67 6.49 12.16
C ILE F 263 9.46 7.32 11.74
N THR F 264 8.55 7.58 12.66
CA THR F 264 7.44 8.46 12.29
C THR F 264 7.83 9.91 12.43
N ARG F 265 7.06 10.76 11.79
CA ARG F 265 7.37 12.18 11.75
C ARG F 265 7.24 12.75 13.16
N ASP F 266 6.31 12.24 13.97
CA ASP F 266 6.17 12.71 15.32
C ASP F 266 7.30 12.22 16.28
N GLU F 267 8.04 11.18 15.90
CA GLU F 267 9.26 10.84 16.62
C GLU F 267 10.32 11.93 16.46
N VAL F 268 10.35 12.59 15.30
CA VAL F 268 11.27 13.70 15.10
C VAL F 268 10.82 14.89 15.91
N TYR F 269 9.52 15.18 15.96
CA TYR F 269 9.05 16.34 16.74
C TYR F 269 9.40 16.26 18.22
N THR F 270 9.52 15.03 18.76
CA THR F 270 9.83 14.83 20.18
C THR F 270 11.29 14.38 20.42
N ALA F 271 12.10 14.33 19.39
CA ALA F 271 13.48 13.89 19.54
C ALA F 271 14.31 14.89 20.37
N ASP F 272 15.34 14.41 21.06
CA ASP F 272 16.27 15.34 21.77
C ASP F 272 17.11 16.16 20.79
N GLU F 273 17.53 15.53 19.68
CA GLU F 273 18.28 16.18 18.59
C GLU F 273 17.96 15.50 17.24
N ALA F 274 18.30 16.19 16.15
CA ALA F 274 18.19 15.64 14.77
C ALA F 274 19.20 16.31 13.82
N PHE F 275 19.60 15.56 12.80
CA PHE F 275 20.53 16.09 11.81
C PHE F 275 20.48 15.35 10.46
N PHE F 276 20.99 16.05 9.46
CA PHE F 276 21.16 15.56 8.13
C PHE F 276 22.61 15.23 7.92
N THR F 277 22.90 14.26 7.04
CA THR F 277 24.26 13.96 6.57
C THR F 277 24.25 13.93 5.08
N GLY F 278 25.38 14.25 4.47
CA GLY F 278 25.55 14.16 3.02
C GLY F 278 26.88 14.71 2.62
N THR F 279 27.31 14.50 1.39
CA THR F 279 28.67 14.96 1.04
C THR F 279 28.79 16.52 1.14
N ALA F 280 27.90 17.19 0.45
CA ALA F 280 27.69 18.64 0.50
C ALA F 280 27.31 19.12 1.91
N ALA F 281 26.30 18.46 2.51
CA ALA F 281 25.71 18.88 3.81
C ALA F 281 26.60 18.55 5.02
N GLU F 282 27.61 17.72 4.80
CA GLU F 282 28.49 17.25 5.87
C GLU F 282 27.64 16.67 7.01
N VAL F 283 27.74 17.23 8.22
CA VAL F 283 26.79 16.96 9.28
C VAL F 283 26.12 18.28 9.67
N THR F 284 24.82 18.40 9.33
CA THR F 284 24.05 19.64 9.50
C THR F 284 22.92 19.43 10.49
N PRO F 285 22.96 20.11 11.66
CA PRO F 285 21.89 19.91 12.65
C PRO F 285 20.54 20.40 12.17
N ILE F 286 19.46 19.85 12.71
CA ILE F 286 18.10 20.28 12.35
C ILE F 286 17.45 20.85 13.62
N ARG F 287 17.16 22.15 13.64
CA ARG F 287 16.69 22.78 14.88
C ARG F 287 15.19 22.90 14.96
N GLU F 288 14.53 22.64 13.83
CA GLU F 288 13.08 22.72 13.76
C GLU F 288 12.62 21.88 12.59
N LEU F 289 11.50 21.17 12.77
CA LEU F 289 10.82 20.50 11.66
C LEU F 289 9.37 20.87 11.71
N ASP F 290 8.84 21.34 10.59
CA ASP F 290 7.41 21.70 10.56
C ASP F 290 7.02 22.67 11.65
N ASN F 291 7.90 23.63 11.90
CA ASN F 291 7.67 24.65 12.94
C ASN F 291 7.57 24.09 14.37
N ARG F 292 8.09 22.89 14.60
CA ARG F 292 8.23 22.31 15.95
C ARG F 292 9.72 22.27 16.28
N THR F 293 10.09 22.93 17.36
CA THR F 293 11.49 23.04 17.76
C THR F 293 12.01 21.68 18.19
N ILE F 294 13.20 21.31 17.70
CA ILE F 294 13.82 20.05 18.10
C ILE F 294 14.66 20.29 19.34
N GLY F 295 14.27 19.63 20.43
CA GLY F 295 14.94 19.78 21.71
C GLY F 295 15.01 21.22 22.18
N GLY F 296 16.20 21.68 22.57
CA GLY F 296 16.40 23.07 22.98
C GLY F 296 16.44 24.08 21.84
N GLY F 297 16.45 23.59 20.59
CA GLY F 297 16.40 24.49 19.43
C GLY F 297 17.76 24.91 18.93
N ALA F 298 18.79 24.21 19.35
CA ALA F 298 20.18 24.53 18.98
C ALA F 298 20.86 23.22 18.60
N ARG F 299 22.13 23.25 18.25
CA ARG F 299 22.86 22.03 17.94
C ARG F 299 23.03 21.20 19.22
N GLY F 300 22.54 19.96 19.27
CA GLY F 300 22.65 19.15 20.48
C GLY F 300 24.04 18.57 20.67
N PRO F 301 24.36 18.05 21.87
CA PRO F 301 25.67 17.53 22.20
C PRO F 301 26.14 16.32 21.38
N ILE F 302 25.26 15.35 21.15
CA ILE F 302 25.64 14.18 20.35
C ILE F 302 25.92 14.60 18.91
N THR F 303 25.05 15.45 18.36
CA THR F 303 25.29 15.97 17.01
C THR F 303 26.67 16.65 16.99
N GLU F 304 26.95 17.49 17.97
CA GLU F 304 28.22 18.25 18.02
C GLU F 304 29.44 17.30 18.04
N LYS F 305 29.33 16.25 18.87
CA LYS F 305 30.39 15.24 18.97
C LYS F 305 30.61 14.54 17.63
N LEU F 306 29.54 14.14 16.99
CA LEU F 306 29.66 13.37 15.77
C LEU F 306 30.14 14.28 14.61
N GLN F 307 29.71 15.54 14.62
CA GLN F 307 30.18 16.55 13.67
C GLN F 307 31.70 16.75 13.83
N SER F 308 32.15 16.78 15.08
CA SER F 308 33.60 17.04 15.32
C SER F 308 34.45 15.83 14.90
N ALA F 309 33.96 14.62 15.16
CA ALA F 309 34.58 13.39 14.71
C ALA F 309 34.64 13.40 13.20
N PHE F 310 33.53 13.79 12.56
CA PHE F 310 33.54 13.86 11.09
C PHE F 310 34.62 14.87 10.56
N PHE F 311 34.70 16.05 11.17
CA PHE F 311 35.64 17.04 10.69
C PHE F 311 37.05 16.53 10.99
N ASP F 312 37.25 15.90 12.13
CA ASP F 312 38.55 15.28 12.41
C ASP F 312 38.95 14.29 11.30
N VAL F 313 38.06 13.41 10.91
CA VAL F 313 38.40 12.43 9.87
C VAL F 313 38.72 13.08 8.51
N VAL F 314 37.91 14.05 8.06
CA VAL F 314 38.12 14.66 6.74
C VAL F 314 39.35 15.56 6.69
N ASN F 315 39.70 16.18 7.81
CA ASN F 315 40.87 17.07 7.92
C ASN F 315 42.18 16.34 8.27
N GLY F 316 42.11 15.01 8.28
CA GLY F 316 43.31 14.19 8.49
C GLY F 316 43.78 14.17 9.91
N LYS F 317 42.87 14.29 10.87
CA LYS F 317 43.25 14.19 12.27
C LYS F 317 42.86 12.83 12.90
N SER F 318 42.85 11.75 12.12
CA SER F 318 42.53 10.43 12.68
C SER F 318 43.41 9.33 12.09
N ALA F 319 44.12 8.61 12.96
CA ALA F 319 44.87 7.45 12.49
C ALA F 319 43.93 6.29 12.19
N LYS F 320 42.82 6.23 12.92
CA LYS F 320 41.83 5.16 12.76
C LYS F 320 41.33 5.07 11.30
N HIS F 321 41.05 6.20 10.66
CA HIS F 321 40.49 6.20 9.32
C HIS F 321 41.33 6.86 8.25
N ALA F 322 42.64 6.72 8.36
CA ALA F 322 43.56 7.34 7.38
C ALA F 322 43.43 6.84 5.94
N ASP F 323 43.05 5.59 5.75
CA ASP F 323 42.82 5.08 4.37
C ASP F 323 41.59 5.67 3.66
N TRP F 324 40.74 6.43 4.36
CA TRP F 324 39.58 7.15 3.71
C TRP F 324 40.02 8.42 2.97
N LEU F 325 41.24 8.85 3.24
CA LEU F 325 41.83 10.03 2.56
C LEU F 325 42.85 9.55 1.52
N THR F 326 42.76 10.03 0.28
CA THR F 326 43.82 9.90 -0.74
C THR F 326 44.32 11.30 -0.92
N LYS F 327 45.63 11.48 -0.88
CA LYS F 327 46.21 12.80 -0.82
C LYS F 327 46.31 13.43 -2.21
#